data_5N41
# 
_entry.id   5N41 
# 
_audit_conform.dict_name       mmcif_pdbx.dic 
_audit_conform.dict_version    5.397 
_audit_conform.dict_location   http://mmcif.pdb.org/dictionaries/ascii/mmcif_pdbx.dic 
# 
loop_
_database_2.database_id 
_database_2.database_code 
_database_2.pdbx_database_accession 
_database_2.pdbx_DOI 
PDB   5N41         pdb_00005n41 10.2210/pdb5n41/pdb 
WWPDB D_1200002009 ?            ?                   
# 
loop_
_pdbx_audit_revision_history.ordinal 
_pdbx_audit_revision_history.data_content_type 
_pdbx_audit_revision_history.major_revision 
_pdbx_audit_revision_history.minor_revision 
_pdbx_audit_revision_history.revision_date 
1 'Structure model' 1 0 2017-05-17 
2 'Structure model' 1 1 2017-12-06 
3 'Structure model' 1 2 2024-01-17 
4 'Structure model' 1 3 2024-10-16 
# 
_pdbx_audit_revision_details.ordinal             1 
_pdbx_audit_revision_details.revision_ordinal    1 
_pdbx_audit_revision_details.data_content_type   'Structure model' 
_pdbx_audit_revision_details.provider            repository 
_pdbx_audit_revision_details.type                'Initial release' 
_pdbx_audit_revision_details.description         ? 
_pdbx_audit_revision_details.details             ? 
# 
loop_
_pdbx_audit_revision_group.ordinal 
_pdbx_audit_revision_group.revision_ordinal 
_pdbx_audit_revision_group.data_content_type 
_pdbx_audit_revision_group.group 
1 2 'Structure model' 'Structure summary'      
2 3 'Structure model' 'Data collection'        
3 3 'Structure model' 'Database references'    
4 3 'Structure model' 'Refinement description' 
5 4 'Structure model' 'Structure summary'      
# 
loop_
_pdbx_audit_revision_category.ordinal 
_pdbx_audit_revision_category.revision_ordinal 
_pdbx_audit_revision_category.data_content_type 
_pdbx_audit_revision_category.category 
1 2 'Structure model' audit_author                  
2 3 'Structure model' chem_comp_atom                
3 3 'Structure model' chem_comp_bond                
4 3 'Structure model' database_2                    
5 3 'Structure model' pdbx_initial_refinement_model 
6 4 'Structure model' pdbx_entry_details            
7 4 'Structure model' pdbx_modification_feature     
# 
loop_
_pdbx_audit_revision_item.ordinal 
_pdbx_audit_revision_item.revision_ordinal 
_pdbx_audit_revision_item.data_content_type 
_pdbx_audit_revision_item.item 
1 3 'Structure model' '_database_2.pdbx_DOI'                
2 3 'Structure model' '_database_2.pdbx_database_accession' 
# 
_pdbx_database_status.status_code                     REL 
_pdbx_database_status.status_code_sf                  REL 
_pdbx_database_status.status_code_mr                  ? 
_pdbx_database_status.entry_id                        5N41 
_pdbx_database_status.recvd_initial_deposition_date   2017-02-09 
_pdbx_database_status.SG_entry                        N 
_pdbx_database_status.deposit_site                    PDBE 
_pdbx_database_status.process_site                    PDBE 
_pdbx_database_status.status_code_cs                  ? 
_pdbx_database_status.methods_development_category    ? 
_pdbx_database_status.pdb_format_compatible           Y 
_pdbx_database_status.status_code_nmr_data            ? 
# 
loop_
_audit_author.identifier_ORCID 
_audit_author.name 
_audit_author.pdbx_ordinal 
? 'Yan, J.'          1  
? 'Beattie, T.R.'    2  
? 'Rojas, A.L.'      3  
? 'Schermerhorn, K.' 4  
? 'Gristwood, T.'    5  
? 'Trinidad, J.C.'   6  
? 'Albers, S.V.'     7  
? 'Roversi, P.'      8  
? 'Gardner, A.F.'    9  
? 'Abrescia, N.G.A.' 10 
? 'Bell, S.D.'       11 
# 
_citation.abstract                  ? 
_citation.abstract_id_CAS           ? 
_citation.book_id_ISBN              ? 
_citation.book_publisher            ? 
_citation.book_publisher_city       ? 
_citation.book_title                ? 
_citation.coordinate_linkage        ? 
_citation.country                   UK 
_citation.database_id_Medline       ? 
_citation.details                   ? 
_citation.id                        primary 
_citation.journal_abbrev            'Nat Commun' 
_citation.journal_id_ASTM           ? 
_citation.journal_id_CSD            ? 
_citation.journal_id_ISSN           2041-1723 
_citation.journal_full              ? 
_citation.journal_issue             ? 
_citation.journal_volume            8 
_citation.language                  ? 
_citation.page_first                15075 
_citation.page_last                 15075 
_citation.title                     'Identification and characterization of a heterotrimeric archaeal DNA polymerase holoenzyme.' 
_citation.year                      2017 
_citation.database_id_CSD           ? 
_citation.pdbx_database_id_DOI      10.1038/ncomms15075 
_citation.pdbx_database_id_PubMed   28462924 
_citation.unpublished_flag          ? 
# 
loop_
_citation_author.citation_id 
_citation_author.name 
_citation_author.ordinal 
_citation_author.identifier_ORCID 
primary 'Yan, J.'          1  ? 
primary 'Beattie, T.R.'    2  ? 
primary 'Rojas, A.L.'      3  ? 
primary 'Schermerhorn, K.' 4  ? 
primary 'Gristwood, T.'    5  ? 
primary 'Trinidad, J.C.'   6  ? 
primary 'Albers, S.V.'     7  ? 
primary 'Roversi, P.'      8  ? 
primary 'Gardner, A.F.'    9  ? 
primary 'Abrescia, N.G.A.' 10 ? 
primary 'Bell, S.D.'       11 ? 
# 
loop_
_entity.id 
_entity.type 
_entity.src_method 
_entity.pdbx_description 
_entity.formula_weight 
_entity.pdbx_number_of_molecules 
_entity.pdbx_ec 
_entity.pdbx_mutation 
_entity.pdbx_fragment 
_entity.details 
1 polymer     man 'PolB1 Binding Protein 2' 8688.045 1  ? ? ? ? 
2 non-polymer syn 1,2-ETHANEDIOL            62.068   1  ? ? ? ? 
3 water       nat water                     18.015   75 ? ? ? ? 
# 
_entity_poly.entity_id                      1 
_entity_poly.type                           'polypeptide(L)' 
_entity_poly.nstd_linkage                   no 
_entity_poly.nstd_monomer                   no 
_entity_poly.pdbx_seq_one_letter_code       MSVNQKEIEIAIEYFKNYISVGEIVATMDLKARGISNPQAVISKLIEMGIIEKGEGCYNLVRKSTDKKLEHHHHHH 
_entity_poly.pdbx_seq_one_letter_code_can   MSVNQKEIEIAIEYFKNYISVGEIVATMDLKARGISNPQAVISKLIEMGIIEKGEGCYNLVRKSTDKKLEHHHHHH 
_entity_poly.pdbx_strand_id                 A 
_entity_poly.pdbx_target_identifier         ? 
# 
loop_
_pdbx_entity_nonpoly.entity_id 
_pdbx_entity_nonpoly.name 
_pdbx_entity_nonpoly.comp_id 
2 1,2-ETHANEDIOL EDO 
3 water          HOH 
# 
loop_
_entity_poly_seq.entity_id 
_entity_poly_seq.num 
_entity_poly_seq.mon_id 
_entity_poly_seq.hetero 
1 1  MET n 
1 2  SER n 
1 3  VAL n 
1 4  ASN n 
1 5  GLN n 
1 6  LYS n 
1 7  GLU n 
1 8  ILE n 
1 9  GLU n 
1 10 ILE n 
1 11 ALA n 
1 12 ILE n 
1 13 GLU n 
1 14 TYR n 
1 15 PHE n 
1 16 LYS n 
1 17 ASN n 
1 18 TYR n 
1 19 ILE n 
1 20 SER n 
1 21 VAL n 
1 22 GLY n 
1 23 GLU n 
1 24 ILE n 
1 25 VAL n 
1 26 ALA n 
1 27 THR n 
1 28 MET n 
1 29 ASP n 
1 30 LEU n 
1 31 LYS n 
1 32 ALA n 
1 33 ARG n 
1 34 GLY n 
1 35 ILE n 
1 36 SER n 
1 37 ASN n 
1 38 PRO n 
1 39 GLN n 
1 40 ALA n 
1 41 VAL n 
1 42 ILE n 
1 43 SER n 
1 44 LYS n 
1 45 LEU n 
1 46 ILE n 
1 47 GLU n 
1 48 MET n 
1 49 GLY n 
1 50 ILE n 
1 51 ILE n 
1 52 GLU n 
1 53 LYS n 
1 54 GLY n 
1 55 GLU n 
1 56 GLY n 
1 57 CYS n 
1 58 TYR n 
1 59 ASN n 
1 60 LEU n 
1 61 VAL n 
1 62 ARG n 
1 63 LYS n 
1 64 SER n 
1 65 THR n 
1 66 ASP n 
1 67 LYS n 
1 68 LYS n 
1 69 LEU n 
1 70 GLU n 
1 71 HIS n 
1 72 HIS n 
1 73 HIS n 
1 74 HIS n 
1 75 HIS n 
1 76 HIS n 
# 
_entity_src_gen.entity_id                          1 
_entity_src_gen.pdbx_src_id                        1 
_entity_src_gen.pdbx_alt_source_flag               sample 
_entity_src_gen.pdbx_seq_type                      'Biological sequence' 
_entity_src_gen.pdbx_beg_seq_num                   1 
_entity_src_gen.pdbx_end_seq_num                   76 
_entity_src_gen.gene_src_common_name               ? 
_entity_src_gen.gene_src_genus                     ? 
_entity_src_gen.pdbx_gene_src_gene                 'SSOP1_0579, SULA_1676, SULB_1677, SULC_1675' 
_entity_src_gen.gene_src_species                   ? 
_entity_src_gen.gene_src_strain                    ? 
_entity_src_gen.gene_src_tissue                    ? 
_entity_src_gen.gene_src_tissue_fraction           ? 
_entity_src_gen.gene_src_details                   ? 
_entity_src_gen.pdbx_gene_src_fragment             ? 
_entity_src_gen.pdbx_gene_src_scientific_name      'Sulfolobus solfataricus' 
_entity_src_gen.pdbx_gene_src_ncbi_taxonomy_id     2287 
_entity_src_gen.pdbx_gene_src_variant              ? 
_entity_src_gen.pdbx_gene_src_cell_line            ? 
_entity_src_gen.pdbx_gene_src_atcc                 ? 
_entity_src_gen.pdbx_gene_src_organ                ? 
_entity_src_gen.pdbx_gene_src_organelle            ? 
_entity_src_gen.pdbx_gene_src_cell                 ? 
_entity_src_gen.pdbx_gene_src_cellular_location    ? 
_entity_src_gen.host_org_common_name               ? 
_entity_src_gen.pdbx_host_org_scientific_name      'Escherichia coli BL21(DE3)' 
_entity_src_gen.pdbx_host_org_ncbi_taxonomy_id     469008 
_entity_src_gen.host_org_genus                     ? 
_entity_src_gen.pdbx_host_org_gene                 ? 
_entity_src_gen.pdbx_host_org_organ                ? 
_entity_src_gen.host_org_species                   ? 
_entity_src_gen.pdbx_host_org_tissue               ? 
_entity_src_gen.pdbx_host_org_tissue_fraction      ? 
_entity_src_gen.pdbx_host_org_strain               ? 
_entity_src_gen.pdbx_host_org_variant              Rosetta 
_entity_src_gen.pdbx_host_org_cell_line            ? 
_entity_src_gen.pdbx_host_org_atcc                 ? 
_entity_src_gen.pdbx_host_org_culture_collection   ? 
_entity_src_gen.pdbx_host_org_cell                 ? 
_entity_src_gen.pdbx_host_org_organelle            ? 
_entity_src_gen.pdbx_host_org_cellular_location    ? 
_entity_src_gen.pdbx_host_org_vector_type          ? 
_entity_src_gen.pdbx_host_org_vector               ? 
_entity_src_gen.host_org_details                   ? 
_entity_src_gen.expression_system_id               ? 
_entity_src_gen.plasmid_name                       ? 
_entity_src_gen.plasmid_details                    ? 
_entity_src_gen.pdbx_description                   ? 
# 
loop_
_chem_comp.id 
_chem_comp.type 
_chem_comp.mon_nstd_flag 
_chem_comp.name 
_chem_comp.pdbx_synonyms 
_chem_comp.formula 
_chem_comp.formula_weight 
ALA 'L-peptide linking' y ALANINE         ?                 'C3 H7 N O2'     89.093  
ARG 'L-peptide linking' y ARGININE        ?                 'C6 H15 N4 O2 1' 175.209 
ASN 'L-peptide linking' y ASPARAGINE      ?                 'C4 H8 N2 O3'    132.118 
ASP 'L-peptide linking' y 'ASPARTIC ACID' ?                 'C4 H7 N O4'     133.103 
CYS 'L-peptide linking' y CYSTEINE        ?                 'C3 H7 N O2 S'   121.158 
EDO non-polymer         . 1,2-ETHANEDIOL  'ETHYLENE GLYCOL' 'C2 H6 O2'       62.068  
GLN 'L-peptide linking' y GLUTAMINE       ?                 'C5 H10 N2 O3'   146.144 
GLU 'L-peptide linking' y 'GLUTAMIC ACID' ?                 'C5 H9 N O4'     147.129 
GLY 'peptide linking'   y GLYCINE         ?                 'C2 H5 N O2'     75.067  
HIS 'L-peptide linking' y HISTIDINE       ?                 'C6 H10 N3 O2 1' 156.162 
HOH non-polymer         . WATER           ?                 'H2 O'           18.015  
ILE 'L-peptide linking' y ISOLEUCINE      ?                 'C6 H13 N O2'    131.173 
LEU 'L-peptide linking' y LEUCINE         ?                 'C6 H13 N O2'    131.173 
LYS 'L-peptide linking' y LYSINE          ?                 'C6 H15 N2 O2 1' 147.195 
MET 'L-peptide linking' y METHIONINE      ?                 'C5 H11 N O2 S'  149.211 
PHE 'L-peptide linking' y PHENYLALANINE   ?                 'C9 H11 N O2'    165.189 
PRO 'L-peptide linking' y PROLINE         ?                 'C5 H9 N O2'     115.130 
SER 'L-peptide linking' y SERINE          ?                 'C3 H7 N O3'     105.093 
THR 'L-peptide linking' y THREONINE       ?                 'C4 H9 N O3'     119.119 
TYR 'L-peptide linking' y TYROSINE        ?                 'C9 H11 N O3'    181.189 
VAL 'L-peptide linking' y VALINE          ?                 'C5 H11 N O2'    117.146 
# 
loop_
_pdbx_poly_seq_scheme.asym_id 
_pdbx_poly_seq_scheme.entity_id 
_pdbx_poly_seq_scheme.seq_id 
_pdbx_poly_seq_scheme.mon_id 
_pdbx_poly_seq_scheme.ndb_seq_num 
_pdbx_poly_seq_scheme.pdb_seq_num 
_pdbx_poly_seq_scheme.auth_seq_num 
_pdbx_poly_seq_scheme.pdb_mon_id 
_pdbx_poly_seq_scheme.auth_mon_id 
_pdbx_poly_seq_scheme.pdb_strand_id 
_pdbx_poly_seq_scheme.pdb_ins_code 
_pdbx_poly_seq_scheme.hetero 
A 1 1  MET 1  9  ?  ?   ?   A . n 
A 1 2  SER 2  10 ?  ?   ?   A . n 
A 1 3  VAL 3  11 11 VAL VAL A . n 
A 1 4  ASN 4  12 12 ASN ASN A . n 
A 1 5  GLN 5  13 13 GLN GLN A . n 
A 1 6  LYS 6  14 14 LYS LYS A . n 
A 1 7  GLU 7  15 15 GLU GLU A . n 
A 1 8  ILE 8  16 16 ILE ILE A . n 
A 1 9  GLU 9  17 17 GLU GLU A . n 
A 1 10 ILE 10 18 18 ILE ILE A . n 
A 1 11 ALA 11 19 19 ALA ALA A . n 
A 1 12 ILE 12 20 20 ILE ILE A . n 
A 1 13 GLU 13 21 21 GLU GLU A . n 
A 1 14 TYR 14 22 22 TYR TYR A . n 
A 1 15 PHE 15 23 23 PHE PHE A . n 
A 1 16 LYS 16 24 24 LYS LYS A . n 
A 1 17 ASN 17 25 25 ASN ASN A . n 
A 1 18 TYR 18 26 26 TYR TYR A . n 
A 1 19 ILE 19 27 27 ILE ILE A . n 
A 1 20 SER 20 28 28 SER SER A . n 
A 1 21 VAL 21 29 29 VAL VAL A . n 
A 1 22 GLY 22 30 30 GLY GLY A . n 
A 1 23 GLU 23 31 31 GLU GLU A . n 
A 1 24 ILE 24 32 32 ILE ILE A . n 
A 1 25 VAL 25 33 33 VAL VAL A . n 
A 1 26 ALA 26 34 34 ALA ALA A . n 
A 1 27 THR 27 35 35 THR THR A . n 
A 1 28 MET 28 36 36 MET MET A . n 
A 1 29 ASP 29 37 37 ASP ASP A . n 
A 1 30 LEU 30 38 38 LEU LEU A . n 
A 1 31 LYS 31 39 39 LYS LYS A . n 
A 1 32 ALA 32 40 40 ALA ALA A . n 
A 1 33 ARG 33 41 41 ARG ARG A . n 
A 1 34 GLY 34 42 42 GLY GLY A . n 
A 1 35 ILE 35 43 43 ILE ILE A . n 
A 1 36 SER 36 44 44 SER SER A . n 
A 1 37 ASN 37 45 45 ASN ASN A . n 
A 1 38 PRO 38 46 46 PRO PRO A . n 
A 1 39 GLN 39 47 47 GLN GLN A . n 
A 1 40 ALA 40 48 48 ALA ALA A . n 
A 1 41 VAL 41 49 49 VAL VAL A . n 
A 1 42 ILE 42 50 50 ILE ILE A . n 
A 1 43 SER 43 51 51 SER SER A . n 
A 1 44 LYS 44 52 52 LYS LYS A . n 
A 1 45 LEU 45 53 53 LEU LEU A . n 
A 1 46 ILE 46 54 54 ILE ILE A . n 
A 1 47 GLU 47 55 55 GLU GLU A . n 
A 1 48 MET 48 56 56 MET MET A . n 
A 1 49 GLY 49 57 57 GLY GLY A . n 
A 1 50 ILE 50 58 58 ILE ILE A . n 
A 1 51 ILE 51 59 59 ILE ILE A . n 
A 1 52 GLU 52 60 60 GLU GLU A . n 
A 1 53 LYS 53 61 61 LYS LYS A . n 
A 1 54 GLY 54 62 62 GLY GLY A . n 
A 1 55 GLU 55 63 63 GLU GLU A . n 
A 1 56 GLY 56 64 64 GLY GLY A . n 
A 1 57 CYS 57 65 65 CYS CYS A . n 
A 1 58 TYR 58 66 66 TYR TYR A . n 
A 1 59 ASN 59 67 67 ASN ASN A . n 
A 1 60 LEU 60 68 68 LEU LEU A . n 
A 1 61 VAL 61 69 69 VAL VAL A . n 
A 1 62 ARG 62 70 70 ARG ARG A . n 
A 1 63 LYS 63 71 ?  ?   ?   A . n 
A 1 64 SER 64 72 ?  ?   ?   A . n 
A 1 65 THR 65 73 ?  ?   ?   A . n 
A 1 66 ASP 66 74 ?  ?   ?   A . n 
A 1 67 LYS 67 75 ?  ?   ?   A . n 
A 1 68 LYS 68 76 ?  ?   ?   A . n 
A 1 69 LEU 69 77 ?  ?   ?   A . n 
A 1 70 GLU 70 78 ?  ?   ?   A . n 
A 1 71 HIS 71 79 ?  ?   ?   A . n 
A 1 72 HIS 72 80 ?  ?   ?   A . n 
A 1 73 HIS 73 81 ?  ?   ?   A . n 
A 1 74 HIS 74 82 ?  ?   ?   A . n 
A 1 75 HIS 75 83 ?  ?   ?   A . n 
A 1 76 HIS 76 84 ?  ?   ?   A . n 
# 
loop_
_pdbx_nonpoly_scheme.asym_id 
_pdbx_nonpoly_scheme.entity_id 
_pdbx_nonpoly_scheme.mon_id 
_pdbx_nonpoly_scheme.ndb_seq_num 
_pdbx_nonpoly_scheme.pdb_seq_num 
_pdbx_nonpoly_scheme.auth_seq_num 
_pdbx_nonpoly_scheme.pdb_mon_id 
_pdbx_nonpoly_scheme.auth_mon_id 
_pdbx_nonpoly_scheme.pdb_strand_id 
_pdbx_nonpoly_scheme.pdb_ins_code 
B 2 EDO 1  101 1  EDO EDO A . 
C 3 HOH 1  201 52 HOH HOH A . 
C 3 HOH 2  202 11 HOH HOH A . 
C 3 HOH 3  203 19 HOH HOH A . 
C 3 HOH 4  204 36 HOH HOH A . 
C 3 HOH 5  205 47 HOH HOH A . 
C 3 HOH 6  206 32 HOH HOH A . 
C 3 HOH 7  207 20 HOH HOH A . 
C 3 HOH 8  208 4  HOH HOH A . 
C 3 HOH 9  209 5  HOH HOH A . 
C 3 HOH 10 210 1  HOH HOH A . 
C 3 HOH 11 211 75 HOH HOH A . 
C 3 HOH 12 212 7  HOH HOH A . 
C 3 HOH 13 213 6  HOH HOH A . 
C 3 HOH 14 214 43 HOH HOH A . 
C 3 HOH 15 215 34 HOH HOH A . 
C 3 HOH 16 216 69 HOH HOH A . 
C 3 HOH 17 217 13 HOH HOH A . 
C 3 HOH 18 218 71 HOH HOH A . 
C 3 HOH 19 219 31 HOH HOH A . 
C 3 HOH 20 220 54 HOH HOH A . 
C 3 HOH 21 221 49 HOH HOH A . 
C 3 HOH 22 222 33 HOH HOH A . 
C 3 HOH 23 223 16 HOH HOH A . 
C 3 HOH 24 224 25 HOH HOH A . 
C 3 HOH 25 225 21 HOH HOH A . 
C 3 HOH 26 226 14 HOH HOH A . 
C 3 HOH 27 227 46 HOH HOH A . 
C 3 HOH 28 228 24 HOH HOH A . 
C 3 HOH 29 229 2  HOH HOH A . 
C 3 HOH 30 230 60 HOH HOH A . 
C 3 HOH 31 231 9  HOH HOH A . 
C 3 HOH 32 232 12 HOH HOH A . 
C 3 HOH 33 233 18 HOH HOH A . 
C 3 HOH 34 234 28 HOH HOH A . 
C 3 HOH 35 235 10 HOH HOH A . 
C 3 HOH 36 236 3  HOH HOH A . 
C 3 HOH 37 237 8  HOH HOH A . 
C 3 HOH 38 238 50 HOH HOH A . 
C 3 HOH 39 239 74 HOH HOH A . 
C 3 HOH 40 240 30 HOH HOH A . 
C 3 HOH 41 241 65 HOH HOH A . 
C 3 HOH 42 242 45 HOH HOH A . 
C 3 HOH 43 243 15 HOH HOH A . 
C 3 HOH 44 244 38 HOH HOH A . 
C 3 HOH 45 245 17 HOH HOH A . 
C 3 HOH 46 246 73 HOH HOH A . 
C 3 HOH 47 247 76 HOH HOH A . 
C 3 HOH 48 248 72 HOH HOH A . 
C 3 HOH 49 249 70 HOH HOH A . 
C 3 HOH 50 250 41 HOH HOH A . 
C 3 HOH 51 251 64 HOH HOH A . 
C 3 HOH 52 252 23 HOH HOH A . 
C 3 HOH 53 253 63 HOH HOH A . 
C 3 HOH 54 254 29 HOH HOH A . 
C 3 HOH 55 255 62 HOH HOH A . 
C 3 HOH 56 256 51 HOH HOH A . 
C 3 HOH 57 257 40 HOH HOH A . 
C 3 HOH 58 258 37 HOH HOH A . 
C 3 HOH 59 259 48 HOH HOH A . 
C 3 HOH 60 260 57 HOH HOH A . 
C 3 HOH 61 261 27 HOH HOH A . 
C 3 HOH 62 262 53 HOH HOH A . 
C 3 HOH 63 263 61 HOH HOH A . 
C 3 HOH 64 264 58 HOH HOH A . 
C 3 HOH 65 265 56 HOH HOH A . 
C 3 HOH 66 266 44 HOH HOH A . 
C 3 HOH 67 267 22 HOH HOH A . 
C 3 HOH 68 268 35 HOH HOH A . 
C 3 HOH 69 269 39 HOH HOH A . 
C 3 HOH 70 270 67 HOH HOH A . 
C 3 HOH 71 271 26 HOH HOH A . 
C 3 HOH 72 272 42 HOH HOH A . 
C 3 HOH 73 273 66 HOH HOH A . 
C 3 HOH 74 274 68 HOH HOH A . 
C 3 HOH 75 275 59 HOH HOH A . 
# 
loop_
_pdbx_unobs_or_zero_occ_atoms.id 
_pdbx_unobs_or_zero_occ_atoms.PDB_model_num 
_pdbx_unobs_or_zero_occ_atoms.polymer_flag 
_pdbx_unobs_or_zero_occ_atoms.occupancy_flag 
_pdbx_unobs_or_zero_occ_atoms.auth_asym_id 
_pdbx_unobs_or_zero_occ_atoms.auth_comp_id 
_pdbx_unobs_or_zero_occ_atoms.auth_seq_id 
_pdbx_unobs_or_zero_occ_atoms.PDB_ins_code 
_pdbx_unobs_or_zero_occ_atoms.auth_atom_id 
_pdbx_unobs_or_zero_occ_atoms.label_alt_id 
_pdbx_unobs_or_zero_occ_atoms.label_asym_id 
_pdbx_unobs_or_zero_occ_atoms.label_comp_id 
_pdbx_unobs_or_zero_occ_atoms.label_seq_id 
_pdbx_unobs_or_zero_occ_atoms.label_atom_id 
1 1 Y 1 A ARG 70 ? CD  ? A ARG 62 CD  
2 1 Y 1 A ARG 70 ? NE  ? A ARG 62 NE  
3 1 Y 1 A ARG 70 ? CZ  ? A ARG 62 CZ  
4 1 Y 1 A ARG 70 ? NH1 ? A ARG 62 NH1 
5 1 Y 1 A ARG 70 ? NH2 ? A ARG 62 NH2 
# 
loop_
_software.citation_id 
_software.classification 
_software.compiler_name 
_software.compiler_version 
_software.contact_author 
_software.contact_author_email 
_software.date 
_software.description 
_software.dependencies 
_software.hardware 
_software.language 
_software.location 
_software.mods 
_software.name 
_software.os 
_software.os_version 
_software.type 
_software.version 
_software.pdbx_ordinal 
? refinement       ? ? ? ? ? ? ? ? ? ? ? PHENIX    ? ? ? '(1.11.1_2575-000)' 1 
? 'data reduction' ? ? ? ? ? ? ? ? ? ? ? HKL-2000  ? ? ? .                   2 
? 'data scaling'   ? ? ? ? ? ? ? ? ? ? ? SCALEPACK ? ? ? .                   3 
? phasing          ? ? ? ? ? ? ? ? ? ? ? PHASER    ? ? ? .                   4 
# 
_cell.angle_alpha                  90.00 
_cell.angle_alpha_esd              ? 
_cell.angle_beta                   90.00 
_cell.angle_beta_esd               ? 
_cell.angle_gamma                  120.00 
_cell.angle_gamma_esd              ? 
_cell.entry_id                     5N41 
_cell.details                      ? 
_cell.formula_units_Z              ? 
_cell.length_a                     61.752 
_cell.length_a_esd                 ? 
_cell.length_b                     61.752 
_cell.length_b_esd                 ? 
_cell.length_c                     35.363 
_cell.length_c_esd                 ? 
_cell.volume                       ? 
_cell.volume_esd                   ? 
_cell.Z_PDB                        6 
_cell.reciprocal_angle_alpha       ? 
_cell.reciprocal_angle_beta        ? 
_cell.reciprocal_angle_gamma       ? 
_cell.reciprocal_angle_alpha_esd   ? 
_cell.reciprocal_angle_beta_esd    ? 
_cell.reciprocal_angle_gamma_esd   ? 
_cell.reciprocal_length_a          ? 
_cell.reciprocal_length_b          ? 
_cell.reciprocal_length_c          ? 
_cell.reciprocal_length_a_esd      ? 
_cell.reciprocal_length_b_esd      ? 
_cell.reciprocal_length_c_esd      ? 
_cell.pdbx_unique_axis             ? 
# 
_symmetry.entry_id                         5N41 
_symmetry.cell_setting                     ? 
_symmetry.Int_Tables_number                154 
_symmetry.space_group_name_Hall            ? 
_symmetry.space_group_name_H-M             'P 32 2 1' 
_symmetry.pdbx_full_space_group_name_H-M   ? 
# 
_exptl.absorpt_coefficient_mu     ? 
_exptl.absorpt_correction_T_max   ? 
_exptl.absorpt_correction_T_min   ? 
_exptl.absorpt_correction_type    ? 
_exptl.absorpt_process_details    ? 
_exptl.entry_id                   5N41 
_exptl.crystals_number            1 
_exptl.details                    ? 
_exptl.method                     'X-RAY DIFFRACTION' 
_exptl.method_details             ? 
# 
_exptl_crystal.colour                      ? 
_exptl_crystal.density_diffrn              ? 
_exptl_crystal.density_Matthews            2.22 
_exptl_crystal.density_method              ? 
_exptl_crystal.density_percent_sol         44.65 
_exptl_crystal.description                 ? 
_exptl_crystal.F_000                       ? 
_exptl_crystal.id                          1 
_exptl_crystal.preparation                 ? 
_exptl_crystal.size_max                    ? 
_exptl_crystal.size_mid                    ? 
_exptl_crystal.size_min                    ? 
_exptl_crystal.size_rad                    ? 
_exptl_crystal.colour_lustre               ? 
_exptl_crystal.colour_modifier             ? 
_exptl_crystal.colour_primary              ? 
_exptl_crystal.density_meas                ? 
_exptl_crystal.density_meas_esd            ? 
_exptl_crystal.density_meas_gt             ? 
_exptl_crystal.density_meas_lt             ? 
_exptl_crystal.density_meas_temp           ? 
_exptl_crystal.density_meas_temp_esd       ? 
_exptl_crystal.density_meas_temp_gt        ? 
_exptl_crystal.density_meas_temp_lt        ? 
_exptl_crystal.pdbx_crystal_image_url      ? 
_exptl_crystal.pdbx_crystal_image_format   ? 
_exptl_crystal.pdbx_mosaicity              ? 
_exptl_crystal.pdbx_mosaicity_esd          ? 
# 
_exptl_crystal_grow.apparatus       ? 
_exptl_crystal_grow.atmosphere      ? 
_exptl_crystal_grow.crystal_id      1 
_exptl_crystal_grow.details         ? 
_exptl_crystal_grow.method          'VAPOR DIFFUSION, SITTING DROP' 
_exptl_crystal_grow.method_ref      ? 
_exptl_crystal_grow.pH              7.5 
_exptl_crystal_grow.pressure        ? 
_exptl_crystal_grow.pressure_esd    ? 
_exptl_crystal_grow.seeding         ? 
_exptl_crystal_grow.seeding_ref     ? 
_exptl_crystal_grow.temp            294.15 
_exptl_crystal_grow.temp_details    ? 
_exptl_crystal_grow.temp_esd        ? 
_exptl_crystal_grow.time            ? 
_exptl_crystal_grow.pdbx_details    
;OD280=17.7 mg/ml in 20 mM HEPES pH 7.5, 0.3 M
NaCl, 1 mM MgCl2 and 1 mM b-ME mixed with 0.1 M Potassium thiocyanate and 30% w/v Polyethylene glycol monomethyl ether 2000 (Hampton Index)
;
_exptl_crystal_grow.pdbx_pH_range   ? 
# 
_diffrn.ambient_environment    ? 
_diffrn.ambient_temp           100 
_diffrn.ambient_temp_details   ? 
_diffrn.ambient_temp_esd       ? 
_diffrn.crystal_id             1 
_diffrn.crystal_support        ? 
_diffrn.crystal_treatment      ? 
_diffrn.details                ? 
_diffrn.id                     1 
_diffrn.ambient_pressure       ? 
_diffrn.ambient_pressure_esd   ? 
_diffrn.ambient_pressure_gt    ? 
_diffrn.ambient_pressure_lt    ? 
_diffrn.ambient_temp_gt        ? 
_diffrn.ambient_temp_lt        ? 
# 
_diffrn_detector.details                      ? 
_diffrn_detector.detector                     PIXEL 
_diffrn_detector.diffrn_id                    1 
_diffrn_detector.type                         'DECTRIS PILATUS 6M-F' 
_diffrn_detector.area_resol_mean              ? 
_diffrn_detector.dtime                        ? 
_diffrn_detector.pdbx_frames_total            ? 
_diffrn_detector.pdbx_collection_time_total   ? 
_diffrn_detector.pdbx_collection_date         2013-12-10 
# 
_diffrn_radiation.collimation                      ? 
_diffrn_radiation.diffrn_id                        1 
_diffrn_radiation.filter_edge                      ? 
_diffrn_radiation.inhomogeneity                    ? 
_diffrn_radiation.monochromator                    ? 
_diffrn_radiation.polarisn_norm                    ? 
_diffrn_radiation.polarisn_ratio                   ? 
_diffrn_radiation.probe                            ? 
_diffrn_radiation.type                             ? 
_diffrn_radiation.xray_symbol                      ? 
_diffrn_radiation.wavelength_id                    1 
_diffrn_radiation.pdbx_monochromatic_or_laue_m_l   M 
_diffrn_radiation.pdbx_wavelength_list             ? 
_diffrn_radiation.pdbx_wavelength                  ? 
_diffrn_radiation.pdbx_diffrn_protocol             'SINGLE WAVELENGTH' 
_diffrn_radiation.pdbx_analyzer                    ? 
_diffrn_radiation.pdbx_scattering_type             x-ray 
# 
_diffrn_radiation_wavelength.id           1 
_diffrn_radiation_wavelength.wavelength   0.97949 
_diffrn_radiation_wavelength.wt           1.0 
# 
_diffrn_source.current                     ? 
_diffrn_source.details                     ? 
_diffrn_source.diffrn_id                   1 
_diffrn_source.power                       ? 
_diffrn_source.size                        ? 
_diffrn_source.source                      SYNCHROTRON 
_diffrn_source.target                      ? 
_diffrn_source.type                        'DIAMOND BEAMLINE I02' 
_diffrn_source.voltage                     ? 
_diffrn_source.take-off_angle              ? 
_diffrn_source.pdbx_wavelength_list        0.97949 
_diffrn_source.pdbx_wavelength             ? 
_diffrn_source.pdbx_synchrotron_beamline   I02 
_diffrn_source.pdbx_synchrotron_site       Diamond 
# 
_reflns.B_iso_Wilson_estimate            ? 
_reflns.entry_id                         5N41 
_reflns.data_reduction_details           ? 
_reflns.data_reduction_method            ? 
_reflns.d_resolution_high                1.35 
_reflns.d_resolution_low                 30.9 
_reflns.details                          ? 
_reflns.limit_h_max                      ? 
_reflns.limit_h_min                      ? 
_reflns.limit_k_max                      ? 
_reflns.limit_k_min                      ? 
_reflns.limit_l_max                      ? 
_reflns.limit_l_min                      ? 
_reflns.number_all                       ? 
_reflns.number_obs                       16515 
_reflns.observed_criterion               ? 
_reflns.observed_criterion_F_max         ? 
_reflns.observed_criterion_F_min         ? 
_reflns.observed_criterion_I_max         ? 
_reflns.observed_criterion_I_min         ? 
_reflns.observed_criterion_sigma_F       ? 
_reflns.observed_criterion_sigma_I       ? 
_reflns.percent_possible_obs             95.2 
_reflns.R_free_details                   ? 
_reflns.Rmerge_F_all                     ? 
_reflns.Rmerge_F_obs                     ? 
_reflns.Friedel_coverage                 ? 
_reflns.number_gt                        ? 
_reflns.threshold_expression             ? 
_reflns.pdbx_redundancy                  4.8 
_reflns.pdbx_Rmerge_I_obs                0.046 
_reflns.pdbx_Rmerge_I_all                ? 
_reflns.pdbx_Rsym_value                  ? 
_reflns.pdbx_netI_over_av_sigmaI         ? 
_reflns.pdbx_netI_over_sigmaI            28.2 
_reflns.pdbx_res_netI_over_av_sigmaI_2   ? 
_reflns.pdbx_res_netI_over_sigmaI_2      ? 
_reflns.pdbx_chi_squared                 ? 
_reflns.pdbx_scaling_rejects             ? 
_reflns.pdbx_d_res_high_opt              ? 
_reflns.pdbx_d_res_low_opt               ? 
_reflns.pdbx_d_res_opt_method            ? 
_reflns.phase_calculation_details        ? 
_reflns.pdbx_Rrim_I_all                  ? 
_reflns.pdbx_Rpim_I_all                  ? 
_reflns.pdbx_d_opt                       ? 
_reflns.pdbx_number_measured_all         ? 
_reflns.pdbx_diffrn_id                   1 
_reflns.pdbx_ordinal                     1 
_reflns.pdbx_CC_half                     ? 
_reflns.pdbx_R_split                     ? 
# 
_reflns_shell.d_res_high                  1.35 
_reflns_shell.d_res_low                   1.4 
_reflns_shell.meanI_over_sigI_all         ? 
_reflns_shell.meanI_over_sigI_obs         3.1 
_reflns_shell.number_measured_all         ? 
_reflns_shell.number_measured_obs         ? 
_reflns_shell.number_possible             ? 
_reflns_shell.number_unique_all           ? 
_reflns_shell.number_unique_obs           1178 
_reflns_shell.percent_possible_all        68.6 
_reflns_shell.percent_possible_obs        ? 
_reflns_shell.Rmerge_F_all                ? 
_reflns_shell.Rmerge_F_obs                ? 
_reflns_shell.Rmerge_I_all                ? 
_reflns_shell.Rmerge_I_obs                0.339 
_reflns_shell.meanI_over_sigI_gt          ? 
_reflns_shell.meanI_over_uI_all           ? 
_reflns_shell.meanI_over_uI_gt            ? 
_reflns_shell.number_measured_gt          ? 
_reflns_shell.number_unique_gt            ? 
_reflns_shell.percent_possible_gt         ? 
_reflns_shell.Rmerge_F_gt                 ? 
_reflns_shell.Rmerge_I_gt                 ? 
_reflns_shell.pdbx_redundancy             3 
_reflns_shell.pdbx_Rsym_value             0.217 
_reflns_shell.pdbx_chi_squared            0.977 
_reflns_shell.pdbx_netI_over_sigmaI_all   ? 
_reflns_shell.pdbx_netI_over_sigmaI_obs   ? 
_reflns_shell.pdbx_Rrim_I_all             ? 
_reflns_shell.pdbx_Rpim_I_all             ? 
_reflns_shell.pdbx_rejects                ? 
_reflns_shell.pdbx_ordinal                1 
_reflns_shell.pdbx_diffrn_id              1 
_reflns_shell.pdbx_CC_half                0.839 
_reflns_shell.pdbx_R_split                ? 
# 
_refine.aniso_B[1][1]                            ? 
_refine.aniso_B[1][2]                            ? 
_refine.aniso_B[1][3]                            ? 
_refine.aniso_B[2][2]                            ? 
_refine.aniso_B[2][3]                            ? 
_refine.aniso_B[3][3]                            ? 
_refine.B_iso_max                                ? 
_refine.B_iso_mean                               ? 
_refine.B_iso_min                                ? 
_refine.correlation_coeff_Fo_to_Fc               ? 
_refine.correlation_coeff_Fo_to_Fc_free          ? 
_refine.details                                  ? 
_refine.diff_density_max                         ? 
_refine.diff_density_max_esd                     ? 
_refine.diff_density_min                         ? 
_refine.diff_density_min_esd                     ? 
_refine.diff_density_rms                         ? 
_refine.diff_density_rms_esd                     ? 
_refine.entry_id                                 5N41 
_refine.pdbx_refine_id                           'X-RAY DIFFRACTION' 
_refine.ls_abs_structure_details                 ? 
_refine.ls_abs_structure_Flack                   ? 
_refine.ls_abs_structure_Flack_esd               ? 
_refine.ls_abs_structure_Rogers                  ? 
_refine.ls_abs_structure_Rogers_esd              ? 
_refine.ls_d_res_high                            1.351 
_refine.ls_d_res_low                             30.876 
_refine.ls_extinction_coef                       ? 
_refine.ls_extinction_coef_esd                   ? 
_refine.ls_extinction_expression                 ? 
_refine.ls_extinction_method                     ? 
_refine.ls_goodness_of_fit_all                   ? 
_refine.ls_goodness_of_fit_all_esd               ? 
_refine.ls_goodness_of_fit_obs                   ? 
_refine.ls_goodness_of_fit_obs_esd               ? 
_refine.ls_hydrogen_treatment                    ? 
_refine.ls_matrix_type                           ? 
_refine.ls_number_constraints                    ? 
_refine.ls_number_parameters                     ? 
_refine.ls_number_reflns_all                     ? 
_refine.ls_number_reflns_obs                     16503 
_refine.ls_number_reflns_R_free                  913 
_refine.ls_number_reflns_R_work                  ? 
_refine.ls_number_restraints                     ? 
_refine.ls_percent_reflns_obs                    95.12 
_refine.ls_percent_reflns_R_free                 5.53 
_refine.ls_R_factor_all                          ? 
_refine.ls_R_factor_obs                          0.1622 
_refine.ls_R_factor_R_free                       0.1981 
_refine.ls_R_factor_R_free_error                 ? 
_refine.ls_R_factor_R_free_error_details         ? 
_refine.ls_R_factor_R_work                       0.1601 
_refine.ls_R_Fsqd_factor_obs                     ? 
_refine.ls_R_I_factor_obs                        ? 
_refine.ls_redundancy_reflns_all                 ? 
_refine.ls_redundancy_reflns_obs                 ? 
_refine.ls_restrained_S_all                      ? 
_refine.ls_restrained_S_obs                      ? 
_refine.ls_shift_over_esd_max                    ? 
_refine.ls_shift_over_esd_mean                   ? 
_refine.ls_structure_factor_coef                 ? 
_refine.ls_weighting_details                     ? 
_refine.ls_weighting_scheme                      ? 
_refine.ls_wR_factor_all                         ? 
_refine.ls_wR_factor_obs                         ? 
_refine.ls_wR_factor_R_free                      ? 
_refine.ls_wR_factor_R_work                      ? 
_refine.occupancy_max                            ? 
_refine.occupancy_min                            ? 
_refine.solvent_model_details                    ? 
_refine.solvent_model_param_bsol                 ? 
_refine.solvent_model_param_ksol                 ? 
_refine.ls_R_factor_gt                           ? 
_refine.ls_goodness_of_fit_gt                    ? 
_refine.ls_goodness_of_fit_ref                   ? 
_refine.ls_shift_over_su_max                     ? 
_refine.ls_shift_over_su_max_lt                  ? 
_refine.ls_shift_over_su_mean                    ? 
_refine.ls_shift_over_su_mean_lt                 ? 
_refine.pdbx_ls_sigma_I                          ? 
_refine.pdbx_ls_sigma_F                          1.39 
_refine.pdbx_ls_sigma_Fsqd                       ? 
_refine.pdbx_data_cutoff_high_absF               ? 
_refine.pdbx_data_cutoff_high_rms_absF           ? 
_refine.pdbx_data_cutoff_low_absF                ? 
_refine.pdbx_isotropic_thermal_model             ? 
_refine.pdbx_ls_cross_valid_method               'FREE R-VALUE' 
_refine.pdbx_method_to_determine_struct          'MOLECULAR REPLACEMENT' 
_refine.pdbx_starting_model                      5N35 
_refine.pdbx_stereochemistry_target_values       ? 
_refine.pdbx_R_Free_selection_details            ? 
_refine.pdbx_stereochem_target_val_spec_case     ? 
_refine.pdbx_overall_ESU_R                       ? 
_refine.pdbx_overall_ESU_R_Free                  ? 
_refine.pdbx_solvent_vdw_probe_radii             1.11 
_refine.pdbx_solvent_ion_probe_radii             ? 
_refine.pdbx_solvent_shrinkage_radii             0.90 
_refine.pdbx_real_space_R                        ? 
_refine.pdbx_density_correlation                 ? 
_refine.pdbx_pd_number_of_powder_patterns        ? 
_refine.pdbx_pd_number_of_points                 ? 
_refine.pdbx_pd_meas_number_of_points            ? 
_refine.pdbx_pd_proc_ls_prof_R_factor            ? 
_refine.pdbx_pd_proc_ls_prof_wR_factor           ? 
_refine.pdbx_pd_Marquardt_correlation_coeff      ? 
_refine.pdbx_pd_Fsqrd_R_factor                   ? 
_refine.pdbx_pd_ls_matrix_band_width             ? 
_refine.pdbx_overall_phase_error                 22.07 
_refine.pdbx_overall_SU_R_free_Cruickshank_DPI   ? 
_refine.pdbx_overall_SU_R_free_Blow_DPI          ? 
_refine.pdbx_overall_SU_R_Blow_DPI               ? 
_refine.pdbx_TLS_residual_ADP_flag               ? 
_refine.pdbx_diffrn_id                           1 
_refine.overall_SU_B                             ? 
_refine.overall_SU_ML                            0.14 
_refine.overall_SU_R_Cruickshank_DPI             ? 
_refine.overall_SU_R_free                        ? 
_refine.overall_FOM_free_R_set                   ? 
_refine.overall_FOM_work_R_set                   ? 
_refine.pdbx_average_fsc_overall                 ? 
_refine.pdbx_average_fsc_work                    ? 
_refine.pdbx_average_fsc_free                    ? 
# 
_refine_hist.pdbx_refine_id                   'X-RAY DIFFRACTION' 
_refine_hist.cycle_id                         LAST 
_refine_hist.pdbx_number_atoms_protein        463 
_refine_hist.pdbx_number_atoms_nucleic_acid   0 
_refine_hist.pdbx_number_atoms_ligand         4 
_refine_hist.number_atoms_solvent             75 
_refine_hist.number_atoms_total               542 
_refine_hist.d_res_high                       1.351 
_refine_hist.d_res_low                        30.876 
# 
loop_
_refine_ls_restr.pdbx_refine_id 
_refine_ls_restr.criterion 
_refine_ls_restr.dev_ideal 
_refine_ls_restr.dev_ideal_target 
_refine_ls_restr.number 
_refine_ls_restr.rejects 
_refine_ls_restr.type 
_refine_ls_restr.weight 
_refine_ls_restr.pdbx_restraint_function 
'X-RAY DIFFRACTION' ? 0.009  ? 533 ? f_bond_d           ? ? 
'X-RAY DIFFRACTION' ? 0.954  ? 727 ? f_angle_d          ? ? 
'X-RAY DIFFRACTION' ? 15.964 ? 219 ? f_dihedral_angle_d ? ? 
'X-RAY DIFFRACTION' ? 0.071  ? 85  ? f_chiral_restr     ? ? 
'X-RAY DIFFRACTION' ? 0.005  ? 95  ? f_plane_restr      ? ? 
# 
loop_
_refine_ls_shell.pdbx_refine_id 
_refine_ls_shell.d_res_high 
_refine_ls_shell.d_res_low 
_refine_ls_shell.number_reflns_all 
_refine_ls_shell.number_reflns_obs 
_refine_ls_shell.number_reflns_R_free 
_refine_ls_shell.number_reflns_R_work 
_refine_ls_shell.percent_reflns_obs 
_refine_ls_shell.percent_reflns_R_free 
_refine_ls_shell.R_factor_all 
_refine_ls_shell.R_factor_obs 
_refine_ls_shell.R_factor_R_free 
_refine_ls_shell.R_factor_R_free_error 
_refine_ls_shell.R_factor_R_work 
_refine_ls_shell.redundancy_reflns_all 
_refine_ls_shell.redundancy_reflns_obs 
_refine_ls_shell.wR_factor_all 
_refine_ls_shell.wR_factor_obs 
_refine_ls_shell.wR_factor_R_free 
_refine_ls_shell.wR_factor_R_work 
_refine_ls_shell.pdbx_total_number_of_bins_used 
_refine_ls_shell.pdbx_phase_error 
_refine_ls_shell.pdbx_fsc_work 
_refine_ls_shell.pdbx_fsc_free 
'X-RAY DIFFRACTION' 1.3510 1.4222  . . 96  1641 71.00  . . . 0.2503 . 0.2137 . . . . . . . . . . 
'X-RAY DIFFRACTION' 1.4222 1.5113  . . 136 2203 95.00  . . . 0.2386 . 0.1983 . . . . . . . . . . 
'X-RAY DIFFRACTION' 1.5113 1.6280  . . 110 2321 100.00 . . . 0.2499 . 0.1853 . . . . . . . . . . 
'X-RAY DIFFRACTION' 1.6280 1.7918  . . 121 2331 100.00 . . . 0.1976 . 0.1915 . . . . . . . . . . 
'X-RAY DIFFRACTION' 1.7918 2.0510  . . 142 2332 100.00 . . . 0.2064 . 0.1726 . . . . . . . . . . 
'X-RAY DIFFRACTION' 2.0510 2.5839  . . 169 2328 100.00 . . . 0.1982 . 0.1598 . . . . . . . . . . 
'X-RAY DIFFRACTION' 2.5839 30.8841 . . 139 2434 99.00  . . . 0.1825 . 0.1427 . . . . . . . . . . 
# 
_struct.entry_id                     5N41 
_struct.title                        'Archaeal DNA polymerase holoenzyme - SSO6202 at 1.35 Ang resolution' 
_struct.pdbx_model_details           ? 
_struct.pdbx_formula_weight          ? 
_struct.pdbx_formula_weight_method   ? 
_struct.pdbx_model_type_details      ? 
_struct.pdbx_CASP_flag               N 
# 
_struct_keywords.entry_id        5N41 
_struct_keywords.text            
'PolB1 Binding Protein 2, archaeal DNA polymerase holoenzyme, protein binding, Polymerase-binding protein' 
_struct_keywords.pdbx_keywords   'Polymerase-binding protein' 
# 
loop_
_struct_asym.id 
_struct_asym.pdbx_blank_PDB_chainid_flag 
_struct_asym.pdbx_modified 
_struct_asym.entity_id 
_struct_asym.details 
A N N 1 ? 
B N N 2 ? 
C N N 3 ? 
# 
_struct_ref.id                         1 
_struct_ref.db_name                    UNP 
_struct_ref.db_code                    A0A0E3GTJ4_SULSF 
_struct_ref.pdbx_db_accession          A0A0E3GTJ4 
_struct_ref.pdbx_db_isoform            ? 
_struct_ref.entity_id                  1 
_struct_ref.pdbx_seq_one_letter_code   MSVNQKEIEIAIEYFKNYISVGEIVATMDLKARGISNPQAVISKLIEMGIIEKGEGCYNLVRKSTDKK 
_struct_ref.pdbx_align_begin           9 
# 
_struct_ref_seq.align_id                      1 
_struct_ref_seq.ref_id                        1 
_struct_ref_seq.pdbx_PDB_id_code              5N41 
_struct_ref_seq.pdbx_strand_id                A 
_struct_ref_seq.seq_align_beg                 1 
_struct_ref_seq.pdbx_seq_align_beg_ins_code   ? 
_struct_ref_seq.seq_align_end                 68 
_struct_ref_seq.pdbx_seq_align_end_ins_code   ? 
_struct_ref_seq.pdbx_db_accession             A0A0E3GTJ4 
_struct_ref_seq.db_align_beg                  9 
_struct_ref_seq.pdbx_db_align_beg_ins_code    ? 
_struct_ref_seq.db_align_end                  76 
_struct_ref_seq.pdbx_db_align_end_ins_code    ? 
_struct_ref_seq.pdbx_auth_seq_align_beg       9 
_struct_ref_seq.pdbx_auth_seq_align_end       76 
# 
loop_
_struct_ref_seq_dif.align_id 
_struct_ref_seq_dif.pdbx_pdb_id_code 
_struct_ref_seq_dif.mon_id 
_struct_ref_seq_dif.pdbx_pdb_strand_id 
_struct_ref_seq_dif.seq_num 
_struct_ref_seq_dif.pdbx_pdb_ins_code 
_struct_ref_seq_dif.pdbx_seq_db_name 
_struct_ref_seq_dif.pdbx_seq_db_accession_code 
_struct_ref_seq_dif.db_mon_id 
_struct_ref_seq_dif.pdbx_seq_db_seq_num 
_struct_ref_seq_dif.details 
_struct_ref_seq_dif.pdbx_auth_seq_num 
_struct_ref_seq_dif.pdbx_ordinal 
1 5N41 LEU A 69 ? UNP A0A0E3GTJ4 ? ? 'expression tag' 77 1 
1 5N41 GLU A 70 ? UNP A0A0E3GTJ4 ? ? 'expression tag' 78 2 
1 5N41 HIS A 71 ? UNP A0A0E3GTJ4 ? ? 'expression tag' 79 3 
1 5N41 HIS A 72 ? UNP A0A0E3GTJ4 ? ? 'expression tag' 80 4 
1 5N41 HIS A 73 ? UNP A0A0E3GTJ4 ? ? 'expression tag' 81 5 
1 5N41 HIS A 74 ? UNP A0A0E3GTJ4 ? ? 'expression tag' 82 6 
1 5N41 HIS A 75 ? UNP A0A0E3GTJ4 ? ? 'expression tag' 83 7 
1 5N41 HIS A 76 ? UNP A0A0E3GTJ4 ? ? 'expression tag' 84 8 
# 
_pdbx_struct_assembly.id                   1 
_pdbx_struct_assembly.details              author_and_software_defined_assembly 
_pdbx_struct_assembly.method_details       PISA 
_pdbx_struct_assembly.oligomeric_details   monomeric 
_pdbx_struct_assembly.oligomeric_count     1 
# 
loop_
_pdbx_struct_assembly_prop.biol_id 
_pdbx_struct_assembly_prop.type 
_pdbx_struct_assembly_prop.value 
_pdbx_struct_assembly_prop.details 
1 'ABSA (A^2)' 120  ? 
1 MORE         1    ? 
1 'SSA (A^2)'  3780 ? 
# 
_pdbx_struct_assembly_gen.assembly_id       1 
_pdbx_struct_assembly_gen.oper_expression   1 
_pdbx_struct_assembly_gen.asym_id_list      A,B,C 
# 
_pdbx_struct_oper_list.id                   1 
_pdbx_struct_oper_list.type                 'identity operation' 
_pdbx_struct_oper_list.name                 1_555 
_pdbx_struct_oper_list.symmetry_operation   x,y,z 
_pdbx_struct_oper_list.matrix[1][1]         1.0000000000 
_pdbx_struct_oper_list.matrix[1][2]         0.0000000000 
_pdbx_struct_oper_list.matrix[1][3]         0.0000000000 
_pdbx_struct_oper_list.vector[1]            0.0000000000 
_pdbx_struct_oper_list.matrix[2][1]         0.0000000000 
_pdbx_struct_oper_list.matrix[2][2]         1.0000000000 
_pdbx_struct_oper_list.matrix[2][3]         0.0000000000 
_pdbx_struct_oper_list.vector[2]            0.0000000000 
_pdbx_struct_oper_list.matrix[3][1]         0.0000000000 
_pdbx_struct_oper_list.matrix[3][2]         0.0000000000 
_pdbx_struct_oper_list.matrix[3][3]         1.0000000000 
_pdbx_struct_oper_list.vector[3]            0.0000000000 
# 
loop_
_struct_conf.conf_type_id 
_struct_conf.id 
_struct_conf.pdbx_PDB_helix_id 
_struct_conf.beg_label_comp_id 
_struct_conf.beg_label_asym_id 
_struct_conf.beg_label_seq_id 
_struct_conf.pdbx_beg_PDB_ins_code 
_struct_conf.end_label_comp_id 
_struct_conf.end_label_asym_id 
_struct_conf.end_label_seq_id 
_struct_conf.pdbx_end_PDB_ins_code 
_struct_conf.beg_auth_comp_id 
_struct_conf.beg_auth_asym_id 
_struct_conf.beg_auth_seq_id 
_struct_conf.end_auth_comp_id 
_struct_conf.end_auth_asym_id 
_struct_conf.end_auth_seq_id 
_struct_conf.pdbx_PDB_helix_class 
_struct_conf.details 
_struct_conf.pdbx_PDB_helix_length 
HELX_P HELX_P1 AA1 ASN A 4  ? ILE A 19 ? ASN A 12 ILE A 27 1 ? 16 
HELX_P HELX_P2 AA2 GLU A 23 ? ARG A 33 ? GLU A 31 ARG A 41 1 ? 11 
HELX_P HELX_P3 AA3 ASN A 37 ? MET A 48 ? ASN A 45 MET A 56 1 ? 12 
# 
_struct_conf_type.id          HELX_P 
_struct_conf_type.criteria    ? 
_struct_conf_type.reference   ? 
# 
loop_
_struct_conn.id 
_struct_conn.conn_type_id 
_struct_conn.pdbx_leaving_atom_flag 
_struct_conn.pdbx_PDB_id 
_struct_conn.ptnr1_label_asym_id 
_struct_conn.ptnr1_label_comp_id 
_struct_conn.ptnr1_label_seq_id 
_struct_conn.ptnr1_label_atom_id 
_struct_conn.pdbx_ptnr1_label_alt_id 
_struct_conn.pdbx_ptnr1_PDB_ins_code 
_struct_conn.pdbx_ptnr1_standard_comp_id 
_struct_conn.ptnr1_symmetry 
_struct_conn.ptnr2_label_asym_id 
_struct_conn.ptnr2_label_comp_id 
_struct_conn.ptnr2_label_seq_id 
_struct_conn.ptnr2_label_atom_id 
_struct_conn.pdbx_ptnr2_label_alt_id 
_struct_conn.pdbx_ptnr2_PDB_ins_code 
_struct_conn.ptnr1_auth_asym_id 
_struct_conn.ptnr1_auth_comp_id 
_struct_conn.ptnr1_auth_seq_id 
_struct_conn.ptnr2_auth_asym_id 
_struct_conn.ptnr2_auth_comp_id 
_struct_conn.ptnr2_auth_seq_id 
_struct_conn.ptnr2_symmetry 
_struct_conn.pdbx_ptnr3_label_atom_id 
_struct_conn.pdbx_ptnr3_label_seq_id 
_struct_conn.pdbx_ptnr3_label_comp_id 
_struct_conn.pdbx_ptnr3_label_asym_id 
_struct_conn.pdbx_ptnr3_label_alt_id 
_struct_conn.pdbx_ptnr3_PDB_ins_code 
_struct_conn.details 
_struct_conn.pdbx_dist_value 
_struct_conn.pdbx_value_order 
_struct_conn.pdbx_role 
disulf1 disulf ? ? A CYS 57 SG A ? ? 1_555 A CYS 57 SG A ? A CYS 65 A CYS 65 5_555 ? ? ? ? ? ? ? 2.019 ? ? 
disulf2 disulf ? ? A CYS 57 SG B ? ? 1_555 A CYS 57 SG B ? A CYS 65 A CYS 65 5_555 ? ? ? ? ? ? ? 2.018 ? ? 
# 
_struct_conn_type.id          disulf 
_struct_conn_type.criteria    ? 
_struct_conn_type.reference   ? 
# 
loop_
_pdbx_modification_feature.ordinal 
_pdbx_modification_feature.label_comp_id 
_pdbx_modification_feature.label_asym_id 
_pdbx_modification_feature.label_seq_id 
_pdbx_modification_feature.label_alt_id 
_pdbx_modification_feature.modified_residue_label_comp_id 
_pdbx_modification_feature.modified_residue_label_asym_id 
_pdbx_modification_feature.modified_residue_label_seq_id 
_pdbx_modification_feature.modified_residue_label_alt_id 
_pdbx_modification_feature.auth_comp_id 
_pdbx_modification_feature.auth_asym_id 
_pdbx_modification_feature.auth_seq_id 
_pdbx_modification_feature.PDB_ins_code 
_pdbx_modification_feature.symmetry 
_pdbx_modification_feature.modified_residue_auth_comp_id 
_pdbx_modification_feature.modified_residue_auth_asym_id 
_pdbx_modification_feature.modified_residue_auth_seq_id 
_pdbx_modification_feature.modified_residue_PDB_ins_code 
_pdbx_modification_feature.modified_residue_symmetry 
_pdbx_modification_feature.comp_id_linking_atom 
_pdbx_modification_feature.modified_residue_id_linking_atom 
_pdbx_modification_feature.modified_residue_id 
_pdbx_modification_feature.ref_pcm_id 
_pdbx_modification_feature.ref_comp_id 
_pdbx_modification_feature.type 
_pdbx_modification_feature.category 
1 CYS A 57 A CYS A 57 A CYS A 65 ? 1_555 CYS A 65 ? 5_555 SG SG . . . None 'Disulfide bridge' 
2 CYS A 57 B CYS A 57 B CYS A 65 ? 1_555 CYS A 65 ? 5_555 SG SG . . . None 'Disulfide bridge' 
# 
_struct_sheet.id               AA1 
_struct_sheet.type             ? 
_struct_sheet.number_strands   3 
_struct_sheet.details          ? 
# 
loop_
_struct_sheet_order.sheet_id 
_struct_sheet_order.range_id_1 
_struct_sheet_order.range_id_2 
_struct_sheet_order.offset 
_struct_sheet_order.sense 
AA1 1 2 ? anti-parallel 
AA1 2 3 ? anti-parallel 
# 
loop_
_struct_sheet_range.sheet_id 
_struct_sheet_range.id 
_struct_sheet_range.beg_label_comp_id 
_struct_sheet_range.beg_label_asym_id 
_struct_sheet_range.beg_label_seq_id 
_struct_sheet_range.pdbx_beg_PDB_ins_code 
_struct_sheet_range.end_label_comp_id 
_struct_sheet_range.end_label_asym_id 
_struct_sheet_range.end_label_seq_id 
_struct_sheet_range.pdbx_end_PDB_ins_code 
_struct_sheet_range.beg_auth_comp_id 
_struct_sheet_range.beg_auth_asym_id 
_struct_sheet_range.beg_auth_seq_id 
_struct_sheet_range.end_auth_comp_id 
_struct_sheet_range.end_auth_asym_id 
_struct_sheet_range.end_auth_seq_id 
AA1 1 SER A 20 ? GLY A 22 ? SER A 28 GLY A 30 
AA1 2 CYS A 57 ? LEU A 60 ? CYS A 65 LEU A 68 
AA1 3 ILE A 51 ? LYS A 53 ? ILE A 59 LYS A 61 
# 
loop_
_pdbx_struct_sheet_hbond.sheet_id 
_pdbx_struct_sheet_hbond.range_id_1 
_pdbx_struct_sheet_hbond.range_id_2 
_pdbx_struct_sheet_hbond.range_1_label_atom_id 
_pdbx_struct_sheet_hbond.range_1_label_comp_id 
_pdbx_struct_sheet_hbond.range_1_label_asym_id 
_pdbx_struct_sheet_hbond.range_1_label_seq_id 
_pdbx_struct_sheet_hbond.range_1_PDB_ins_code 
_pdbx_struct_sheet_hbond.range_1_auth_atom_id 
_pdbx_struct_sheet_hbond.range_1_auth_comp_id 
_pdbx_struct_sheet_hbond.range_1_auth_asym_id 
_pdbx_struct_sheet_hbond.range_1_auth_seq_id 
_pdbx_struct_sheet_hbond.range_2_label_atom_id 
_pdbx_struct_sheet_hbond.range_2_label_comp_id 
_pdbx_struct_sheet_hbond.range_2_label_asym_id 
_pdbx_struct_sheet_hbond.range_2_label_seq_id 
_pdbx_struct_sheet_hbond.range_2_PDB_ins_code 
_pdbx_struct_sheet_hbond.range_2_auth_atom_id 
_pdbx_struct_sheet_hbond.range_2_auth_comp_id 
_pdbx_struct_sheet_hbond.range_2_auth_asym_id 
_pdbx_struct_sheet_hbond.range_2_auth_seq_id 
AA1 1 2 N VAL A 21 ? N VAL A 29 O TYR A 58 ? O TYR A 66 
AA1 2 3 O ASN A 59 ? O ASN A 67 N GLU A 52 ? N GLU A 60 
# 
_struct_site.id                   AC1 
_struct_site.pdbx_evidence_code   Software 
_struct_site.pdbx_auth_asym_id    A 
_struct_site.pdbx_auth_comp_id    EDO 
_struct_site.pdbx_auth_seq_id     101 
_struct_site.pdbx_auth_ins_code   ? 
_struct_site.pdbx_num_residues    9 
_struct_site.details              'binding site for residue EDO A 101' 
# 
loop_
_struct_site_gen.id 
_struct_site_gen.site_id 
_struct_site_gen.pdbx_num_res 
_struct_site_gen.label_comp_id 
_struct_site_gen.label_asym_id 
_struct_site_gen.label_seq_id 
_struct_site_gen.pdbx_auth_ins_code 
_struct_site_gen.auth_comp_id 
_struct_site_gen.auth_asym_id 
_struct_site_gen.auth_seq_id 
_struct_site_gen.label_atom_id 
_struct_site_gen.label_alt_id 
_struct_site_gen.symmetry 
_struct_site_gen.details 
1 AC1 9 GLY A 22 ? GLY A 30  . ? 5_555 ? 
2 AC1 9 GLY A 22 ? GLY A 30  . ? 1_555 ? 
3 AC1 9 GLU A 23 ? GLU A 31  . ? 1_555 ? 
4 AC1 9 GLU A 23 ? GLU A 31  . ? 5_555 ? 
5 AC1 9 ILE A 24 ? ILE A 32  . ? 1_555 ? 
6 AC1 9 ILE A 24 ? ILE A 32  . ? 5_555 ? 
7 AC1 9 VAL A 25 ? VAL A 33  . ? 5_555 ? 
8 AC1 9 GLY A 56 ? GLY A 64  . ? 1_555 ? 
9 AC1 9 HOH C .  ? HOH A 205 . ? 1_555 ? 
# 
_pdbx_entry_details.entry_id                   5N41 
_pdbx_entry_details.compound_details           ? 
_pdbx_entry_details.source_details             ? 
_pdbx_entry_details.nonpolymer_details         ? 
_pdbx_entry_details.sequence_details           ? 
_pdbx_entry_details.has_ligand_of_interest     ? 
_pdbx_entry_details.has_protein_modification   Y 
# 
loop_
_pdbx_validate_close_contact.id 
_pdbx_validate_close_contact.PDB_model_num 
_pdbx_validate_close_contact.auth_atom_id_1 
_pdbx_validate_close_contact.auth_asym_id_1 
_pdbx_validate_close_contact.auth_comp_id_1 
_pdbx_validate_close_contact.auth_seq_id_1 
_pdbx_validate_close_contact.PDB_ins_code_1 
_pdbx_validate_close_contact.label_alt_id_1 
_pdbx_validate_close_contact.auth_atom_id_2 
_pdbx_validate_close_contact.auth_asym_id_2 
_pdbx_validate_close_contact.auth_comp_id_2 
_pdbx_validate_close_contact.auth_seq_id_2 
_pdbx_validate_close_contact.PDB_ins_code_2 
_pdbx_validate_close_contact.label_alt_id_2 
_pdbx_validate_close_contact.dist 
1 1 O A HOH 214 ? ? O A HOH 250 ? ? 1.97 
2 1 O A HOH 211 ? ? O A HOH 227 ? ? 2.01 
3 1 O A HOH 270 ? ? O A HOH 274 ? ? 2.17 
# 
_pdbx_validate_torsion.id              1 
_pdbx_validate_torsion.PDB_model_num   1 
_pdbx_validate_torsion.auth_comp_id    ILE 
_pdbx_validate_torsion.auth_asym_id    A 
_pdbx_validate_torsion.auth_seq_id     27 
_pdbx_validate_torsion.PDB_ins_code    ? 
_pdbx_validate_torsion.label_alt_id    ? 
_pdbx_validate_torsion.phi             77.05 
_pdbx_validate_torsion.psi             -52.93 
# 
_pdbx_distant_solvent_atoms.id                                1 
_pdbx_distant_solvent_atoms.PDB_model_num                     1 
_pdbx_distant_solvent_atoms.auth_atom_id                      O 
_pdbx_distant_solvent_atoms.label_alt_id                      ? 
_pdbx_distant_solvent_atoms.auth_asym_id                      A 
_pdbx_distant_solvent_atoms.auth_comp_id                      HOH 
_pdbx_distant_solvent_atoms.auth_seq_id                       275 
_pdbx_distant_solvent_atoms.PDB_ins_code                      ? 
_pdbx_distant_solvent_atoms.neighbor_macromolecule_distance   6.98 
_pdbx_distant_solvent_atoms.neighbor_ligand_distance          . 
# 
loop_
_pdbx_unobs_or_zero_occ_residues.id 
_pdbx_unobs_or_zero_occ_residues.PDB_model_num 
_pdbx_unobs_or_zero_occ_residues.polymer_flag 
_pdbx_unobs_or_zero_occ_residues.occupancy_flag 
_pdbx_unobs_or_zero_occ_residues.auth_asym_id 
_pdbx_unobs_or_zero_occ_residues.auth_comp_id 
_pdbx_unobs_or_zero_occ_residues.auth_seq_id 
_pdbx_unobs_or_zero_occ_residues.PDB_ins_code 
_pdbx_unobs_or_zero_occ_residues.label_asym_id 
_pdbx_unobs_or_zero_occ_residues.label_comp_id 
_pdbx_unobs_or_zero_occ_residues.label_seq_id 
1  1 Y 1 A MET 9  ? A MET 1  
2  1 Y 1 A SER 10 ? A SER 2  
3  1 Y 1 A LYS 71 ? A LYS 63 
4  1 Y 1 A SER 72 ? A SER 64 
5  1 Y 1 A THR 73 ? A THR 65 
6  1 Y 1 A ASP 74 ? A ASP 66 
7  1 Y 1 A LYS 75 ? A LYS 67 
8  1 Y 1 A LYS 76 ? A LYS 68 
9  1 Y 1 A LEU 77 ? A LEU 69 
10 1 Y 1 A GLU 78 ? A GLU 70 
11 1 Y 1 A HIS 79 ? A HIS 71 
12 1 Y 1 A HIS 80 ? A HIS 72 
13 1 Y 1 A HIS 81 ? A HIS 73 
14 1 Y 1 A HIS 82 ? A HIS 74 
15 1 Y 1 A HIS 83 ? A HIS 75 
16 1 Y 1 A HIS 84 ? A HIS 76 
# 
loop_
_chem_comp_atom.comp_id 
_chem_comp_atom.atom_id 
_chem_comp_atom.type_symbol 
_chem_comp_atom.pdbx_aromatic_flag 
_chem_comp_atom.pdbx_stereo_config 
_chem_comp_atom.pdbx_ordinal 
ALA N    N N N 1   
ALA CA   C N S 2   
ALA C    C N N 3   
ALA O    O N N 4   
ALA CB   C N N 5   
ALA OXT  O N N 6   
ALA H    H N N 7   
ALA H2   H N N 8   
ALA HA   H N N 9   
ALA HB1  H N N 10  
ALA HB2  H N N 11  
ALA HB3  H N N 12  
ALA HXT  H N N 13  
ARG N    N N N 14  
ARG CA   C N S 15  
ARG C    C N N 16  
ARG O    O N N 17  
ARG CB   C N N 18  
ARG CG   C N N 19  
ARG CD   C N N 20  
ARG NE   N N N 21  
ARG CZ   C N N 22  
ARG NH1  N N N 23  
ARG NH2  N N N 24  
ARG OXT  O N N 25  
ARG H    H N N 26  
ARG H2   H N N 27  
ARG HA   H N N 28  
ARG HB2  H N N 29  
ARG HB3  H N N 30  
ARG HG2  H N N 31  
ARG HG3  H N N 32  
ARG HD2  H N N 33  
ARG HD3  H N N 34  
ARG HE   H N N 35  
ARG HH11 H N N 36  
ARG HH12 H N N 37  
ARG HH21 H N N 38  
ARG HH22 H N N 39  
ARG HXT  H N N 40  
ASN N    N N N 41  
ASN CA   C N S 42  
ASN C    C N N 43  
ASN O    O N N 44  
ASN CB   C N N 45  
ASN CG   C N N 46  
ASN OD1  O N N 47  
ASN ND2  N N N 48  
ASN OXT  O N N 49  
ASN H    H N N 50  
ASN H2   H N N 51  
ASN HA   H N N 52  
ASN HB2  H N N 53  
ASN HB3  H N N 54  
ASN HD21 H N N 55  
ASN HD22 H N N 56  
ASN HXT  H N N 57  
ASP N    N N N 58  
ASP CA   C N S 59  
ASP C    C N N 60  
ASP O    O N N 61  
ASP CB   C N N 62  
ASP CG   C N N 63  
ASP OD1  O N N 64  
ASP OD2  O N N 65  
ASP OXT  O N N 66  
ASP H    H N N 67  
ASP H2   H N N 68  
ASP HA   H N N 69  
ASP HB2  H N N 70  
ASP HB3  H N N 71  
ASP HD2  H N N 72  
ASP HXT  H N N 73  
CYS N    N N N 74  
CYS CA   C N R 75  
CYS C    C N N 76  
CYS O    O N N 77  
CYS CB   C N N 78  
CYS SG   S N N 79  
CYS OXT  O N N 80  
CYS H    H N N 81  
CYS H2   H N N 82  
CYS HA   H N N 83  
CYS HB2  H N N 84  
CYS HB3  H N N 85  
CYS HG   H N N 86  
CYS HXT  H N N 87  
EDO C1   C N N 88  
EDO O1   O N N 89  
EDO C2   C N N 90  
EDO O2   O N N 91  
EDO H11  H N N 92  
EDO H12  H N N 93  
EDO HO1  H N N 94  
EDO H21  H N N 95  
EDO H22  H N N 96  
EDO HO2  H N N 97  
GLN N    N N N 98  
GLN CA   C N S 99  
GLN C    C N N 100 
GLN O    O N N 101 
GLN CB   C N N 102 
GLN CG   C N N 103 
GLN CD   C N N 104 
GLN OE1  O N N 105 
GLN NE2  N N N 106 
GLN OXT  O N N 107 
GLN H    H N N 108 
GLN H2   H N N 109 
GLN HA   H N N 110 
GLN HB2  H N N 111 
GLN HB3  H N N 112 
GLN HG2  H N N 113 
GLN HG3  H N N 114 
GLN HE21 H N N 115 
GLN HE22 H N N 116 
GLN HXT  H N N 117 
GLU N    N N N 118 
GLU CA   C N S 119 
GLU C    C N N 120 
GLU O    O N N 121 
GLU CB   C N N 122 
GLU CG   C N N 123 
GLU CD   C N N 124 
GLU OE1  O N N 125 
GLU OE2  O N N 126 
GLU OXT  O N N 127 
GLU H    H N N 128 
GLU H2   H N N 129 
GLU HA   H N N 130 
GLU HB2  H N N 131 
GLU HB3  H N N 132 
GLU HG2  H N N 133 
GLU HG3  H N N 134 
GLU HE2  H N N 135 
GLU HXT  H N N 136 
GLY N    N N N 137 
GLY CA   C N N 138 
GLY C    C N N 139 
GLY O    O N N 140 
GLY OXT  O N N 141 
GLY H    H N N 142 
GLY H2   H N N 143 
GLY HA2  H N N 144 
GLY HA3  H N N 145 
GLY HXT  H N N 146 
HIS N    N N N 147 
HIS CA   C N S 148 
HIS C    C N N 149 
HIS O    O N N 150 
HIS CB   C N N 151 
HIS CG   C Y N 152 
HIS ND1  N Y N 153 
HIS CD2  C Y N 154 
HIS CE1  C Y N 155 
HIS NE2  N Y N 156 
HIS OXT  O N N 157 
HIS H    H N N 158 
HIS H2   H N N 159 
HIS HA   H N N 160 
HIS HB2  H N N 161 
HIS HB3  H N N 162 
HIS HD1  H N N 163 
HIS HD2  H N N 164 
HIS HE1  H N N 165 
HIS HE2  H N N 166 
HIS HXT  H N N 167 
HOH O    O N N 168 
HOH H1   H N N 169 
HOH H2   H N N 170 
ILE N    N N N 171 
ILE CA   C N S 172 
ILE C    C N N 173 
ILE O    O N N 174 
ILE CB   C N S 175 
ILE CG1  C N N 176 
ILE CG2  C N N 177 
ILE CD1  C N N 178 
ILE OXT  O N N 179 
ILE H    H N N 180 
ILE H2   H N N 181 
ILE HA   H N N 182 
ILE HB   H N N 183 
ILE HG12 H N N 184 
ILE HG13 H N N 185 
ILE HG21 H N N 186 
ILE HG22 H N N 187 
ILE HG23 H N N 188 
ILE HD11 H N N 189 
ILE HD12 H N N 190 
ILE HD13 H N N 191 
ILE HXT  H N N 192 
LEU N    N N N 193 
LEU CA   C N S 194 
LEU C    C N N 195 
LEU O    O N N 196 
LEU CB   C N N 197 
LEU CG   C N N 198 
LEU CD1  C N N 199 
LEU CD2  C N N 200 
LEU OXT  O N N 201 
LEU H    H N N 202 
LEU H2   H N N 203 
LEU HA   H N N 204 
LEU HB2  H N N 205 
LEU HB3  H N N 206 
LEU HG   H N N 207 
LEU HD11 H N N 208 
LEU HD12 H N N 209 
LEU HD13 H N N 210 
LEU HD21 H N N 211 
LEU HD22 H N N 212 
LEU HD23 H N N 213 
LEU HXT  H N N 214 
LYS N    N N N 215 
LYS CA   C N S 216 
LYS C    C N N 217 
LYS O    O N N 218 
LYS CB   C N N 219 
LYS CG   C N N 220 
LYS CD   C N N 221 
LYS CE   C N N 222 
LYS NZ   N N N 223 
LYS OXT  O N N 224 
LYS H    H N N 225 
LYS H2   H N N 226 
LYS HA   H N N 227 
LYS HB2  H N N 228 
LYS HB3  H N N 229 
LYS HG2  H N N 230 
LYS HG3  H N N 231 
LYS HD2  H N N 232 
LYS HD3  H N N 233 
LYS HE2  H N N 234 
LYS HE3  H N N 235 
LYS HZ1  H N N 236 
LYS HZ2  H N N 237 
LYS HZ3  H N N 238 
LYS HXT  H N N 239 
MET N    N N N 240 
MET CA   C N S 241 
MET C    C N N 242 
MET O    O N N 243 
MET CB   C N N 244 
MET CG   C N N 245 
MET SD   S N N 246 
MET CE   C N N 247 
MET OXT  O N N 248 
MET H    H N N 249 
MET H2   H N N 250 
MET HA   H N N 251 
MET HB2  H N N 252 
MET HB3  H N N 253 
MET HG2  H N N 254 
MET HG3  H N N 255 
MET HE1  H N N 256 
MET HE2  H N N 257 
MET HE3  H N N 258 
MET HXT  H N N 259 
PHE N    N N N 260 
PHE CA   C N S 261 
PHE C    C N N 262 
PHE O    O N N 263 
PHE CB   C N N 264 
PHE CG   C Y N 265 
PHE CD1  C Y N 266 
PHE CD2  C Y N 267 
PHE CE1  C Y N 268 
PHE CE2  C Y N 269 
PHE CZ   C Y N 270 
PHE OXT  O N N 271 
PHE H    H N N 272 
PHE H2   H N N 273 
PHE HA   H N N 274 
PHE HB2  H N N 275 
PHE HB3  H N N 276 
PHE HD1  H N N 277 
PHE HD2  H N N 278 
PHE HE1  H N N 279 
PHE HE2  H N N 280 
PHE HZ   H N N 281 
PHE HXT  H N N 282 
PRO N    N N N 283 
PRO CA   C N S 284 
PRO C    C N N 285 
PRO O    O N N 286 
PRO CB   C N N 287 
PRO CG   C N N 288 
PRO CD   C N N 289 
PRO OXT  O N N 290 
PRO H    H N N 291 
PRO HA   H N N 292 
PRO HB2  H N N 293 
PRO HB3  H N N 294 
PRO HG2  H N N 295 
PRO HG3  H N N 296 
PRO HD2  H N N 297 
PRO HD3  H N N 298 
PRO HXT  H N N 299 
SER N    N N N 300 
SER CA   C N S 301 
SER C    C N N 302 
SER O    O N N 303 
SER CB   C N N 304 
SER OG   O N N 305 
SER OXT  O N N 306 
SER H    H N N 307 
SER H2   H N N 308 
SER HA   H N N 309 
SER HB2  H N N 310 
SER HB3  H N N 311 
SER HG   H N N 312 
SER HXT  H N N 313 
THR N    N N N 314 
THR CA   C N S 315 
THR C    C N N 316 
THR O    O N N 317 
THR CB   C N R 318 
THR OG1  O N N 319 
THR CG2  C N N 320 
THR OXT  O N N 321 
THR H    H N N 322 
THR H2   H N N 323 
THR HA   H N N 324 
THR HB   H N N 325 
THR HG1  H N N 326 
THR HG21 H N N 327 
THR HG22 H N N 328 
THR HG23 H N N 329 
THR HXT  H N N 330 
TYR N    N N N 331 
TYR CA   C N S 332 
TYR C    C N N 333 
TYR O    O N N 334 
TYR CB   C N N 335 
TYR CG   C Y N 336 
TYR CD1  C Y N 337 
TYR CD2  C Y N 338 
TYR CE1  C Y N 339 
TYR CE2  C Y N 340 
TYR CZ   C Y N 341 
TYR OH   O N N 342 
TYR OXT  O N N 343 
TYR H    H N N 344 
TYR H2   H N N 345 
TYR HA   H N N 346 
TYR HB2  H N N 347 
TYR HB3  H N N 348 
TYR HD1  H N N 349 
TYR HD2  H N N 350 
TYR HE1  H N N 351 
TYR HE2  H N N 352 
TYR HH   H N N 353 
TYR HXT  H N N 354 
VAL N    N N N 355 
VAL CA   C N S 356 
VAL C    C N N 357 
VAL O    O N N 358 
VAL CB   C N N 359 
VAL CG1  C N N 360 
VAL CG2  C N N 361 
VAL OXT  O N N 362 
VAL H    H N N 363 
VAL H2   H N N 364 
VAL HA   H N N 365 
VAL HB   H N N 366 
VAL HG11 H N N 367 
VAL HG12 H N N 368 
VAL HG13 H N N 369 
VAL HG21 H N N 370 
VAL HG22 H N N 371 
VAL HG23 H N N 372 
VAL HXT  H N N 373 
# 
loop_
_chem_comp_bond.comp_id 
_chem_comp_bond.atom_id_1 
_chem_comp_bond.atom_id_2 
_chem_comp_bond.value_order 
_chem_comp_bond.pdbx_aromatic_flag 
_chem_comp_bond.pdbx_stereo_config 
_chem_comp_bond.pdbx_ordinal 
ALA N   CA   sing N N 1   
ALA N   H    sing N N 2   
ALA N   H2   sing N N 3   
ALA CA  C    sing N N 4   
ALA CA  CB   sing N N 5   
ALA CA  HA   sing N N 6   
ALA C   O    doub N N 7   
ALA C   OXT  sing N N 8   
ALA CB  HB1  sing N N 9   
ALA CB  HB2  sing N N 10  
ALA CB  HB3  sing N N 11  
ALA OXT HXT  sing N N 12  
ARG N   CA   sing N N 13  
ARG N   H    sing N N 14  
ARG N   H2   sing N N 15  
ARG CA  C    sing N N 16  
ARG CA  CB   sing N N 17  
ARG CA  HA   sing N N 18  
ARG C   O    doub N N 19  
ARG C   OXT  sing N N 20  
ARG CB  CG   sing N N 21  
ARG CB  HB2  sing N N 22  
ARG CB  HB3  sing N N 23  
ARG CG  CD   sing N N 24  
ARG CG  HG2  sing N N 25  
ARG CG  HG3  sing N N 26  
ARG CD  NE   sing N N 27  
ARG CD  HD2  sing N N 28  
ARG CD  HD3  sing N N 29  
ARG NE  CZ   sing N N 30  
ARG NE  HE   sing N N 31  
ARG CZ  NH1  sing N N 32  
ARG CZ  NH2  doub N N 33  
ARG NH1 HH11 sing N N 34  
ARG NH1 HH12 sing N N 35  
ARG NH2 HH21 sing N N 36  
ARG NH2 HH22 sing N N 37  
ARG OXT HXT  sing N N 38  
ASN N   CA   sing N N 39  
ASN N   H    sing N N 40  
ASN N   H2   sing N N 41  
ASN CA  C    sing N N 42  
ASN CA  CB   sing N N 43  
ASN CA  HA   sing N N 44  
ASN C   O    doub N N 45  
ASN C   OXT  sing N N 46  
ASN CB  CG   sing N N 47  
ASN CB  HB2  sing N N 48  
ASN CB  HB3  sing N N 49  
ASN CG  OD1  doub N N 50  
ASN CG  ND2  sing N N 51  
ASN ND2 HD21 sing N N 52  
ASN ND2 HD22 sing N N 53  
ASN OXT HXT  sing N N 54  
ASP N   CA   sing N N 55  
ASP N   H    sing N N 56  
ASP N   H2   sing N N 57  
ASP CA  C    sing N N 58  
ASP CA  CB   sing N N 59  
ASP CA  HA   sing N N 60  
ASP C   O    doub N N 61  
ASP C   OXT  sing N N 62  
ASP CB  CG   sing N N 63  
ASP CB  HB2  sing N N 64  
ASP CB  HB3  sing N N 65  
ASP CG  OD1  doub N N 66  
ASP CG  OD2  sing N N 67  
ASP OD2 HD2  sing N N 68  
ASP OXT HXT  sing N N 69  
CYS N   CA   sing N N 70  
CYS N   H    sing N N 71  
CYS N   H2   sing N N 72  
CYS CA  C    sing N N 73  
CYS CA  CB   sing N N 74  
CYS CA  HA   sing N N 75  
CYS C   O    doub N N 76  
CYS C   OXT  sing N N 77  
CYS CB  SG   sing N N 78  
CYS CB  HB2  sing N N 79  
CYS CB  HB3  sing N N 80  
CYS SG  HG   sing N N 81  
CYS OXT HXT  sing N N 82  
EDO C1  O1   sing N N 83  
EDO C1  C2   sing N N 84  
EDO C1  H11  sing N N 85  
EDO C1  H12  sing N N 86  
EDO O1  HO1  sing N N 87  
EDO C2  O2   sing N N 88  
EDO C2  H21  sing N N 89  
EDO C2  H22  sing N N 90  
EDO O2  HO2  sing N N 91  
GLN N   CA   sing N N 92  
GLN N   H    sing N N 93  
GLN N   H2   sing N N 94  
GLN CA  C    sing N N 95  
GLN CA  CB   sing N N 96  
GLN CA  HA   sing N N 97  
GLN C   O    doub N N 98  
GLN C   OXT  sing N N 99  
GLN CB  CG   sing N N 100 
GLN CB  HB2  sing N N 101 
GLN CB  HB3  sing N N 102 
GLN CG  CD   sing N N 103 
GLN CG  HG2  sing N N 104 
GLN CG  HG3  sing N N 105 
GLN CD  OE1  doub N N 106 
GLN CD  NE2  sing N N 107 
GLN NE2 HE21 sing N N 108 
GLN NE2 HE22 sing N N 109 
GLN OXT HXT  sing N N 110 
GLU N   CA   sing N N 111 
GLU N   H    sing N N 112 
GLU N   H2   sing N N 113 
GLU CA  C    sing N N 114 
GLU CA  CB   sing N N 115 
GLU CA  HA   sing N N 116 
GLU C   O    doub N N 117 
GLU C   OXT  sing N N 118 
GLU CB  CG   sing N N 119 
GLU CB  HB2  sing N N 120 
GLU CB  HB3  sing N N 121 
GLU CG  CD   sing N N 122 
GLU CG  HG2  sing N N 123 
GLU CG  HG3  sing N N 124 
GLU CD  OE1  doub N N 125 
GLU CD  OE2  sing N N 126 
GLU OE2 HE2  sing N N 127 
GLU OXT HXT  sing N N 128 
GLY N   CA   sing N N 129 
GLY N   H    sing N N 130 
GLY N   H2   sing N N 131 
GLY CA  C    sing N N 132 
GLY CA  HA2  sing N N 133 
GLY CA  HA3  sing N N 134 
GLY C   O    doub N N 135 
GLY C   OXT  sing N N 136 
GLY OXT HXT  sing N N 137 
HIS N   CA   sing N N 138 
HIS N   H    sing N N 139 
HIS N   H2   sing N N 140 
HIS CA  C    sing N N 141 
HIS CA  CB   sing N N 142 
HIS CA  HA   sing N N 143 
HIS C   O    doub N N 144 
HIS C   OXT  sing N N 145 
HIS CB  CG   sing N N 146 
HIS CB  HB2  sing N N 147 
HIS CB  HB3  sing N N 148 
HIS CG  ND1  sing Y N 149 
HIS CG  CD2  doub Y N 150 
HIS ND1 CE1  doub Y N 151 
HIS ND1 HD1  sing N N 152 
HIS CD2 NE2  sing Y N 153 
HIS CD2 HD2  sing N N 154 
HIS CE1 NE2  sing Y N 155 
HIS CE1 HE1  sing N N 156 
HIS NE2 HE2  sing N N 157 
HIS OXT HXT  sing N N 158 
HOH O   H1   sing N N 159 
HOH O   H2   sing N N 160 
ILE N   CA   sing N N 161 
ILE N   H    sing N N 162 
ILE N   H2   sing N N 163 
ILE CA  C    sing N N 164 
ILE CA  CB   sing N N 165 
ILE CA  HA   sing N N 166 
ILE C   O    doub N N 167 
ILE C   OXT  sing N N 168 
ILE CB  CG1  sing N N 169 
ILE CB  CG2  sing N N 170 
ILE CB  HB   sing N N 171 
ILE CG1 CD1  sing N N 172 
ILE CG1 HG12 sing N N 173 
ILE CG1 HG13 sing N N 174 
ILE CG2 HG21 sing N N 175 
ILE CG2 HG22 sing N N 176 
ILE CG2 HG23 sing N N 177 
ILE CD1 HD11 sing N N 178 
ILE CD1 HD12 sing N N 179 
ILE CD1 HD13 sing N N 180 
ILE OXT HXT  sing N N 181 
LEU N   CA   sing N N 182 
LEU N   H    sing N N 183 
LEU N   H2   sing N N 184 
LEU CA  C    sing N N 185 
LEU CA  CB   sing N N 186 
LEU CA  HA   sing N N 187 
LEU C   O    doub N N 188 
LEU C   OXT  sing N N 189 
LEU CB  CG   sing N N 190 
LEU CB  HB2  sing N N 191 
LEU CB  HB3  sing N N 192 
LEU CG  CD1  sing N N 193 
LEU CG  CD2  sing N N 194 
LEU CG  HG   sing N N 195 
LEU CD1 HD11 sing N N 196 
LEU CD1 HD12 sing N N 197 
LEU CD1 HD13 sing N N 198 
LEU CD2 HD21 sing N N 199 
LEU CD2 HD22 sing N N 200 
LEU CD2 HD23 sing N N 201 
LEU OXT HXT  sing N N 202 
LYS N   CA   sing N N 203 
LYS N   H    sing N N 204 
LYS N   H2   sing N N 205 
LYS CA  C    sing N N 206 
LYS CA  CB   sing N N 207 
LYS CA  HA   sing N N 208 
LYS C   O    doub N N 209 
LYS C   OXT  sing N N 210 
LYS CB  CG   sing N N 211 
LYS CB  HB2  sing N N 212 
LYS CB  HB3  sing N N 213 
LYS CG  CD   sing N N 214 
LYS CG  HG2  sing N N 215 
LYS CG  HG3  sing N N 216 
LYS CD  CE   sing N N 217 
LYS CD  HD2  sing N N 218 
LYS CD  HD3  sing N N 219 
LYS CE  NZ   sing N N 220 
LYS CE  HE2  sing N N 221 
LYS CE  HE3  sing N N 222 
LYS NZ  HZ1  sing N N 223 
LYS NZ  HZ2  sing N N 224 
LYS NZ  HZ3  sing N N 225 
LYS OXT HXT  sing N N 226 
MET N   CA   sing N N 227 
MET N   H    sing N N 228 
MET N   H2   sing N N 229 
MET CA  C    sing N N 230 
MET CA  CB   sing N N 231 
MET CA  HA   sing N N 232 
MET C   O    doub N N 233 
MET C   OXT  sing N N 234 
MET CB  CG   sing N N 235 
MET CB  HB2  sing N N 236 
MET CB  HB3  sing N N 237 
MET CG  SD   sing N N 238 
MET CG  HG2  sing N N 239 
MET CG  HG3  sing N N 240 
MET SD  CE   sing N N 241 
MET CE  HE1  sing N N 242 
MET CE  HE2  sing N N 243 
MET CE  HE3  sing N N 244 
MET OXT HXT  sing N N 245 
PHE N   CA   sing N N 246 
PHE N   H    sing N N 247 
PHE N   H2   sing N N 248 
PHE CA  C    sing N N 249 
PHE CA  CB   sing N N 250 
PHE CA  HA   sing N N 251 
PHE C   O    doub N N 252 
PHE C   OXT  sing N N 253 
PHE CB  CG   sing N N 254 
PHE CB  HB2  sing N N 255 
PHE CB  HB3  sing N N 256 
PHE CG  CD1  doub Y N 257 
PHE CG  CD2  sing Y N 258 
PHE CD1 CE1  sing Y N 259 
PHE CD1 HD1  sing N N 260 
PHE CD2 CE2  doub Y N 261 
PHE CD2 HD2  sing N N 262 
PHE CE1 CZ   doub Y N 263 
PHE CE1 HE1  sing N N 264 
PHE CE2 CZ   sing Y N 265 
PHE CE2 HE2  sing N N 266 
PHE CZ  HZ   sing N N 267 
PHE OXT HXT  sing N N 268 
PRO N   CA   sing N N 269 
PRO N   CD   sing N N 270 
PRO N   H    sing N N 271 
PRO CA  C    sing N N 272 
PRO CA  CB   sing N N 273 
PRO CA  HA   sing N N 274 
PRO C   O    doub N N 275 
PRO C   OXT  sing N N 276 
PRO CB  CG   sing N N 277 
PRO CB  HB2  sing N N 278 
PRO CB  HB3  sing N N 279 
PRO CG  CD   sing N N 280 
PRO CG  HG2  sing N N 281 
PRO CG  HG3  sing N N 282 
PRO CD  HD2  sing N N 283 
PRO CD  HD3  sing N N 284 
PRO OXT HXT  sing N N 285 
SER N   CA   sing N N 286 
SER N   H    sing N N 287 
SER N   H2   sing N N 288 
SER CA  C    sing N N 289 
SER CA  CB   sing N N 290 
SER CA  HA   sing N N 291 
SER C   O    doub N N 292 
SER C   OXT  sing N N 293 
SER CB  OG   sing N N 294 
SER CB  HB2  sing N N 295 
SER CB  HB3  sing N N 296 
SER OG  HG   sing N N 297 
SER OXT HXT  sing N N 298 
THR N   CA   sing N N 299 
THR N   H    sing N N 300 
THR N   H2   sing N N 301 
THR CA  C    sing N N 302 
THR CA  CB   sing N N 303 
THR CA  HA   sing N N 304 
THR C   O    doub N N 305 
THR C   OXT  sing N N 306 
THR CB  OG1  sing N N 307 
THR CB  CG2  sing N N 308 
THR CB  HB   sing N N 309 
THR OG1 HG1  sing N N 310 
THR CG2 HG21 sing N N 311 
THR CG2 HG22 sing N N 312 
THR CG2 HG23 sing N N 313 
THR OXT HXT  sing N N 314 
TYR N   CA   sing N N 315 
TYR N   H    sing N N 316 
TYR N   H2   sing N N 317 
TYR CA  C    sing N N 318 
TYR CA  CB   sing N N 319 
TYR CA  HA   sing N N 320 
TYR C   O    doub N N 321 
TYR C   OXT  sing N N 322 
TYR CB  CG   sing N N 323 
TYR CB  HB2  sing N N 324 
TYR CB  HB3  sing N N 325 
TYR CG  CD1  doub Y N 326 
TYR CG  CD2  sing Y N 327 
TYR CD1 CE1  sing Y N 328 
TYR CD1 HD1  sing N N 329 
TYR CD2 CE2  doub Y N 330 
TYR CD2 HD2  sing N N 331 
TYR CE1 CZ   doub Y N 332 
TYR CE1 HE1  sing N N 333 
TYR CE2 CZ   sing Y N 334 
TYR CE2 HE2  sing N N 335 
TYR CZ  OH   sing N N 336 
TYR OH  HH   sing N N 337 
TYR OXT HXT  sing N N 338 
VAL N   CA   sing N N 339 
VAL N   H    sing N N 340 
VAL N   H2   sing N N 341 
VAL CA  C    sing N N 342 
VAL CA  CB   sing N N 343 
VAL CA  HA   sing N N 344 
VAL C   O    doub N N 345 
VAL C   OXT  sing N N 346 
VAL CB  CG1  sing N N 347 
VAL CB  CG2  sing N N 348 
VAL CB  HB   sing N N 349 
VAL CG1 HG11 sing N N 350 
VAL CG1 HG12 sing N N 351 
VAL CG1 HG13 sing N N 352 
VAL CG2 HG21 sing N N 353 
VAL CG2 HG22 sing N N 354 
VAL CG2 HG23 sing N N 355 
VAL OXT HXT  sing N N 356 
# 
_pdbx_initial_refinement_model.id               1 
_pdbx_initial_refinement_model.entity_id_list   ? 
_pdbx_initial_refinement_model.type             'experimental model' 
_pdbx_initial_refinement_model.source_name      PDB 
_pdbx_initial_refinement_model.accession_code   5N35 
_pdbx_initial_refinement_model.details          ? 
# 
_atom_sites.entry_id                    5N41 
_atom_sites.fract_transf_matrix[1][1]   0.00522588 
_atom_sites.fract_transf_matrix[1][2]   0.01184465 
_atom_sites.fract_transf_matrix[1][3]   -0.01349236 
_atom_sites.fract_transf_matrix[2][1]   0.00527217 
_atom_sites.fract_transf_matrix[2][2]   -0.00657920 
_atom_sites.fract_transf_matrix[2][3]   -0.01669044 
_atom_sites.fract_transf_matrix[3][1]   -0.02675114 
_atom_sites.fract_transf_matrix[3][2]   0.00150239 
_atom_sites.fract_transf_matrix[3][3]   -0.00904237 
_atom_sites.fract_transf_vector[1]      -0.379236 
_atom_sites.fract_transf_vector[2]      0.135987 
_atom_sites.fract_transf_vector[3]      0.424756 
# 
loop_
_atom_type.symbol 
C 
H 
N 
O 
S 
# 
loop_
_atom_site.group_PDB 
_atom_site.id 
_atom_site.type_symbol 
_atom_site.label_atom_id 
_atom_site.label_alt_id 
_atom_site.label_comp_id 
_atom_site.label_asym_id 
_atom_site.label_entity_id 
_atom_site.label_seq_id 
_atom_site.pdbx_PDB_ins_code 
_atom_site.Cartn_x 
_atom_site.Cartn_y 
_atom_site.Cartn_z 
_atom_site.occupancy 
_atom_site.B_iso_or_equiv 
_atom_site.pdbx_formal_charge 
_atom_site.auth_seq_id 
_atom_site.auth_comp_id 
_atom_site.auth_asym_id 
_atom_site.auth_atom_id 
_atom_site.pdbx_PDB_model_num 
ATOM   1    N N    . VAL A 1 3  ? -11.268 2.771   -7.321  1.00 39.59 ? 11  VAL A N    1 
ATOM   2    C CA   . VAL A 1 3  ? -9.876  2.325   -7.326  1.00 37.25 ? 11  VAL A CA   1 
ATOM   3    C C    . VAL A 1 3  ? -9.649  1.275   -8.400  1.00 33.38 ? 11  VAL A C    1 
ATOM   4    O O    . VAL A 1 3  ? -10.362 0.285   -8.499  1.00 36.31 ? 11  VAL A O    1 
ATOM   5    C CB   . VAL A 1 3  ? -9.445  1.799   -5.944  1.00 40.00 ? 11  VAL A CB   1 
ATOM   6    C CG1  . VAL A 1 3  ? -8.035  1.238   -5.993  1.00 39.38 ? 11  VAL A CG1  1 
ATOM   7    C CG2  . VAL A 1 3  ? -9.528  2.904   -4.900  1.00 43.27 ? 11  VAL A CG2  1 
ATOM   8    H HA   . VAL A 1 3  ? -9.312  3.085   -7.538  1.00 44.74 ? 11  VAL A HA   1 
ATOM   9    H HB   . VAL A 1 3  ? -10.044 1.084   -5.675  1.00 48.05 ? 11  VAL A HB   1 
ATOM   10   H HG11 . VAL A 1 3  ? -7.793  0.915   -5.112  1.00 47.30 ? 11  VAL A HG11 1 
ATOM   11   H HG12 . VAL A 1 3  ? -8.009  0.508   -6.632  1.00 47.30 ? 11  VAL A HG12 1 
ATOM   12   H HG13 . VAL A 1 3  ? -7.426  1.941   -6.268  1.00 47.30 ? 11  VAL A HG13 1 
ATOM   13   H HG21 . VAL A 1 3  ? -9.251  2.547   -4.041  1.00 51.97 ? 11  VAL A HG21 1 
ATOM   14   H HG22 . VAL A 1 3  ? -8.938  3.629   -5.162  1.00 51.97 ? 11  VAL A HG22 1 
ATOM   15   H HG23 . VAL A 1 3  ? -10.443 3.222   -4.848  1.00 51.97 ? 11  VAL A HG23 1 
ATOM   16   N N    . ASN A 1 4  ? -8.618  1.501   -9.191  1.00 30.81 ? 12  ASN A N    1 
ATOM   17   C CA   . ASN A 1 4  ? -8.310  0.640   -10.315 1.00 27.38 ? 12  ASN A CA   1 
ATOM   18   C C    . ASN A 1 4  ? -7.700  -0.694  -9.874  1.00 24.36 ? 12  ASN A C    1 
ATOM   19   O O    . ASN A 1 4  ? -6.810  -0.753  -9.034  1.00 22.96 ? 12  ASN A O    1 
ATOM   20   C CB   . ASN A 1 4  ? -7.347  1.392   -11.221 1.00 30.32 ? 12  ASN A CB   1 
ATOM   21   C CG   . ASN A 1 4  ? -6.819  0.543   -12.320 1.00 29.69 ? 12  ASN A CG   1 
ATOM   22   O OD1  . ASN A 1 4  ? -5.736  -0.029  -12.214 1.00 26.61 ? 12  ASN A OD1  1 
ATOM   23   N ND2  . ASN A 1 4  ? -7.574  0.449   -13.398 1.00 31.26 ? 12  ASN A ND2  1 
ATOM   24   H H    . ASN A 1 4  ? -8.072  2.158   -9.096  1.00 37.02 ? 12  ASN A H    1 
ATOM   25   H HA   . ASN A 1 4  ? -9.121  0.456   -10.813 1.00 32.90 ? 12  ASN A HA   1 
ATOM   26   H HB2  . ASN A 1 4  ? -7.811  2.145   -11.619 1.00 36.43 ? 12  ASN A HB2  1 
ATOM   27   H HB3  . ASN A 1 4  ? -6.595  1.705   -10.695 1.00 36.43 ? 12  ASN A HB3  1 
ATOM   28   H HD21 . ASN A 1 4  ? -7.316  -0.030  -14.063 1.00 37.55 ? 12  ASN A HD21 1 
ATOM   29   H HD22 . ASN A 1 4  ? -8.326  0.866   -13.435 1.00 37.55 ? 12  ASN A HD22 1 
ATOM   30   N N    . GLN A 1 5  ? -8.160  -1.774  -10.479 1.00 22.51 ? 13  GLN A N    1 
ATOM   31   C CA   . GLN A 1 5  ? -7.768  -3.111  -10.036 1.00 21.13 ? 13  GLN A CA   1 
ATOM   32   C C    . GLN A 1 5  ? -6.298  -3.416  -10.307 1.00 18.47 ? 13  GLN A C    1 
ATOM   33   O O    . GLN A 1 5  ? -5.635  -4.075  -9.492  1.00 16.71 ? 13  GLN A O    1 
ATOM   34   C CB   . GLN A 1 5  ? -8.593  -4.138  -10.770 1.00 23.66 ? 13  GLN A CB   1 
ATOM   35   C CG   . GLN A 1 5  ? -8.758  -5.379  -10.008 1.00 25.53 ? 13  GLN A CG   1 
ATOM   36   C CD   . GLN A 1 5  ? -9.429  -5.147  -8.673  1.00 27.32 ? 13  GLN A CD   1 
ATOM   37   O OE1  . GLN A 1 5  ? -9.103  -5.811  -7.712  1.00 25.72 ? 13  GLN A OE1  1 
ATOM   38   N NE2  . GLN A 1 5  ? -10.354 -4.184  -8.603  1.00 27.02 ? 13  GLN A NE2  1 
ATOM   39   H H    . GLN A 1 5  ? -8.702  -1.766  -11.147 1.00 27.06 ? 13  GLN A H    1 
ATOM   40   H HA   . GLN A 1 5  ? -7.933  -3.201  -9.085  1.00 25.40 ? 13  GLN A HA   1 
ATOM   41   H HB2  . GLN A 1 5  ? -9.474  -3.772  -10.942 1.00 28.44 ? 13  GLN A HB2  1 
ATOM   42   H HB3  . GLN A 1 5  ? -8.155  -4.356  -11.608 1.00 28.44 ? 13  GLN A HB3  1 
ATOM   43   H HG2  . GLN A 1 5  ? -9.306  -5.995  -10.519 1.00 30.68 ? 13  GLN A HG2  1 
ATOM   44   H HG3  . GLN A 1 5  ? -7.884  -5.769  -9.843  1.00 30.68 ? 13  GLN A HG3  1 
ATOM   45   H HE21 . GLN A 1 5  ? -10.548 -3.723  -9.302  1.00 32.47 ? 13  GLN A HE21 1 
ATOM   46   H HE22 . GLN A 1 5  ? -10.755 -4.026  -7.859  1.00 32.47 ? 13  GLN A HE22 1 
ATOM   47   N N    . LYS A 1 6  ? -5.780  -2.983  -11.453 1.00 19.79 ? 14  LYS A N    1 
ATOM   48   C CA   . LYS A 1 6  ? -4.360  -3.158  -11.715 1.00 18.30 ? 14  LYS A CA   1 
ATOM   49   C C    . LYS A 1 6  ? -3.529  -2.451  -10.654 1.00 17.95 ? 14  LYS A C    1 
ATOM   50   O O    . LYS A 1 6  ? -2.545  -3.009  -10.160 1.00 16.70 ? 14  LYS A O    1 
ATOM   51   C CB   . LYS A 1 6  ? -4.025  -2.661  -13.117 1.00 22.61 ? 14  LYS A CB   1 
ATOM   52   C CG   . LYS A 1 6  ? -2.540  -2.618  -13.461 1.00 27.17 ? 14  LYS A CG   1 
ATOM   53   C CD   . LYS A 1 6  ? -1.810  -3.935  -13.260 1.00 34.32 ? 14  LYS A CD   1 
ATOM   54   C CE   . LYS A 1 6  ? -0.374  -3.860  -13.787 1.00 40.97 ? 14  LYS A CE   1 
ATOM   55   N NZ   . LYS A 1 6  ? 0.325   -5.169  -13.666 1.00 45.55 ? 14  LYS A NZ   1 
ATOM   56   H H    . LYS A 1 6  ? -6.220  -2.593  -12.082 1.00 23.80 ? 14  LYS A H    1 
ATOM   57   H HA   . LYS A 1 6  ? -4.150  -4.104  -11.677 1.00 22.01 ? 14  LYS A HA   1 
ATOM   58   H HB2  . LYS A 1 6  ? -4.456  -3.245  -13.760 1.00 27.17 ? 14  LYS A HB2  1 
ATOM   59   H HB3  . LYS A 1 6  ? -4.372  -1.761  -13.214 1.00 27.17 ? 14  LYS A HB3  1 
ATOM   60   H HG2  . LYS A 1 6  ? -2.444  -2.367  -14.393 1.00 32.66 ? 14  LYS A HG2  1 
ATOM   61   H HG3  . LYS A 1 6  ? -2.110  -1.955  -12.898 1.00 32.66 ? 14  LYS A HG3  1 
ATOM   62   H HD2  . LYS A 1 6  ? -1.776  -4.143  -12.312 1.00 41.23 ? 14  LYS A HD2  1 
ATOM   63   H HD3  . LYS A 1 6  ? -2.275  -4.637  -13.742 1.00 41.23 ? 14  LYS A HD3  1 
ATOM   64   H HE2  . LYS A 1 6  ? -0.391  -3.609  -14.724 1.00 49.21 ? 14  LYS A HE2  1 
ATOM   65   H HE3  . LYS A 1 6  ? 0.120   -3.202  -13.273 1.00 49.21 ? 14  LYS A HE3  1 
ATOM   66   H HZ1  . LYS A 1 6  ? 1.155   -5.099  -13.978 1.00 54.71 ? 14  LYS A HZ1  1 
ATOM   67   H HZ2  . LYS A 1 6  ? 0.356   -5.419  -12.813 1.00 54.71 ? 14  LYS A HZ2  1 
ATOM   68   H HZ3  . LYS A 1 6  ? -0.109  -5.789  -14.134 1.00 54.71 ? 14  LYS A HZ3  1 
ATOM   69   N N    . GLU A 1 7  ? -3.949  -1.250  -10.245 1.00 18.01 ? 15  GLU A N    1 
ATOM   70   C CA   . GLU A 1 7  ? -3.229  -0.534  -9.192  1.00 17.38 ? 15  GLU A CA   1 
ATOM   71   C C    . GLU A 1 7  ? -3.286  -1.285  -7.862  1.00 15.81 ? 15  GLU A C    1 
ATOM   72   O O    . GLU A 1 7  ? -2.305  -1.324  -7.118  1.00 15.44 ? 15  GLU A O    1 
ATOM   73   C CB   . GLU A 1 7  ? -3.745  0.900   -9.075  1.00 20.56 ? 15  GLU A CB   1 
ATOM   74   C CG   . GLU A 1 7  ? -3.429  1.696   -10.316 1.00 24.40 ? 15  GLU A CG   1 
ATOM   75   C CD   . GLU A 1 7  ? -3.819  3.155   -10.221 1.00 30.54 ? 15  GLU A CD   1 
ATOM   76   O OE1  . GLU A 1 7  ? -4.386  3.568   -9.191  1.00 31.69 ? 15  GLU A OE1  1 
ATOM   77   O OE2  . GLU A 1 7  ? -3.546  3.892   -11.189 1.00 33.49 ? 15  GLU A OE2  1 
ATOM   78   H H    . GLU A 1 7  ? -4.636  -0.837  -10.555 1.00 21.66 ? 15  GLU A H    1 
ATOM   79   H HA   . GLU A 1 7  ? -2.296  -0.480  -9.448  1.00 20.90 ? 15  GLU A HA   1 
ATOM   80   H HB2  . GLU A 1 7  ? -4.708  0.886   -8.958  1.00 24.72 ? 15  GLU A HB2  1 
ATOM   81   H HB3  . GLU A 1 7  ? -3.320  1.334   -8.318  1.00 24.72 ? 15  GLU A HB3  1 
ATOM   82   H HG2  . GLU A 1 7  ? -2.473  1.655   -10.479 1.00 29.32 ? 15  GLU A HG2  1 
ATOM   83   H HG3  . GLU A 1 7  ? -3.906  1.309   -11.066 1.00 29.32 ? 15  GLU A HG3  1 
ATOM   84   N N    . ILE A 1 8  ? -4.426  -1.907  -7.565  1.00 16.08 ? 16  ILE A N    1 
ATOM   85   C CA   . ILE A 1 8  ? -4.533  -2.761  -6.382  1.00 16.75 ? 16  ILE A CA   1 
ATOM   86   C C    . ILE A 1 8  ? -3.486  -3.872  -6.432  1.00 15.76 ? 16  ILE A C    1 
ATOM   87   O O    . ILE A 1 8  ? -2.781  -4.125  -5.449  1.00 15.19 ? 16  ILE A O    1 
ATOM   88   C CB   . ILE A 1 8  ? -5.964  -3.314  -6.229  1.00 18.10 ? 16  ILE A CB   1 
ATOM   89   C CG1  . ILE A 1 8  ? -6.906  -2.200  -5.786  1.00 18.35 ? 16  ILE A CG1  1 
ATOM   90   C CG2  . ILE A 1 8  ? -6.002  -4.455  -5.234  1.00 20.13 ? 16  ILE A CG2  1 
ATOM   91   C CD1  . ILE A 1 8  ? -8.337  -2.554  -5.851  1.00 20.17 ? 16  ILE A CD1  1 
ATOM   92   H H    . ILE A 1 8  ? -5.147  -1.851  -8.029  1.00 19.34 ? 16  ILE A H    1 
ATOM   93   H HA   . ILE A 1 8  ? -4.346  -2.222  -5.597  1.00 20.15 ? 16  ILE A HA   1 
ATOM   94   H HB   . ILE A 1 8  ? -6.261  -3.646  -7.090  1.00 21.77 ? 16  ILE A HB   1 
ATOM   95   H HG12 . ILE A 1 8  ? -6.701  -1.967  -4.867  1.00 22.07 ? 16  ILE A HG12 1 
ATOM   96   H HG13 . ILE A 1 8  ? -6.766  -1.430  -6.358  1.00 22.07 ? 16  ILE A HG13 1 
ATOM   97   H HG21 . ILE A 1 8  ? -6.914  -4.779  -5.162  1.00 24.21 ? 16  ILE A HG21 1 
ATOM   98   H HG22 . ILE A 1 8  ? -5.422  -5.166  -5.546  1.00 24.21 ? 16  ILE A HG22 1 
ATOM   99   H HG23 . ILE A 1 8  ? -5.696  -4.132  -4.373  1.00 24.21 ? 16  ILE A HG23 1 
ATOM   100  H HD11 . ILE A 1 8  ? -8.863  -1.795  -5.555  1.00 24.25 ? 16  ILE A HD11 1 
ATOM   101  H HD12 . ILE A 1 8  ? -8.566  -2.778  -6.767  1.00 24.25 ? 16  ILE A HD12 1 
ATOM   102  H HD13 . ILE A 1 8  ? -8.500  -3.316  -5.274  1.00 24.25 ? 16  ILE A HD13 1 
ATOM   103  N N    . GLU A 1 9  ? -3.390  -4.564  -7.572  1.00 15.15 ? 17  GLU A N    1 
ATOM   104  C CA   . GLU A 1 9  ? -2.406  -5.641  -7.684  1.00 14.80 ? 17  GLU A CA   1 
ATOM   105  C C    . GLU A 1 9  ? -0.968  -5.121  -7.586  1.00 14.23 ? 17  GLU A C    1 
ATOM   106  O O    . GLU A 1 9  ? -0.107  -5.773  -6.980  1.00 15.84 ? 17  GLU A O    1 
ATOM   107  C CB   . GLU A 1 9  ? -2.619  -6.437  -8.970  1.00 16.23 ? 17  GLU A CB   1 
ATOM   108  C CG   . GLU A 1 9  ? -3.972  -7.115  -9.069  1.00 17.21 ? 17  GLU A CG   1 
ATOM   109  C CD   . GLU A 1 9  ? -4.195  -8.218  -8.071  1.00 19.01 ? 17  GLU A CD   1 
ATOM   110  O OE1  . GLU A 1 9  ? -3.270  -8.632  -7.362  1.00 20.38 ? 17  GLU A OE1  1 
ATOM   111  O OE2  . GLU A 1 9  ? -5.339  -8.675  -7.982  1.00 18.67 ? 17  GLU A OE2  1 
ATOM   112  H H    . GLU A 1 9  ? -3.868  -4.433  -8.274  1.00 18.23 ? 17  GLU A H    1 
ATOM   113  H HA   . GLU A 1 9  ? -2.540  -6.253  -6.943  1.00 17.81 ? 17  GLU A HA   1 
ATOM   114  H HB2  . GLU A 1 9  ? -2.537  -5.834  -9.725  1.00 19.52 ? 17  GLU A HB2  1 
ATOM   115  H HB3  . GLU A 1 9  ? -1.940  -7.126  -9.025  1.00 19.52 ? 17  GLU A HB3  1 
ATOM   116  H HG2  . GLU A 1 9  ? -4.664  -6.449  -8.932  1.00 20.69 ? 17  GLU A HG2  1 
ATOM   117  H HG3  . GLU A 1 9  ? -4.061  -7.499  -9.957  1.00 20.69 ? 17  GLU A HG3  1 
ATOM   118  N N    . ILE A 1 10 ? -0.690  -3.950  -8.173  1.00 14.83 ? 18  ILE A N    1 
ATOM   119  C CA   . ILE A 1 10 ? 0.637   -3.347  -8.041  1.00 15.52 ? 18  ILE A CA   1 
ATOM   120  C C    . ILE A 1 10 ? 0.957   -3.118  -6.573  1.00 13.93 ? 18  ILE A C    1 
ATOM   121  O O    . ILE A 1 10 ? 2.044   -3.448  -6.087  1.00 14.03 ? 18  ILE A O    1 
ATOM   122  C CB   . ILE A 1 10 ? 0.711   -2.035  -8.845  1.00 17.13 ? 18  ILE A CB   1 
ATOM   123  C CG1  . ILE A 1 10 ? 0.676   -2.300  -10.348 1.00 18.86 ? 18  ILE A CG1  1 
ATOM   124  C CG2  . ILE A 1 10 ? 1.975   -1.222  -8.463  1.00 16.84 ? 18  ILE A CG2  1 
ATOM   125  C CD1  . ILE A 1 10 ? 0.451   -1.036  -11.176 1.00 20.79 ? 18  ILE A CD1  1 
ATOM   126  H H    . ILE A 1 10 ? -1.244  -3.494  -8.647  1.00 17.84 ? 18  ILE A H    1 
ATOM   127  H HA   . ILE A 1 10 ? 1.299   -3.958  -8.401  1.00 18.68 ? 18  ILE A HA   1 
ATOM   128  H HB   . ILE A 1 10 ? -0.067  -1.501  -8.618  1.00 20.61 ? 18  ILE A HB   1 
ATOM   129  H HG12 . ILE A 1 10 ? 1.523   -2.687  -10.619 1.00 22.68 ? 18  ILE A HG12 1 
ATOM   130  H HG13 . ILE A 1 10 ? -0.047  -2.918  -10.543 1.00 22.68 ? 18  ILE A HG13 1 
ATOM   131  H HG21 . ILE A 1 10 ? 1.993   -0.404  -8.983  1.00 20.25 ? 18  ILE A HG21 1 
ATOM   132  H HG22 . ILE A 1 10 ? 1.940   -1.012  -7.516  1.00 20.25 ? 18  ILE A HG22 1 
ATOM   133  H HG23 . ILE A 1 10 ? 2.762   -1.755  -8.655  1.00 20.25 ? 18  ILE A HG23 1 
ATOM   134  H HD11 . ILE A 1 10 ? 0.438   -1.272  -12.117 1.00 25.00 ? 18  ILE A HD11 1 
ATOM   135  H HD12 . ILE A 1 10 ? -0.399  -0.642  -10.924 1.00 25.00 ? 18  ILE A HD12 1 
ATOM   136  H HD13 . ILE A 1 10 ? 1.172   -0.411  -11.000 1.00 25.00 ? 18  ILE A HD13 1 
ATOM   137  N N    . ALA A 1 11 ? 0.008   -2.543  -5.839  1.00 13.45 ? 19  ALA A N    1 
ATOM   138  C CA   . ALA A 1 11 ? 0.249   -2.222  -4.438  1.00 13.26 ? 19  ALA A CA   1 
ATOM   139  C C    . ALA A 1 11 ? 0.424   -3.484  -3.596  1.00 12.76 ? 19  ALA A C    1 
ATOM   140  O O    . ALA A 1 11 ? 1.260   -3.525  -2.694  1.00 13.13 ? 19  ALA A O    1 
ATOM   141  C CB   . ALA A 1 11 ? -0.886  -1.344  -3.922  1.00 15.26 ? 19  ALA A CB   1 
ATOM   142  H H    . ALA A 1 11 ? -0.776  -2.332  -6.125  1.00 16.19 ? 19  ALA A H    1 
ATOM   143  H HA   . ALA A 1 11 ? 1.071   -1.710  -4.374  1.00 15.96 ? 19  ALA A HA   1 
ATOM   144  H HB1  . ALA A 1 11 ? -0.722  -1.132  -2.990  1.00 18.36 ? 19  ALA A HB1  1 
ATOM   145  H HB2  . ALA A 1 11 ? -0.918  -0.529  -4.447  1.00 18.36 ? 19  ALA A HB2  1 
ATOM   146  H HB3  . ALA A 1 11 ? -1.723  -1.827  -4.010  1.00 18.36 ? 19  ALA A HB3  1 
ATOM   147  N N    . ILE A 1 12 ? -0.382  -4.515  -3.855  1.00 13.11 ? 20  ILE A N    1 
ATOM   148  C CA   . ILE A 1 12 ? -0.235  -5.777  -3.128  1.00 14.63 ? 20  ILE A CA   1 
ATOM   149  C C    . ILE A 1 12 ? 1.158   -6.369  -3.327  1.00 13.89 ? 20  ILE A C    1 
ATOM   150  O O    . ILE A 1 12 ? 1.822   -6.787  -2.370  1.00 15.13 ? 20  ILE A O    1 
ATOM   151  C CB   . ILE A 1 12 ? -1.346  -6.758  -3.517  1.00 14.30 ? 20  ILE A CB   1 
ATOM   152  C CG1  . ILE A 1 12 ? -2.684  -6.248  -3.006  1.00 15.78 ? 20  ILE A CG1  1 
ATOM   153  C CG2  . ILE A 1 12 ? -1.026  -8.139  -2.971  1.00 16.40 ? 20  ILE A CG2  1 
ATOM   154  C CD1  . ILE A 1 12 ? -3.859  -7.083  -3.464  1.00 17.26 ? 20  ILE A CD1  1 
ATOM   155  H H    . ILE A 1 12 ? -1.014  -4.510  -4.439  1.00 15.77 ? 20  ILE A H    1 
ATOM   156  H HA   . ILE A 1 12 ? -0.334  -5.594  -2.181  1.00 17.60 ? 20  ILE A HA   1 
ATOM   157  H HB   . ILE A 1 12 ? -1.386  -6.811  -4.485  1.00 17.20 ? 20  ILE A HB   1 
ATOM   158  H HG12 . ILE A 1 12 ? -2.674  -6.258  -2.037  1.00 18.98 ? 20  ILE A HG12 1 
ATOM   159  H HG13 . ILE A 1 12 ? -2.819  -5.344  -3.327  1.00 18.98 ? 20  ILE A HG13 1 
ATOM   160  H HG21 . ILE A 1 12 ? -1.735  -8.751  -3.223  1.00 19.72 ? 20  ILE A HG21 1 
ATOM   161  H HG22 . ILE A 1 12 ? -0.183  -8.439  -3.345  1.00 19.72 ? 20  ILE A HG22 1 
ATOM   162  H HG23 . ILE A 1 12 ? -0.960  -8.089  -2.004  1.00 19.72 ? 20  ILE A HG23 1 
ATOM   163  H HD11 . ILE A 1 12 ? -4.676  -6.702  -3.103  1.00 20.76 ? 20  ILE A HD11 1 
ATOM   164  H HD12 . ILE A 1 12 ? -3.892  -7.076  -4.433  1.00 20.76 ? 20  ILE A HD12 1 
ATOM   165  H HD13 . ILE A 1 12 ? -3.746  -7.991  -3.143  1.00 20.76 ? 20  ILE A HD13 1 
ATOM   166  N N    . GLU A 1 13 ? 1.641   -6.388  -4.566  1.00 13.07 ? 21  GLU A N    1 
ATOM   167  C CA   A GLU A 1 13 ? 2.986   -6.914  -4.808  0.49 12.89 ? 21  GLU A CA   1 
ATOM   168  C CA   B GLU A 1 13 ? 2.975   -6.921  -4.797  0.51 12.71 ? 21  GLU A CA   1 
ATOM   169  C C    . GLU A 1 13 ? 4.041   -6.074  -4.096  1.00 12.88 ? 21  GLU A C    1 
ATOM   170  O O    . GLU A 1 13 ? 5.010   -6.606  -3.552  1.00 14.09 ? 21  GLU A O    1 
ATOM   171  C CB   A GLU A 1 13 ? 3.296   -6.989  -6.306  0.49 14.40 ? 21  GLU A CB   1 
ATOM   172  C CB   B GLU A 1 13 ? 3.224   -7.045  -6.299  0.51 14.47 ? 21  GLU A CB   1 
ATOM   173  C CG   A GLU A 1 13 ? 2.533   -8.057  -7.060  0.49 15.56 ? 21  GLU A CG   1 
ATOM   174  C CG   B GLU A 1 13 ? 4.471   -7.810  -6.666  0.51 15.99 ? 21  GLU A CG   1 
ATOM   175  C CD   A GLU A 1 13 ? 3.205   -9.422  -7.067  0.49 17.82 ? 21  GLU A CD   1 
ATOM   176  C CD   B GLU A 1 13 ? 4.599   -9.150  -5.951  0.51 18.78 ? 21  GLU A CD   1 
ATOM   177  O OE1  A GLU A 1 13 ? 4.198   -9.638  -6.341  0.49 18.79 ? 21  GLU A OE1  1 
ATOM   178  O OE1  B GLU A 1 13 ? 3.589   -9.882  -5.835  0.51 20.61 ? 21  GLU A OE1  1 
ATOM   179  O OE2  A GLU A 1 13 ? 2.741   -10.282 -7.837  0.49 18.64 ? 21  GLU A OE2  1 
ATOM   180  O OE2  B GLU A 1 13 ? 5.721   -9.469  -5.493  0.51 21.00 ? 21  GLU A OE2  1 
ATOM   181  H H    A GLU A 1 13 ? 1.225   -6.111  -5.267  0.49 15.74 ? 21  GLU A H    1 
ATOM   182  H H    B GLU A 1 13 ? 1.230   -6.107  -5.268  0.51 15.74 ? 21  GLU A H    1 
ATOM   183  H HA   A GLU A 1 13 ? 3.036   -7.814  -4.451  0.49 15.52 ? 21  GLU A HA   1 
ATOM   184  H HA   B GLU A 1 13 ? 3.019   -7.813  -4.420  0.51 15.30 ? 21  GLU A HA   1 
ATOM   185  H HB2  A GLU A 1 13 ? 3.080   -6.134  -6.710  0.49 17.32 ? 21  GLU A HB2  1 
ATOM   186  H HB2  B GLU A 1 13 ? 2.469   -7.503  -6.703  0.51 17.41 ? 21  GLU A HB2  1 
ATOM   187  H HB3  A GLU A 1 13 ? 4.242   -7.172  -6.416  0.49 17.32 ? 21  GLU A HB3  1 
ATOM   188  H HB3  B GLU A 1 13 ? 3.304   -6.154  -6.676  0.51 17.41 ? 21  GLU A HB3  1 
ATOM   189  H HG2  A GLU A 1 13 ? 1.659   -8.160  -6.652  0.49 18.72 ? 21  GLU A HG2  1 
ATOM   190  H HG2  B GLU A 1 13 ? 4.463   -7.983  -7.620  0.51 19.24 ? 21  GLU A HG2  1 
ATOM   191  H HG3  A GLU A 1 13 ? 2.432   -7.773  -7.982  0.49 18.72 ? 21  GLU A HG3  1 
ATOM   192  H HG3  B GLU A 1 13 ? 5.246   -7.275  -6.434  0.51 19.24 ? 21  GLU A HG3  1 
ATOM   193  N N    . TYR A 1 14 ? 3.857   -4.754  -4.086  1.00 13.06 ? 22  TYR A N    1 
ATOM   194  C CA   . TYR A 1 14 ? 4.794   -3.883  -3.382  1.00 12.73 ? 22  TYR A CA   1 
ATOM   195  C C    . TYR A 1 14 ? 4.862   -4.239  -1.906  1.00 13.06 ? 22  TYR A C    1 
ATOM   196  O O    . TYR A 1 14 ? 5.944   -4.452  -1.361  1.00 13.28 ? 22  TYR A O    1 
ATOM   197  C CB   . TYR A 1 14 ? 4.328   -2.438  -3.545  1.00 13.16 ? 22  TYR A CB   1 
ATOM   198  C CG   . TYR A 1 14 ? 5.118   -1.467  -2.710  1.00 12.65 ? 22  TYR A CG   1 
ATOM   199  C CD1  . TYR A 1 14 ? 6.419   -1.148  -3.033  1.00 14.02 ? 22  TYR A CD1  1 
ATOM   200  C CD2  . TYR A 1 14 ? 4.572   -0.879  -1.605  1.00 13.73 ? 22  TYR A CD2  1 
ATOM   201  C CE1  . TYR A 1 14 ? 7.139   -0.252  -2.282  1.00 15.70 ? 22  TYR A CE1  1 
ATOM   202  C CE2  . TYR A 1 14 ? 5.285   0.011   -0.850  1.00 13.91 ? 22  TYR A CE2  1 
ATOM   203  C CZ   . TYR A 1 14 ? 6.565   0.321   -1.187  1.00 14.02 ? 22  TYR A CZ   1 
ATOM   204  O OH   . TYR A 1 14 ? 7.255   1.204   -0.403  1.00 15.70 ? 22  TYR A OH   1 
ATOM   205  H H    . TYR A 1 14 ? 3.208   -4.345  -4.475  1.00 15.72 ? 22  TYR A H    1 
ATOM   206  H HA   . TYR A 1 14 ? 5.679   -3.972  -3.768  1.00 15.32 ? 22  TYR A HA   1 
ATOM   207  H HB2  . TYR A 1 14 ? 4.423   -2.179  -4.476  1.00 15.84 ? 22  TYR A HB2  1 
ATOM   208  H HB3  . TYR A 1 14 ? 3.397   -2.375  -3.277  1.00 15.84 ? 22  TYR A HB3  1 
ATOM   209  H HD1  . TYR A 1 14 ? 6.810   -1.534  -3.784  1.00 16.87 ? 22  TYR A HD1  1 
ATOM   210  H HD2  . TYR A 1 14 ? 3.695   -1.080  -1.368  1.00 16.53 ? 22  TYR A HD2  1 
ATOM   211  H HE1  . TYR A 1 14 ? 8.017   -0.047  -2.513  1.00 18.88 ? 22  TYR A HE1  1 
ATOM   212  H HE2  . TYR A 1 14 ? 4.896   0.401   -0.101  1.00 16.74 ? 22  TYR A HE2  1 
ATOM   213  H HH   . TYR A 1 14 ? 8.031   1.312   -0.707  1.00 18.89 ? 22  TYR A HH   1 
ATOM   214  N N    . PHE A 1 15 ? 3.706   -4.307  -1.233  1.00 12.57 ? 23  PHE A N    1 
ATOM   215  C CA   . PHE A 1 15 ? 3.718   -4.607  0.199   1.00 13.87 ? 23  PHE A CA   1 
ATOM   216  C C    . PHE A 1 15 ? 4.149   -6.041  0.495   1.00 14.19 ? 23  PHE A C    1 
ATOM   217  O O    . PHE A 1 15 ? 4.763   -6.283  1.535   1.00 15.85 ? 23  PHE A O    1 
ATOM   218  C CB   . PHE A 1 15 ? 2.357   -4.297  0.812   1.00 14.02 ? 23  PHE A CB   1 
ATOM   219  C CG   . PHE A 1 15 ? 2.105   -2.824  0.975   1.00 14.11 ? 23  PHE A CG   1 
ATOM   220  C CD1  . PHE A 1 15 ? 2.827   -2.073  1.878   1.00 16.92 ? 23  PHE A CD1  1 
ATOM   221  C CD2  . PHE A 1 15 ? 1.188   -2.185  0.175   1.00 14.48 ? 23  PHE A CD2  1 
ATOM   222  C CE1  . PHE A 1 15 ? 2.582   -0.703  2.010   1.00 18.35 ? 23  PHE A CE1  1 
ATOM   223  C CE2  . PHE A 1 15 ? 0.946   -0.819  0.307   1.00 15.98 ? 23  PHE A CE2  1 
ATOM   224  C CZ   . PHE A 1 15 ? 1.654   -0.089  1.210   1.00 17.94 ? 23  PHE A CZ   1 
ATOM   225  H H    . PHE A 1 15 ? 2.925   -4.185  -1.572  1.00 15.13 ? 23  PHE A H    1 
ATOM   226  H HA   . PHE A 1 15 ? 4.363   -4.022  0.625   1.00 16.69 ? 23  PHE A HA   1 
ATOM   227  H HB2  . PHE A 1 15 ? 1.664   -4.657  0.236   1.00 16.87 ? 23  PHE A HB2  1 
ATOM   228  H HB3  . PHE A 1 15 ? 2.306   -4.708  1.689   1.00 16.87 ? 23  PHE A HB3  1 
ATOM   229  H HD1  . PHE A 1 15 ? 3.457   -2.484  2.424   1.00 20.35 ? 23  PHE A HD1  1 
ATOM   230  H HD2  . PHE A 1 15 ? 0.698   -2.677  -0.444  1.00 17.43 ? 23  PHE A HD2  1 
ATOM   231  H HE1  . PHE A 1 15 ? 3.064   -0.204  2.627   1.00 22.06 ? 23  PHE A HE1  1 
ATOM   232  H HE2  . PHE A 1 15 ? 0.314   -0.404  -0.235  1.00 19.22 ? 23  PHE A HE2  1 
ATOM   233  H HZ   . PHE A 1 15 ? 1.495   0.824   1.297   1.00 21.58 ? 23  PHE A HZ   1 
ATOM   234  N N    . LYS A 1 16 ? 3.881   -6.992  -0.406  1.00 14.18 ? 24  LYS A N    1 
ATOM   235  C CA   . LYS A 1 16 ? 4.429   -8.340  -0.239  1.00 15.24 ? 24  LYS A CA   1 
ATOM   236  C C    . LYS A 1 16 ? 5.938   -8.325  -0.221  1.00 15.76 ? 24  LYS A C    1 
ATOM   237  O O    . LYS A 1 16 ? 6.557   -9.119  0.490   1.00 18.00 ? 24  LYS A O    1 
ATOM   238  C CB   . LYS A 1 16 ? 3.965   -9.287  -1.338  1.00 16.34 ? 24  LYS A CB   1 
ATOM   239  C CG   . LYS A 1 16 ? 2.570   -9.766  -1.145  1.00 17.71 ? 24  LYS A CG   1 
ATOM   240  C CD   . LYS A 1 16 ? 2.196   -10.742 -2.232  1.00 19.21 ? 24  LYS A CD   1 
ATOM   241  C CE   . LYS A 1 16 ? 0.894   -11.482 -1.915  1.00 20.57 ? 24  LYS A CE   1 
ATOM   242  N NZ   . LYS A 1 16 ? 0.489   -12.413 -3.014  1.00 22.73 ? 24  LYS A NZ   1 
ATOM   243  H H    . LYS A 1 16 ? 3.394   -6.886  -1.107  1.00 17.07 ? 24  LYS A H    1 
ATOM   244  H HA   . LYS A 1 16 ? 4.125   -8.699  0.610   1.00 18.34 ? 24  LYS A HA   1 
ATOM   245  H HB2  . LYS A 1 16 ? 4.007   -8.824  -2.189  1.00 19.65 ? 24  LYS A HB2  1 
ATOM   246  H HB3  . LYS A 1 16 ? 4.548   -10.061 -1.353  1.00 19.65 ? 24  LYS A HB3  1 
ATOM   247  H HG2  . LYS A 1 16 ? 2.497   -10.217 -0.289  1.00 21.30 ? 24  LYS A HG2  1 
ATOM   248  H HG3  . LYS A 1 16 ? 1.959   -9.014  -1.184  1.00 21.30 ? 24  LYS A HG3  1 
ATOM   249  H HD2  . LYS A 1 16 ? 2.076   -10.261 -3.065  1.00 23.09 ? 24  LYS A HD2  1 
ATOM   250  H HD3  . LYS A 1 16 ? 2.903   -11.401 -2.325  1.00 23.09 ? 24  LYS A HD3  1 
ATOM   251  H HE2  . LYS A 1 16 ? 1.014   -12.004 -1.106  1.00 24.73 ? 24  LYS A HE2  1 
ATOM   252  H HE3  . LYS A 1 16 ? 0.184   -10.833 -1.792  1.00 24.73 ? 24  LYS A HE3  1 
ATOM   253  H HZ1  . LYS A 1 16 ? 0.367   -11.957 -3.768  1.00 27.32 ? 24  LYS A HZ1  1 
ATOM   254  H HZ2  . LYS A 1 16 ? 1.124   -13.023 -3.144  1.00 27.32 ? 24  LYS A HZ2  1 
ATOM   255  H HZ3  . LYS A 1 16 ? -0.269  -12.825 -2.799  1.00 27.32 ? 24  LYS A HZ3  1 
ATOM   256  N N    . ASN A 1 17 ? 6.550   -7.434  -0.987  1.00 15.78 ? 25  ASN A N    1 
ATOM   257  C CA   A ASN A 1 17 ? 7.997   -7.427  -1.008  0.51 16.60 ? 25  ASN A CA   1 
ATOM   258  C CA   B ASN A 1 17 ? 8.008   -7.383  -1.045  0.49 15.47 ? 25  ASN A CA   1 
ATOM   259  C C    . ASN A 1 17 ? 8.587   -6.624  0.135   1.00 15.66 ? 25  ASN A C    1 
ATOM   260  O O    . ASN A 1 17 ? 9.632   -7.007  0.677   1.00 18.60 ? 25  ASN A O    1 
ATOM   261  C CB   A ASN A 1 17 ? 8.484   -6.936  -2.356  0.51 18.68 ? 25  ASN A CB   1 
ATOM   262  C CB   B ASN A 1 17 ? 8.480   -6.720  -2.347  0.49 14.23 ? 25  ASN A CB   1 
ATOM   263  C CG   A ASN A 1 17 ? 8.389   -8.012  -3.390  0.51 21.22 ? 25  ASN A CG   1 
ATOM   264  C CG   B ASN A 1 17 ? 10.012  -6.709  -2.492  0.49 15.22 ? 25  ASN A CG   1 
ATOM   265  O OD1  A ASN A 1 17 ? 9.337   -8.761  -3.581  0.51 22.30 ? 25  ASN A OD1  1 
ATOM   266  O OD1  B ASN A 1 17 ? 10.631  -7.724  -2.808  0.49 16.34 ? 25  ASN A OD1  1 
ATOM   267  N ND2  A ASN A 1 17 ? 7.218   -8.147  -4.015  0.51 20.82 ? 25  ASN A ND2  1 
ATOM   268  N ND2  B ASN A 1 17 ? 10.618  -5.548  -2.274  0.49 13.99 ? 25  ASN A ND2  1 
ATOM   269  H H    A ASN A 1 17 ? 6.167   -6.846  -1.484  0.51 18.98 ? 25  ASN A H    1 
ATOM   270  H H    B ASN A 1 17 ? 6.152   -6.852  -1.479  0.49 18.98 ? 25  ASN A H    1 
ATOM   271  H HA   A ASN A 1 17 ? 8.307   -8.341  -0.906  0.51 19.97 ? 25  ASN A HA   1 
ATOM   272  H HA   B ASN A 1 17 ? 8.358   -8.289  -1.023  0.49 18.61 ? 25  ASN A HA   1 
ATOM   273  H HB2  A ASN A 1 17 ? 7.935   -6.188  -2.643  0.51 22.47 ? 25  ASN A HB2  1 
ATOM   274  H HB2  B ASN A 1 17 ? 8.112   -7.207  -3.102  0.49 17.12 ? 25  ASN A HB2  1 
ATOM   275  H HB3  A ASN A 1 17 ? 9.412   -6.664  -2.284  0.51 22.47 ? 25  ASN A HB3  1 
ATOM   276  H HB3  B ASN A 1 17 ? 8.171   -5.801  -2.364  0.49 17.12 ? 25  ASN A HB3  1 
ATOM   277  H HD21 A ASN A 1 17 ? 7.119   -8.753  -4.616  0.51 25.03 ? 25  ASN A HD21 1 
ATOM   278  H HD21 B ASN A 1 17 ? 11.473  -5.491  -2.342  0.49 16.83 ? 25  ASN A HD21 1 
ATOM   279  H HD22 A ASN A 1 17 ? 6.562   -7.628  -3.816  0.51 25.03 ? 25  ASN A HD22 1 
ATOM   280  H HD22 B ASN A 1 17 ? 10.156  -4.854  -2.064  0.49 16.83 ? 25  ASN A HD22 1 
ATOM   281  N N    . TYR A 1 18 ? 7.951   -5.528  0.517   1.00 15.58 ? 26  TYR A N    1 
ATOM   282  C CA   . TYR A 1 18 ? 8.578   -4.653  1.493   1.00 18.92 ? 26  TYR A CA   1 
ATOM   283  C C    . TYR A 1 18 ? 8.153   -4.919  2.933   1.00 20.11 ? 26  TYR A C    1 
ATOM   284  O O    . TYR A 1 18 ? 8.929   -4.625  3.841   1.00 22.06 ? 26  TYR A O    1 
ATOM   285  C CB   . TYR A 1 18 ? 8.423   -3.193  1.067   1.00 18.65 ? 26  TYR A CB   1 
ATOM   286  C CG   . TYR A 1 18 ? 9.384   -2.819  -0.027  1.00 18.15 ? 26  TYR A CG   1 
ATOM   287  C CD1  . TYR A 1 18 ? 10.710  -2.562  0.249   1.00 21.91 ? 26  TYR A CD1  1 
ATOM   288  C CD2  . TYR A 1 18 ? 8.981   -2.787  -1.331  1.00 20.62 ? 26  TYR A CD2  1 
ATOM   289  C CE1  . TYR A 1 18 ? 11.600  -2.249  -0.752  1.00 22.74 ? 26  TYR A CE1  1 
ATOM   290  C CE2  . TYR A 1 18 ? 9.856   -2.466  -2.345  1.00 20.90 ? 26  TYR A CE2  1 
ATOM   291  C CZ   . TYR A 1 18 ? 11.157  -2.187  -2.042  1.00 21.69 ? 26  TYR A CZ   1 
ATOM   292  O OH   . TYR A 1 18 ? 12.043  -1.874  -3.048  1.00 23.55 ? 26  TYR A OH   1 
ATOM   293  H H    . TYR A 1 18 ? 7.180   -5.273  0.237   1.00 18.75 ? 26  TYR A H    1 
ATOM   294  H HA   . TYR A 1 18 ? 9.530   -4.838  1.464   1.00 22.75 ? 26  TYR A HA   1 
ATOM   295  H HB2  . TYR A 1 18 ? 7.521   -3.051  0.739   1.00 22.43 ? 26  TYR A HB2  1 
ATOM   296  H HB3  . TYR A 1 18 ? 8.595   -2.619  1.830   1.00 22.43 ? 26  TYR A HB3  1 
ATOM   297  H HD1  . TYR A 1 18 ? 11.006  -2.592  1.130   1.00 26.34 ? 26  TYR A HD1  1 
ATOM   298  H HD2  . TYR A 1 18 ? 8.092   -2.965  -1.537  1.00 24.79 ? 26  TYR A HD2  1 
ATOM   299  H HE1  . TYR A 1 18 ? 12.487  -2.059  -0.549  1.00 27.34 ? 26  TYR A HE1  1 
ATOM   300  H HE2  . TYR A 1 18 ? 9.561   -2.432  -3.227  1.00 25.13 ? 26  TYR A HE2  1 
ATOM   301  H HH   . TYR A 1 18 ? 11.647  -1.869  -3.789  1.00 28.31 ? 26  TYR A HH   1 
ATOM   302  N N    . ILE A 1 19 ? 6.958   -5.467  3.150   1.00 18.34 ? 27  ILE A N    1 
ATOM   303  C CA   . ILE A 1 19 ? 6.483   -6.015  4.419   1.00 19.91 ? 27  ILE A CA   1 
ATOM   304  C C    . ILE A 1 19 ? 6.057   -4.965  5.436   1.00 18.91 ? 27  ILE A C    1 
ATOM   305  O O    . ILE A 1 19 ? 4.971   -5.060  6.012   1.00 20.84 ? 27  ILE A O    1 
ATOM   306  C CB   . ILE A 1 19 ? 7.511   -6.982  5.033   1.00 23.55 ? 27  ILE A CB   1 
ATOM   307  C CG1  . ILE A 1 19 ? 7.869   -8.083  4.035   1.00 27.95 ? 27  ILE A CG1  1 
ATOM   308  C CG2  . ILE A 1 19 ? 6.973   -7.595  6.313   1.00 24.57 ? 27  ILE A CG2  1 
ATOM   309  C CD1  . ILE A 1 19 ? 6.691   -8.873  3.532   1.00 32.81 ? 27  ILE A CD1  1 
ATOM   310  H H    A ILE A 1 19 ? 6.366   -5.536  2.530   0.59 22.06 ? 27  ILE A H    1 
ATOM   311  H HA   . ILE A 1 19 ? 5.693   -6.542  4.226   1.00 23.93 ? 27  ILE A HA   1 
ATOM   312  H HB   . ILE A 1 19 ? 8.316   -6.483  5.244   1.00 28.31 ? 27  ILE A HB   1 
ATOM   313  H HG12 . ILE A 1 19 ? 8.300   -7.677  3.268   1.00 33.58 ? 27  ILE A HG12 1 
ATOM   314  H HG13 . ILE A 1 19 ? 8.479   -8.703  4.464   1.00 33.58 ? 27  ILE A HG13 1 
ATOM   315  H HG21 . ILE A 1 19 ? 7.640   -8.198  6.677   1.00 29.53 ? 27  ILE A HG21 1 
ATOM   316  H HG22 . ILE A 1 19 ? 6.785   -6.887  6.948   1.00 29.53 ? 27  ILE A HG22 1 
ATOM   317  H HG23 . ILE A 1 19 ? 6.160   -8.083  6.111   1.00 29.53 ? 27  ILE A HG23 1 
ATOM   318  H HD11 . ILE A 1 19 ? 7.007   -9.546  2.909   1.00 39.42 ? 27  ILE A HD11 1 
ATOM   319  H HD12 . ILE A 1 19 ? 6.253   -9.300  4.286   1.00 39.42 ? 27  ILE A HD12 1 
ATOM   320  H HD13 . ILE A 1 19 ? 6.075   -8.272  3.087   1.00 39.42 ? 27  ILE A HD13 1 
ATOM   321  N N    . SER A 1 20 ? 6.928   -4.006  5.716   1.00 18.02 ? 28  SER A N    1 
ATOM   322  C CA   . SER A 1 20 ? 6.671   -2.974  6.712   1.00 18.80 ? 28  SER A CA   1 
ATOM   323  C C    . SER A 1 20 ? 7.231   -1.686  6.138   1.00 16.79 ? 28  SER A C    1 
ATOM   324  O O    . SER A 1 20 ? 8.429   -1.616  5.870   1.00 18.20 ? 28  SER A O    1 
ATOM   325  C CB   . SER A 1 20 ? 7.376   -3.321  8.029   1.00 21.15 ? 28  SER A CB   1 
ATOM   326  O OG   . SER A 1 20 ? 7.136   -2.344  9.017   1.00 23.11 ? 28  SER A OG   1 
ATOM   327  H H    . SER A 1 20 ? 7.695   -3.930  5.334   1.00 21.67 ? 28  SER A H    1 
ATOM   328  H HA   . SER A 1 20 ? 5.718   -2.876  6.866   1.00 22.61 ? 28  SER A HA   1 
ATOM   329  H HB2  . SER A 1 20 ? 7.044   -4.176  8.346   1.00 25.43 ? 28  SER A HB2  1 
ATOM   330  H HB3  . SER A 1 20 ? 8.331   -3.377  7.869   1.00 25.43 ? 28  SER A HB3  1 
ATOM   331  H HG   . SER A 1 20 ? 6.312   -2.285  9.169   1.00 27.78 ? 28  SER A HG   1 
ATOM   332  N N    . VAL A 1 21 ? 6.381   -0.688  5.908   1.00 17.07 ? 29  VAL A N    1 
ATOM   333  C CA   . VAL A 1 21 ? 6.796   0.484   5.143   1.00 16.22 ? 29  VAL A CA   1 
ATOM   334  C C    . VAL A 1 21 ? 6.283   1.757   5.793   1.00 15.77 ? 29  VAL A C    1 
ATOM   335  O O    . VAL A 1 21 ? 5.098   1.876   6.092   1.00 16.16 ? 29  VAL A O    1 
ATOM   336  C CB   . VAL A 1 21 ? 6.306   0.437   3.680   1.00 17.61 ? 29  VAL A CB   1 
ATOM   337  C CG1  . VAL A 1 21 ? 6.998   1.520   2.875   1.00 19.73 ? 29  VAL A CG1  1 
ATOM   338  C CG2  . VAL A 1 21 ? 6.531   -0.926  3.055   1.00 20.64 ? 29  VAL A CG2  1 
ATOM   339  H H    . VAL A 1 21 ? 5.566   -0.665  6.183   1.00 20.53 ? 29  VAL A H    1 
ATOM   340  H HA   . VAL A 1 21 ? 7.765   0.524   5.131   1.00 19.52 ? 29  VAL A HA   1 
ATOM   341  H HB   . VAL A 1 21 ? 5.352   0.617   3.663   1.00 21.18 ? 29  VAL A HB   1 
ATOM   342  H HG11 . VAL A 1 21 ? 6.682   1.482   1.958   1.00 23.73 ? 29  VAL A HG11 1 
ATOM   343  H HG12 . VAL A 1 21 ? 6.787   2.384   3.261   1.00 23.73 ? 29  VAL A HG12 1 
ATOM   344  H HG13 . VAL A 1 21 ? 7.956   1.370   2.902   1.00 23.73 ? 29  VAL A HG13 1 
ATOM   345  H HG21 . VAL A 1 21 ? 6.209   -0.911  2.139   1.00 24.81 ? 29  VAL A HG21 1 
ATOM   346  H HG22 . VAL A 1 21 ? 7.481   -1.126  3.068   1.00 24.81 ? 29  VAL A HG22 1 
ATOM   347  H HG23 . VAL A 1 21 ? 6.045   -1.592  3.566   1.00 24.81 ? 29  VAL A HG23 1 
ATOM   348  N N    . GLY A 1 22 ? 7.179   2.716   6.010   1.00 15.55 ? 30  GLY A N    1 
ATOM   349  C CA   . GLY A 1 22 ? 6.760   4.029   6.466   1.00 17.44 ? 30  GLY A CA   1 
ATOM   350  C C    . GLY A 1 22 ? 5.829   4.702   5.477   1.00 17.15 ? 30  GLY A C    1 
ATOM   351  O O    . GLY A 1 22 ? 5.904   4.491   4.266   1.00 17.50 ? 30  GLY A O    1 
ATOM   352  H H    . GLY A 1 22 ? 8.027   2.630   5.900   1.00 18.71 ? 30  GLY A H    1 
ATOM   353  H HA2  . GLY A 1 22 ? 6.300   3.946   7.316   1.00 20.97 ? 30  GLY A HA2  1 
ATOM   354  H HA3  . GLY A 1 22 ? 7.539   4.594   6.591   1.00 20.97 ? 30  GLY A HA3  1 
ATOM   355  N N    . GLU A 1 23 ? 4.923   5.521   6.012   1.00 18.57 ? 31  GLU A N    1 
ATOM   356  C CA   . GLU A 1 23 ? 3.845   6.051   5.188   1.00 20.17 ? 31  GLU A CA   1 
ATOM   357  C C    . GLU A 1 23 ? 4.363   6.947   4.064   1.00 19.04 ? 31  GLU A C    1 
ATOM   358  O O    . GLU A 1 23 ? 3.855   6.885   2.939   1.00 19.14 ? 31  GLU A O    1 
ATOM   359  C CB   . GLU A 1 23 ? 2.790   6.744   6.058   1.00 22.55 ? 31  GLU A CB   1 
ATOM   360  C CG   . GLU A 1 23 ? 3.260   7.918   6.903   1.00 28.95 ? 31  GLU A CG   1 
ATOM   361  C CD   . GLU A 1 23 ? 2.130   8.556   7.700   1.00 34.67 ? 31  GLU A CD   1 
ATOM   362  O OE1  . GLU A 1 23 ? 0.963   8.113   7.560   1.00 35.37 ? 31  GLU A OE1  1 
ATOM   363  O OE2  . GLU A 1 23 ? 2.416   9.500   8.469   1.00 38.00 ? 31  GLU A OE2  1 
ATOM   364  H H    . GLU A 1 23 ? 4.912   5.779   6.832   1.00 22.33 ? 31  GLU A H    1 
ATOM   365  H HA   . GLU A 1 23 ? 3.403   5.299   4.762   1.00 24.25 ? 31  GLU A HA   1 
ATOM   366  H HB2  . GLU A 1 23 ? 2.087   7.073   5.475   1.00 27.10 ? 31  GLU A HB2  1 
ATOM   367  H HB3  . GLU A 1 23 ? 2.419   6.085   6.664   1.00 27.10 ? 31  GLU A HB3  1 
ATOM   368  H HG2  . GLU A 1 23 ? 3.932   7.608   7.531   1.00 34.79 ? 31  GLU A HG2  1 
ATOM   369  H HG3  . GLU A 1 23 ? 3.637   8.596   6.321   1.00 34.79 ? 31  GLU A HG3  1 
ATOM   370  N N    . ILE A 1 24 ? 5.388   7.758   4.329   1.00 20.68 ? 32  ILE A N    1 
ATOM   371  C CA   . ILE A 1 24 ? 5.884   8.661   3.297   1.00 23.04 ? 32  ILE A CA   1 
ATOM   372  C C    . ILE A 1 24 ? 6.621   7.878   2.224   1.00 20.97 ? 32  ILE A C    1 
ATOM   373  O O    . ILE A 1 24 ? 6.472   8.147   1.028   1.00 21.98 ? 32  ILE A O    1 
ATOM   374  C CB   . ILE A 1 24 ? 6.751   9.769   3.924   1.00 26.68 ? 32  ILE A CB   1 
ATOM   375  C CG1  . ILE A 1 24 ? 5.868   10.658  4.810   1.00 30.22 ? 32  ILE A CG1  1 
ATOM   376  C CG2  . ILE A 1 24 ? 7.416   10.608  2.848   1.00 27.37 ? 32  ILE A CG2  1 
ATOM   377  C CD1  . ILE A 1 24 ? 6.595   11.563  5.738   1.00 32.52 ? 32  ILE A CD1  1 
ATOM   378  H H    . ILE A 1 24 ? 5.802   7.803   5.081   1.00 24.86 ? 32  ILE A H    1 
ATOM   379  H HA   . ILE A 1 24 ? 5.124   9.092   2.874   1.00 27.70 ? 32  ILE A HA   1 
ATOM   380  H HB   . ILE A 1 24 ? 7.438   9.359   4.474   1.00 32.06 ? 32  ILE A HB   1 
ATOM   381  H HG12 . ILE A 1 24 ? 5.317   11.212  4.235   1.00 36.31 ? 32  ILE A HG12 1 
ATOM   382  H HG13 . ILE A 1 24 ? 5.299   10.085  5.347   1.00 36.31 ? 32  ILE A HG13 1 
ATOM   383  H HG21 . ILE A 1 24 ? 7.955   11.295  3.270   1.00 32.89 ? 32  ILE A HG21 1 
ATOM   384  H HG22 . ILE A 1 24 ? 7.979   10.035  2.304   1.00 32.89 ? 32  ILE A HG22 1 
ATOM   385  H HG23 . ILE A 1 24 ? 6.730   11.017  2.297   1.00 32.89 ? 32  ILE A HG23 1 
ATOM   386  H HD11 . ILE A 1 24 ? 5.950   12.077  6.248   1.00 39.07 ? 32  ILE A HD11 1 
ATOM   387  H HD12 . ILE A 1 24 ? 7.140   11.028  6.337   1.00 39.07 ? 32  ILE A HD12 1 
ATOM   388  H HD13 . ILE A 1 24 ? 7.159   12.158  5.221   1.00 39.07 ? 32  ILE A HD13 1 
ATOM   389  N N    . VAL A 1 25 ? 7.390   6.874   2.627   1.00 20.23 ? 33  VAL A N    1 
ATOM   390  C CA   . VAL A 1 25 ? 8.074   6.026   1.658   1.00 19.36 ? 33  VAL A CA   1 
ATOM   391  C C    . VAL A 1 25 ? 7.064   5.291   0.795   1.00 17.10 ? 33  VAL A C    1 
ATOM   392  O O    . VAL A 1 25 ? 7.231   5.183   -0.423  1.00 18.25 ? 33  VAL A O    1 
ATOM   393  C CB   . VAL A 1 25 ? 9.021   5.048   2.370   1.00 21.22 ? 33  VAL A CB   1 
ATOM   394  C CG1  . VAL A 1 25 ? 9.604   4.059   1.356   1.00 24.42 ? 33  VAL A CG1  1 
ATOM   395  C CG2  . VAL A 1 25 ? 10.090  5.809   3.096   1.00 24.10 ? 33  VAL A CG2  1 
ATOM   396  H H    . VAL A 1 25 ? 7.532   6.663   3.448   1.00 24.32 ? 33  VAL A H    1 
ATOM   397  H HA   . VAL A 1 25 ? 8.610   6.587   1.075   1.00 23.28 ? 33  VAL A HA   1 
ATOM   398  H HB   . VAL A 1 25 ? 8.516   4.541   3.026   1.00 25.51 ? 33  VAL A HB   1 
ATOM   399  H HG11 . VAL A 1 25 ? 10.199  3.448   1.818   1.00 29.35 ? 33  VAL A HG11 1 
ATOM   400  H HG12 . VAL A 1 25 ? 8.878   3.566   0.943   1.00 29.35 ? 33  VAL A HG12 1 
ATOM   401  H HG13 . VAL A 1 25 ? 10.095  4.553   0.681   1.00 29.35 ? 33  VAL A HG13 1 
ATOM   402  H HG21 . VAL A 1 25 ? 10.680  5.180   3.540   1.00 28.97 ? 33  VAL A HG21 1 
ATOM   403  H HG22 . VAL A 1 25 ? 10.591  6.337   2.455   1.00 28.97 ? 33  VAL A HG22 1 
ATOM   404  H HG23 . VAL A 1 25 ? 9.673   6.391   3.751   1.00 28.97 ? 33  VAL A HG23 1 
ATOM   405  N N    . ALA A 1 26 ? 6.039   4.712   1.423   1.00 16.90 ? 34  ALA A N    1 
ATOM   406  C CA   . ALA A 1 26 ? 5.054   3.956   0.662   1.00 16.60 ? 34  ALA A CA   1 
ATOM   407  C C    . ALA A 1 26 ? 4.386   4.833   -0.379  1.00 17.09 ? 34  ALA A C    1 
ATOM   408  O O    . ALA A 1 26 ? 4.179   4.415   -1.523  1.00 16.83 ? 34  ALA A O    1 
ATOM   409  C CB   . ALA A 1 26 ? 4.016   3.367   1.612   1.00 17.27 ? 34  ALA A CB   1 
ATOM   410  H H    . ALA A 1 26 ? 5.895   4.743   2.271   1.00 20.33 ? 34  ALA A H    1 
ATOM   411  H HA   . ALA A 1 26 ? 5.497   3.224   0.204   1.00 19.97 ? 34  ALA A HA   1 
ATOM   412  H HB1  . ALA A 1 26 ? 3.365   2.866   1.097   1.00 20.77 ? 34  ALA A HB1  1 
ATOM   413  H HB2  . ALA A 1 26 ? 4.463   2.781   2.243   1.00 20.77 ? 34  ALA A HB2  1 
ATOM   414  H HB3  . ALA A 1 26 ? 3.577   4.092   2.086   1.00 20.77 ? 34  ALA A HB3  1 
ATOM   415  N N    . THR A 1 27 ? 4.039   6.055   0.002   1.00 18.66 ? 35  THR A N    1 
ATOM   416  C CA   . THR A 1 27 ? 3.405   6.968   -0.934  1.00 22.83 ? 35  THR A CA   1 
ATOM   417  C C    . THR A 1 27 ? 4.314   7.234   -2.126  1.00 24.20 ? 35  THR A C    1 
ATOM   418  O O    . THR A 1 27 ? 3.888   7.128   -3.283  1.00 25.53 ? 35  THR A O    1 
ATOM   419  C CB   . THR A 1 27 ? 3.051   8.270   -0.206  1.00 26.36 ? 35  THR A CB   1 
ATOM   420  O OG1  . THR A 1 27 ? 2.135   7.983   0.855   1.00 29.24 ? 35  THR A OG1  1 
ATOM   421  C CG2  . THR A 1 27 ? 2.408   9.272   -1.153  1.00 29.11 ? 35  THR A CG2  1 
ATOM   422  H H    . THR A 1 27 ? 4.159   6.376   0.791   1.00 22.44 ? 35  THR A H    1 
ATOM   423  H HA   . THR A 1 27 ? 2.584   6.571   -1.261  1.00 27.44 ? 35  THR A HA   1 
ATOM   424  H HB   . THR A 1 27 ? 3.856   8.665   0.160   1.00 31.68 ? 35  THR A HB   1 
ATOM   425  H HG1  . THR A 1 27 ? 2.484   7.447   1.400   1.00 35.13 ? 35  THR A HG1  1 
ATOM   426  H HG21 . THR A 1 27 ? 2.191   10.087  -0.675  1.00 34.98 ? 35  THR A HG21 1 
ATOM   427  H HG22 . THR A 1 27 ? 3.019   9.483   -1.875  1.00 34.98 ? 35  THR A HG22 1 
ATOM   428  H HG23 . THR A 1 27 ? 1.594   8.900   -1.528  1.00 34.98 ? 35  THR A HG23 1 
ATOM   429  N N    . MET A 1 28 ? 5.573   7.587   -1.862  1.00 24.21 ? 36  MET A N    1 
ATOM   430  C CA   A MET A 1 28 ? 6.512   7.879   -2.943  0.65 25.47 ? 36  MET A CA   1 
ATOM   431  C CA   B MET A 1 28 ? 6.491   7.888   -2.955  0.35 25.40 ? 36  MET A CA   1 
ATOM   432  C C    . MET A 1 28 ? 6.736   6.661   -3.825  1.00 24.15 ? 36  MET A C    1 
ATOM   433  O O    . MET A 1 28 ? 6.802   6.775   -5.053  1.00 26.33 ? 36  MET A O    1 
ATOM   434  C CB   A MET A 1 28 ? 7.852   8.320   -2.366  0.65 31.12 ? 36  MET A CB   1 
ATOM   435  C CB   B MET A 1 28 ? 7.808   8.440   -2.408  0.35 28.93 ? 36  MET A CB   1 
ATOM   436  C CG   A MET A 1 28 ? 7.848   9.702   -1.758  0.65 36.62 ? 36  MET A CG   1 
ATOM   437  C CG   B MET A 1 28 ? 7.679   9.794   -1.716  0.35 32.34 ? 36  MET A CG   1 
ATOM   438  S SD   A MET A 1 28 ? 9.411   10.073  -0.940  0.65 41.98 ? 36  MET A SD   1 
ATOM   439  S SD   B MET A 1 28 ? 6.980   11.093  -2.759  0.35 35.73 ? 36  MET A SD   1 
ATOM   440  C CE   A MET A 1 28 ? 10.601  9.616   -2.211  0.65 41.97 ? 36  MET A CE   1 
ATOM   441  C CE   B MET A 1 28 ? 5.287   11.089  -2.195  0.35 35.96 ? 36  MET A CE   1 
ATOM   442  H H    A MET A 1 28 ? 5.905   7.664   -1.073  0.65 29.10 ? 36  MET A H    1 
ATOM   443  H H    B MET A 1 28 ? 5.913   7.658   -1.075  0.35 29.10 ? 36  MET A H    1 
ATOM   444  H HA   A MET A 1 28 ? 6.161   8.603   -3.484  0.65 30.61 ? 36  MET A HA   1 
ATOM   445  H HA   B MET A 1 28 ? 6.093   8.579   -3.507  0.35 30.53 ? 36  MET A HA   1 
ATOM   446  H HB2  A MET A 1 28 ? 8.113   7.695   -1.671  0.65 37.40 ? 36  MET A HB2  1 
ATOM   447  H HB2  B MET A 1 28 ? 8.164   7.811   -1.762  0.35 34.77 ? 36  MET A HB2  1 
ATOM   448  H HB3  A MET A 1 28 ? 8.514   8.314   -3.076  0.65 37.40 ? 36  MET A HB3  1 
ATOM   449  H HB3  B MET A 1 28 ? 8.431   8.542   -3.144  0.35 34.77 ? 36  MET A HB3  1 
ATOM   450  H HG2  A MET A 1 28 ? 7.708   10.359  -2.458  0.65 44.00 ? 36  MET A HG2  1 
ATOM   451  H HG2  B MET A 1 28 ? 7.104   9.695   -0.942  0.35 38.85 ? 36  MET A HG2  1 
ATOM   452  H HG3  A MET A 1 28 ? 7.139   9.759   -1.098  0.65 44.00 ? 36  MET A HG3  1 
ATOM   453  H HG3  B MET A 1 28 ? 8.561   10.084  -1.434  0.35 38.85 ? 36  MET A HG3  1 
ATOM   454  H HE1  A MET A 1 28 ? 11.497  9.776   -1.875  0.65 50.42 ? 36  MET A HE1  1 
ATOM   455  H HE1  B MET A 1 28 ? 4.788   11.759  -2.688  0.35 43.20 ? 36  MET A HE1  1 
ATOM   456  H HE2  A MET A 1 28 ? 10.491  8.676   -2.422  0.65 50.42 ? 36  MET A HE2  1 
ATOM   457  H HE2  B MET A 1 28 ? 4.905   10.211  -2.352  0.35 43.20 ? 36  MET A HE2  1 
ATOM   458  H HE3  A MET A 1 28 ? 10.442  10.155  -3.001  0.65 50.42 ? 36  MET A HE3  1 
ATOM   459  H HE3  B MET A 1 28 ? 5.270   11.294  -1.247  0.35 43.20 ? 36  MET A HE3  1 
ATOM   460  N N    . ASP A 1 29 ? 6.869   5.482   -3.208  1.00 21.03 ? 37  ASP A N    1 
ATOM   461  C CA   . ASP A 1 29 ? 7.157   4.273   -3.976  1.00 20.68 ? 37  ASP A CA   1 
ATOM   462  C C    . ASP A 1 29 ? 5.979   3.877   -4.850  1.00 19.76 ? 37  ASP A C    1 
ATOM   463  O O    . ASP A 1 29 ? 6.161   3.415   -5.980  1.00 21.74 ? 37  ASP A O    1 
ATOM   464  C CB   . ASP A 1 29 ? 7.501   3.125   -3.035  1.00 19.62 ? 37  ASP A CB   1 
ATOM   465  C CG   . ASP A 1 29 ? 8.933   3.187   -2.540  1.00 20.94 ? 37  ASP A CG   1 
ATOM   466  O OD1  . ASP A 1 29 ? 9.662   4.095   -2.988  1.00 23.76 ? 37  ASP A OD1  1 
ATOM   467  O OD2  . ASP A 1 29 ? 9.343   2.340   -1.702  1.00 19.68 ? 37  ASP A OD2  1 
ATOM   468  H H    . ASP A 1 29 ? 6.796   5.359   -2.361  1.00 25.29 ? 37  ASP A H    1 
ATOM   469  H HA   . ASP A 1 29 ? 7.921   4.433   -4.552  1.00 24.86 ? 37  ASP A HA   1 
ATOM   470  H HB2  . ASP A 1 29 ? 6.915   3.161   -2.263  1.00 23.59 ? 37  ASP A HB2  1 
ATOM   471  H HB3  . ASP A 1 29 ? 7.382   2.284   -3.504  1.00 23.59 ? 37  ASP A HB3  1 
ATOM   472  N N    . LEU A 1 30 ? 4.763   4.031   -4.342  1.00 19.22 ? 38  LEU A N    1 
ATOM   473  C CA   . LEU A 1 30 ? 3.612   3.676   -5.152  1.00 21.05 ? 38  LEU A CA   1 
ATOM   474  C C    . LEU A 1 30 ? 3.416   4.674   -6.278  1.00 25.18 ? 38  LEU A C    1 
ATOM   475  O O    . LEU A 1 30 ? 3.020   4.294   -7.389  1.00 25.63 ? 38  LEU A O    1 
ATOM   476  C CB   . LEU A 1 30 ? 2.373   3.571   -4.269  1.00 19.51 ? 38  LEU A CB   1 
ATOM   477  C CG   . LEU A 1 30 ? 2.363   2.374   -3.314  1.00 18.57 ? 38  LEU A CG   1 
ATOM   478  C CD1  . LEU A 1 30 ? 1.133   2.396   -2.418  1.00 22.02 ? 38  LEU A CD1  1 
ATOM   479  C CD2  . LEU A 1 30 ? 2.455   1.061   -4.061  1.00 18.08 ? 38  LEU A CD2  1 
ATOM   480  H H    . LEU A 1 30 ? 4.582   4.328   -3.556  1.00 23.11 ? 38  LEU A H    1 
ATOM   481  H HA   . LEU A 1 30 ? 3.765   2.806   -5.551  1.00 25.30 ? 38  LEU A HA   1 
ATOM   482  H HB2  . LEU A 1 30 ? 2.308   4.376   -3.730  1.00 23.46 ? 38  LEU A HB2  1 
ATOM   483  H HB3  . LEU A 1 30 ? 1.592   3.497   -4.839  1.00 23.46 ? 38  LEU A HB3  1 
ATOM   484  H HG   . LEU A 1 30 ? 3.142   2.435   -2.738  1.00 22.33 ? 38  LEU A HG   1 
ATOM   485  H HD11 . LEU A 1 30 ? 1.159   1.627   -1.828  1.00 26.47 ? 38  LEU A HD11 1 
ATOM   486  H HD12 . LEU A 1 30 ? 1.137   3.213   -1.896  1.00 26.47 ? 38  LEU A HD12 1 
ATOM   487  H HD13 . LEU A 1 30 ? 0.338   2.361   -2.972  1.00 26.47 ? 38  LEU A HD13 1 
ATOM   488  H HD21 . LEU A 1 30 ? 2.446   0.332   -3.420  1.00 21.74 ? 38  LEU A HD21 1 
ATOM   489  H HD22 . LEU A 1 30 ? 1.697   0.985   -4.659  1.00 21.74 ? 38  LEU A HD22 1 
ATOM   490  H HD23 . LEU A 1 30 ? 3.281   1.044   -4.569  1.00 21.74 ? 38  LEU A HD23 1 
ATOM   491  N N    . LYS A 1 31 ? 3.696   5.950   -6.021  1.00 28.10 ? 39  LYS A N    1 
ATOM   492  C CA   . LYS A 1 31 ? 3.664   6.920   -7.107  1.00 31.64 ? 39  LYS A CA   1 
ATOM   493  C C    . LYS A 1 31 ? 4.651   6.529   -8.189  1.00 32.20 ? 39  LYS A C    1 
ATOM   494  O O    . LYS A 1 31 ? 4.338   6.606   -9.382  1.00 33.99 ? 39  LYS A O    1 
ATOM   495  C CB   . LYS A 1 31 ? 3.972   8.317   -6.584  1.00 35.37 ? 39  LYS A CB   1 
ATOM   496  C CG   . LYS A 1 31 ? 2.824   8.981   -5.871  1.00 40.50 ? 39  LYS A CG   1 
ATOM   497  C CD   . LYS A 1 31 ? 3.091   10.491  -5.747  1.00 46.90 ? 39  LYS A CD   1 
ATOM   498  C CE   . LYS A 1 31 ? 2.611   11.076  -4.421  1.00 53.21 ? 39  LYS A CE   1 
ATOM   499  N NZ   . LYS A 1 31 ? 1.179   10.783  -4.127  1.00 57.06 ? 39  LYS A NZ   1 
ATOM   500  H H    . LYS A 1 31 ? 3.901   6.271   -5.250  1.00 33.77 ? 39  LYS A H    1 
ATOM   501  H HA   . LYS A 1 31 ? 2.776   6.932   -7.496  1.00 38.02 ? 39  LYS A HA   1 
ATOM   502  H HB2  . LYS A 1 31 ? 4.712   8.259   -5.960  1.00 42.49 ? 39  LYS A HB2  1 
ATOM   503  H HB3  . LYS A 1 31 ? 4.218   8.881   -7.334  1.00 42.49 ? 39  LYS A HB3  1 
ATOM   504  H HG2  . LYS A 1 31 ? 2.007   8.851   -6.379  1.00 48.65 ? 39  LYS A HG2  1 
ATOM   505  H HG3  . LYS A 1 31 ? 2.734   8.608   -4.980  1.00 48.65 ? 39  LYS A HG3  1 
ATOM   506  H HD2  . LYS A 1 31 ? 4.045   10.650  -5.815  1.00 56.33 ? 39  LYS A HD2  1 
ATOM   507  H HD3  . LYS A 1 31 ? 2.627   10.954  -6.463  1.00 56.33 ? 39  LYS A HD3  1 
ATOM   508  H HE2  . LYS A 1 31 ? 3.145   10.703  -3.702  1.00 63.90 ? 39  LYS A HE2  1 
ATOM   509  H HE3  . LYS A 1 31 ? 2.718   12.039  -4.447  1.00 63.90 ? 39  LYS A HE3  1 
ATOM   510  H HZ1  . LYS A 1 31 ? 0.662   11.123  -4.767  1.00 68.52 ? 39  LYS A HZ1  1 
ATOM   511  H HZ2  . LYS A 1 31 ? 1.050   9.904   -4.088  1.00 68.52 ? 39  LYS A HZ2  1 
ATOM   512  H HZ3  . LYS A 1 31 ? 0.949   11.145  -3.347  1.00 68.52 ? 39  LYS A HZ3  1 
ATOM   513  N N    . ALA A 1 32 ? 5.841   6.078   -7.794  1.00 32.47 ? 40  ALA A N    1 
ATOM   514  C CA   . ALA A 1 32 ? 6.832   5.684   -8.786  1.00 33.68 ? 40  ALA A CA   1 
ATOM   515  C C    . ALA A 1 32 ? 6.341   4.505   -9.606  1.00 33.14 ? 40  ALA A C    1 
ATOM   516  O O    . ALA A 1 32 ? 6.699   4.366   -10.778 1.00 33.97 ? 40  ALA A O    1 
ATOM   517  C CB   . ALA A 1 32 ? 8.154   5.340   -8.103  1.00 34.73 ? 40  ALA A CB   1 
ATOM   518  H H    . ALA A 1 32 ? 6.093   5.992   -6.976  1.00 39.01 ? 40  ALA A H    1 
ATOM   519  H HA   . ALA A 1 32 ? 6.989   6.426   -9.391  1.00 40.46 ? 40  ALA A HA   1 
ATOM   520  H HB1  . ALA A 1 32 ? 8.801   5.081   -8.778  1.00 41.72 ? 40  ALA A HB1  1 
ATOM   521  H HB2  . ALA A 1 32 ? 8.472   6.120   -7.622  1.00 41.72 ? 40  ALA A HB2  1 
ATOM   522  H HB3  . ALA A 1 32 ? 8.008   4.606   -7.484  1.00 41.72 ? 40  ALA A HB3  1 
ATOM   523  N N    . ARG A 1 33 ? 5.519   3.654   -9.016  1.00 31.54 ? 41  ARG A N    1 
ATOM   524  C CA   . ARG A 1 33 ? 4.965   2.511   -9.722  1.00 30.68 ? 41  ARG A CA   1 
ATOM   525  C C    . ARG A 1 33 ? 3.731   2.860   -10.525 1.00 33.44 ? 41  ARG A C    1 
ATOM   526  O O    . ARG A 1 33 ? 3.060   1.949   -11.023 1.00 35.00 ? 41  ARG A O    1 
ATOM   527  C CB   . ARG A 1 33 ? 4.713   1.367   -8.741  1.00 29.29 ? 41  ARG A CB   1 
ATOM   528  C CG   . ARG A 1 33 ? 6.010   0.745   -8.253  1.00 27.42 ? 41  ARG A CG   1 
ATOM   529  C CD   . ARG A 1 33 ? 5.842   0.130   -6.886  1.00 25.99 ? 41  ARG A CD   1 
ATOM   530  N NE   . ARG A 1 33 ? 7.031   -0.587  -6.426  1.00 24.65 ? 41  ARG A NE   1 
ATOM   531  C CZ   . ARG A 1 33 ? 8.124   0.000   -5.942  1.00 25.17 ? 41  ARG A CZ   1 
ATOM   532  N NH1  . ARG A 1 33 ? 8.204   1.314   -5.891  1.00 25.03 ? 41  ARG A NH1  1 
ATOM   533  N NH2  . ARG A 1 33 ? 9.148   -0.727  -5.525  1.00 24.37 ? 41  ARG A NH2  1 
ATOM   534  H H    . ARG A 1 33 ? 5.262   3.717   -8.197  1.00 37.89 ? 41  ARG A H    1 
ATOM   535  H HA   . ARG A 1 33 ? 5.632   2.199   -10.353 1.00 36.86 ? 41  ARG A HA   1 
ATOM   536  H HB2  . ARG A 1 33 ? 4.232   1.708   -7.971  1.00 35.19 ? 41  ARG A HB2  1 
ATOM   537  H HB3  . ARG A 1 33 ? 4.193   0.678   -9.182  1.00 35.19 ? 41  ARG A HB3  1 
ATOM   538  H HG2  . ARG A 1 33 ? 6.282   0.048   -8.869  1.00 32.95 ? 41  ARG A HG2  1 
ATOM   539  H HG3  . ARG A 1 33 ? 6.693   1.431   -8.196  1.00 32.95 ? 41  ARG A HG3  1 
ATOM   540  H HD2  . ARG A 1 33 ? 5.650   0.833   -6.246  1.00 31.23 ? 41  ARG A HD2  1 
ATOM   541  H HD3  . ARG A 1 33 ? 5.105   -0.501  -6.913  1.00 31.23 ? 41  ARG A HD3  1 
ATOM   542  H HE   . ARG A 1 33 ? 7.023   -1.445  -6.471  1.00 29.63 ? 41  ARG A HE   1 
ATOM   543  H HH11 . ARG A 1 33 ? 7.542   1.796   -6.155  1.00 30.09 ? 41  ARG A HH11 1 
ATOM   544  H HH12 . ARG A 1 33 ? 8.915   1.689   -5.584  1.00 30.09 ? 41  ARG A HH12 1 
ATOM   545  H HH21 . ARG A 1 33 ? 9.109   -1.585  -5.563  1.00 29.29 ? 41  ARG A HH21 1 
ATOM   546  H HH22 . ARG A 1 33 ? 9.857   -0.341  -5.228  1.00 29.29 ? 41  ARG A HH22 1 
ATOM   547  N N    . GLY A 1 34 ? 3.441   4.152   -10.674 1.00 33.77 ? 42  GLY A N    1 
ATOM   548  C CA   . GLY A 1 34 ? 2.400   4.620   -11.566 1.00 34.41 ? 42  GLY A CA   1 
ATOM   549  C C    . GLY A 1 34 ? 1.042   4.821   -10.935 1.00 34.33 ? 42  GLY A C    1 
ATOM   550  O O    . GLY A 1 34 ? 0.059   5.007   -11.665 1.00 36.20 ? 42  GLY A O    1 
ATOM   551  H H    . GLY A 1 34 ? 3.846   4.786   -10.257 1.00 40.57 ? 42  GLY A H    1 
ATOM   552  H HA2  . GLY A 1 34 ? 2.676   5.467   -11.951 1.00 41.34 ? 42  GLY A HA2  1 
ATOM   553  H HA3  . GLY A 1 34 ? 2.299   3.982   -12.290 1.00 41.34 ? 42  GLY A HA3  1 
ATOM   554  N N    . ILE A 1 35 ? 0.952   4.810   -9.611  1.00 32.07 ? 43  ILE A N    1 
ATOM   555  C CA   . ILE A 1 35 ? -0.302  5.017   -8.902  1.00 31.31 ? 43  ILE A CA   1 
ATOM   556  C C    . ILE A 1 35 ? -0.396  6.495   -8.542  1.00 36.90 ? 43  ILE A C    1 
ATOM   557  O O    . ILE A 1 35 ? 0.308   6.970   -7.644  1.00 37.00 ? 43  ILE A O    1 
ATOM   558  C CB   . ILE A 1 35 ? -0.372  4.123   -7.664  1.00 27.34 ? 43  ILE A CB   1 
ATOM   559  C CG1  . ILE A 1 35 ? -0.330  2.668   -8.120  1.00 22.72 ? 43  ILE A CG1  1 
ATOM   560  C CG2  . ILE A 1 35 ? -1.605  4.442   -6.836  1.00 29.36 ? 43  ILE A CG2  1 
ATOM   561  C CD1  . ILE A 1 35 ? -0.262  1.669   -7.020  1.00 21.23 ? 43  ILE A CD1  1 
ATOM   562  H H    . ILE A 1 35 ? 1.622   4.683   -9.089  1.00 38.53 ? 43  ILE A H    1 
ATOM   563  H HA   . ILE A 1 35 ? -1.045  4.793   -9.486  1.00 37.62 ? 43  ILE A HA   1 
ATOM   564  H HB   . ILE A 1 35 ? 0.413   4.293   -7.121  1.00 32.85 ? 43  ILE A HB   1 
ATOM   565  H HG12 . ILE A 1 35 ? -1.131  2.483   -8.635  1.00 27.32 ? 43  ILE A HG12 1 
ATOM   566  H HG13 . ILE A 1 35 ? 0.452   2.542   -8.679  1.00 27.32 ? 43  ILE A HG13 1 
ATOM   567  H HG21 . ILE A 1 35 ? -1.622  3.861   -6.059  1.00 35.28 ? 43  ILE A HG21 1 
ATOM   568  H HG22 . ILE A 1 35 ? -1.564  5.370   -6.555  1.00 35.28 ? 43  ILE A HG22 1 
ATOM   569  H HG23 . ILE A 1 35 ? -2.396  4.295   -7.378  1.00 35.28 ? 43  ILE A HG23 1 
ATOM   570  H HD11 . ILE A 1 35 ? -0.240  0.778   -7.403  1.00 25.52 ? 43  ILE A HD11 1 
ATOM   571  H HD12 . ILE A 1 35 ? 0.541   1.826   -6.499  1.00 25.52 ? 43  ILE A HD12 1 
ATOM   572  H HD13 . ILE A 1 35 ? -1.046  1.767   -6.455  1.00 25.52 ? 43  ILE A HD13 1 
ATOM   573  N N    A SER A 1 36 ? -1.273  7.224   -9.239  0.50 39.99 ? 44  SER A N    1 
ATOM   574  N N    B SER A 1 36 ? -1.274  7.222   -9.241  0.50 39.81 ? 44  SER A N    1 
ATOM   575  C CA   A SER A 1 36 ? -1.368  8.669   -9.043  0.50 41.82 ? 44  SER A CA   1 
ATOM   576  C CA   B SER A 1 36 ? -1.377  8.665   -9.050  0.50 41.43 ? 44  SER A CA   1 
ATOM   577  C C    A SER A 1 36 ? -1.911  9.027   -7.667  0.50 42.28 ? 44  SER A C    1 
ATOM   578  C C    B SER A 1 36 ? -1.913  9.026   -7.672  0.50 42.13 ? 44  SER A C    1 
ATOM   579  O O    A SER A 1 36 ? -1.546  10.071  -7.113  0.50 43.54 ? 44  SER A O    1 
ATOM   580  O O    B SER A 1 36 ? -1.542  10.068  -7.118  0.50 43.43 ? 44  SER A O    1 
ATOM   581  C CB   A SER A 1 36 ? -2.263  9.287   -10.117 0.50 43.54 ? 44  SER A CB   1 
ATOM   582  C CB   B SER A 1 36 ? -2.286  9.270   -10.123 0.50 42.67 ? 44  SER A CB   1 
ATOM   583  O OG   A SER A 1 36 ? -1.737  9.064   -11.411 0.50 45.04 ? 44  SER A OG   1 
ATOM   584  O OG   B SER A 1 36 ? -3.598  8.737   -10.039 0.50 43.82 ? 44  SER A OG   1 
ATOM   585  H H    A SER A 1 36 ? -1.818  6.909   -9.824  0.50 48.04 ? 44  SER A H    1 
ATOM   586  H H    B SER A 1 36 ? -1.817  6.901   -9.827  0.50 47.82 ? 44  SER A H    1 
ATOM   587  H HA   A SER A 1 36 ? -0.483  9.059   -9.128  0.50 50.23 ? 44  SER A HA   1 
ATOM   588  H HA   B SER A 1 36 ? -0.497  9.061   -9.144  0.50 49.76 ? 44  SER A HA   1 
ATOM   589  H HB2  A SER A 1 36 ? -3.145  8.885   -10.062 0.50 52.30 ? 44  SER A HB2  1 
ATOM   590  H HB2  B SER A 1 36 ? -2.328  10.232  -9.995  0.50 51.25 ? 44  SER A HB2  1 
ATOM   591  H HB3  A SER A 1 36 ? -2.326  10.242  -9.963  0.50 52.30 ? 44  SER A HB3  1 
ATOM   592  H HB3  B SER A 1 36 ? -1.918  9.069   -10.998 0.50 51.25 ? 44  SER A HB3  1 
ATOM   593  H HG   A SER A 1 36 ? -2.239  9.409   -11.989 0.50 54.09 ? 44  SER A HG   1 
ATOM   594  H HG   B SER A 1 36 ? -4.085  9.077   -10.633 0.50 52.63 ? 44  SER A HG   1 
ATOM   595  N N    . ASN A 1 37 ? -2.790  8.198   -7.110  1.00 41.68 ? 45  ASN A N    1 
ATOM   596  C CA   . ASN A 1 37 ? -3.431  8.470   -5.827  1.00 41.99 ? 45  ASN A CA   1 
ATOM   597  C C    . ASN A 1 37 ? -3.181  7.276   -4.923  1.00 40.14 ? 45  ASN A C    1 
ATOM   598  O O    . ASN A 1 37 ? -4.046  6.404   -4.762  1.00 39.39 ? 45  ASN A O    1 
ATOM   599  C CB   . ASN A 1 37 ? -4.925  8.739   -6.008  1.00 44.34 ? 45  ASN A CB   1 
ATOM   600  C CG   . ASN A 1 37 ? -5.539  9.436   -4.816  0.59 46.18 ? 45  ASN A CG   1 
ATOM   601  O OD1  . ASN A 1 37 ? -5.300  9.061   -3.667  0.71 46.84 ? 45  ASN A OD1  1 
ATOM   602  N ND2  . ASN A 1 37 ? -6.328  10.468  -5.082  0.53 46.76 ? 45  ASN A ND2  1 
ATOM   603  H H    . ASN A 1 37 ? -3.038  7.454   -7.463  1.00 50.06 ? 45  ASN A H    1 
ATOM   604  H HA   . ASN A 1 37 ? -3.025  9.253   -5.422  1.00 50.44 ? 45  ASN A HA   1 
ATOM   605  H HB2  . ASN A 1 37 ? -5.053  9.304   -6.786  1.00 53.25 ? 45  ASN A HB2  1 
ATOM   606  H HB3  . ASN A 1 37 ? -5.385  7.893   -6.132  1.00 53.25 ? 45  ASN A HB3  1 
ATOM   607  H HD21 . ASN A 1 37 ? -6.703  10.900  -4.439  0.58 56.16 ? 45  ASN A HD21 1 
ATOM   608  H HD22 . ASN A 1 37 ? -6.465  10.705  -5.896  0.58 56.16 ? 45  ASN A HD22 1 
ATOM   609  N N    . PRO A 1 38 ? -1.998  7.195   -4.319  1.00 39.00 ? 46  PRO A N    1 
ATOM   610  C CA   . PRO A 1 38 ? -1.706  6.029   -3.475  1.00 37.91 ? 46  PRO A CA   1 
ATOM   611  C C    . PRO A 1 38 ? -2.570  5.949   -2.233  1.00 35.78 ? 46  PRO A C    1 
ATOM   612  O O    . PRO A 1 38 ? -2.829  4.839   -1.754  1.00 33.55 ? 46  PRO A O    1 
ATOM   613  C CB   . PRO A 1 38 ? -0.224  6.198   -3.112  1.00 39.21 ? 46  PRO A CB   1 
ATOM   614  C CG   . PRO A 1 38 ? 0.313   7.222   -4.034  1.00 40.45 ? 46  PRO A CG   1 
ATOM   615  C CD   . PRO A 1 38 ? -0.827  8.069   -4.492  1.00 39.59 ? 46  PRO A CD   1 
ATOM   616  H HA   . PRO A 1 38 ? -1.814  5.213   -3.989  1.00 45.54 ? 46  PRO A HA   1 
ATOM   617  H HB2  . PRO A 1 38 ? -0.148  6.496   -2.192  1.00 47.10 ? 46  PRO A HB2  1 
ATOM   618  H HB3  . PRO A 1 38 ? 0.238   5.355   -3.236  1.00 47.10 ? 46  PRO A HB3  1 
ATOM   619  H HG2  . PRO A 1 38 ? 0.965   7.765   -3.563  1.00 48.59 ? 46  PRO A HG2  1 
ATOM   620  H HG3  . PRO A 1 38 ? 0.729   6.782   -4.792  1.00 48.59 ? 46  PRO A HG3  1 
ATOM   621  H HD2  . PRO A 1 38 ? -0.908  8.857   -3.934  1.00 47.55 ? 46  PRO A HD2  1 
ATOM   622  H HD3  . PRO A 1 38 ? -0.717  8.305   -5.427  1.00 47.55 ? 46  PRO A HD3  1 
ATOM   623  N N    . GLN A 1 39 ? -3.010  7.078   -1.675  1.00 37.58 ? 47  GLN A N    1 
ATOM   624  C CA   A GLN A 1 39 ? -3.799  7.000   -0.452  0.60 38.46 ? 47  GLN A CA   1 
ATOM   625  C CA   B GLN A 1 39 ? -3.816  7.037   -0.461  0.40 38.23 ? 47  GLN A CA   1 
ATOM   626  C C    . GLN A 1 39 ? -5.069  6.192   -0.665  1.00 36.97 ? 47  GLN A C    1 
ATOM   627  O O    . GLN A 1 39 ? -5.438  5.382   0.192   1.00 36.31 ? 47  GLN A O    1 
ATOM   628  C CB   A GLN A 1 39 ? -4.104  8.390   0.110   0.60 41.16 ? 47  GLN A CB   1 
ATOM   629  C CB   B GLN A 1 39 ? -4.181  8.462   -0.040  0.40 40.82 ? 47  GLN A CB   1 
ATOM   630  C CG   A GLN A 1 39 ? -2.884  9.138   0.658   0.60 43.31 ? 47  GLN A CG   1 
ATOM   631  C CG   B GLN A 1 39 ? -2.976  9.406   0.123   0.40 42.54 ? 47  GLN A CG   1 
ATOM   632  C CD   A GLN A 1 39 ? -1.846  8.225   1.292   0.60 44.25 ? 47  GLN A CD   1 
ATOM   633  C CD   B GLN A 1 39 ? -2.478  9.998   -1.197  0.40 43.09 ? 47  GLN A CD   1 
ATOM   634  O OE1  A GLN A 1 39 ? -2.144  7.449   2.205   0.60 44.91 ? 47  GLN A OE1  1 
ATOM   635  O OE1  B GLN A 1 39 ? -3.165  9.939   -2.222  0.40 43.20 ? 47  GLN A OE1  1 
ATOM   636  N NE2  A GLN A 1 39 ? -0.619  8.303   0.794   0.60 43.90 ? 47  GLN A NE2  1 
ATOM   637  N NE2  B GLN A 1 39 ? -1.277  10.569  -1.173  0.40 42.20 ? 47  GLN A NE2  1 
ATOM   638  H H    A GLN A 1 39 ? -2.872  7.873   -1.973  0.60 45.14 ? 47  GLN A H    1 
ATOM   639  H H    B GLN A 1 39 ? -2.858  7.868   -1.977  0.40 45.14 ? 47  GLN A H    1 
ATOM   640  H HA   A GLN A 1 39 ? -3.273  6.532   0.215   0.60 46.20 ? 47  GLN A HA   1 
ATOM   641  H HA   B GLN A 1 39 ? -3.296  6.635   0.253   0.40 45.93 ? 47  GLN A HA   1 
ATOM   642  H HB2  A GLN A 1 39 ? -4.489  8.933   -0.596  0.60 49.44 ? 47  GLN A HB2  1 
ATOM   643  H HB2  B GLN A 1 39 ? -4.766  8.844   -0.713  0.40 49.03 ? 47  GLN A HB2  1 
ATOM   644  H HB3  A GLN A 1 39 ? -4.742  8.298   0.836   0.60 49.44 ? 47  GLN A HB3  1 
ATOM   645  H HB3  B GLN A 1 39 ? -4.643  8.426   0.812   0.40 49.03 ? 47  GLN A HB3  1 
ATOM   646  H HG2  A GLN A 1 39 ? -2.455  9.614   -0.071  0.60 52.02 ? 47  GLN A HG2  1 
ATOM   647  H HG2  B GLN A 1 39 ? -3.232  10.143  0.700   0.40 51.10 ? 47  GLN A HG2  1 
ATOM   648  H HG3  A GLN A 1 39 ? -3.179  9.767   1.334   0.60 52.02 ? 47  GLN A HG3  1 
ATOM   649  H HG3  B GLN A 1 39 ? -2.244  8.913   0.522   0.40 51.10 ? 47  GLN A HG3  1 
ATOM   650  H HE21 A GLN A 1 39 ? -0.451  8.847   0.148   0.60 52.72 ? 47  GLN A HE21 1 
ATOM   651  H HE21 B GLN A 1 39 ? -0.825  10.590  -0.441  0.40 50.69 ? 47  GLN A HE21 1 
ATOM   652  H HE22 A GLN A 1 39 ? 0.008   7.809   1.115   0.60 52.72 ? 47  GLN A HE22 1 
ATOM   653  H HE22 B GLN A 1 39 ? -0.951  10.916  -1.888  0.40 50.69 ? 47  GLN A HE22 1 
ATOM   654  N N    . ALA A 1 40 ? -5.731  6.366   -1.813  1.00 37.38 ? 48  ALA A N    1 
ATOM   655  C CA   . ALA A 1 40 ? -6.937  5.594   -2.087  1.00 35.46 ? 48  ALA A CA   1 
ATOM   656  C C    . ALA A 1 40 ? -6.627  4.108   -2.204  1.00 32.99 ? 48  ALA A C    1 
ATOM   657  O O    . ALA A 1 40 ? -7.379  3.261   -1.705  1.00 32.89 ? 48  ALA A O    1 
ATOM   658  C CB   . ALA A 1 40 ? -7.598  6.092   -3.373  1.00 36.95 ? 48  ALA A CB   1 
ATOM   659  H H    . ALA A 1 40 ? -5.505  6.913   -2.436  1.00 44.90 ? 48  ALA A H    1 
ATOM   660  H HA   . ALA A 1 40 ? -7.565  5.714   -1.357  1.00 42.60 ? 48  ALA A HA   1 
ATOM   661  H HB1  . ALA A 1 40 ? -8.398  5.568   -3.540  1.00 44.39 ? 48  ALA A HB1  1 
ATOM   662  H HB2  . ALA A 1 40 ? -7.832  7.027   -3.265  1.00 44.39 ? 48  ALA A HB2  1 
ATOM   663  H HB3  . ALA A 1 40 ? -6.975  5.987   -4.108  1.00 44.39 ? 48  ALA A HB3  1 
ATOM   664  N N    . VAL A 1 41 ? -5.510  3.764   -2.850  1.00 30.61 ? 49  VAL A N    1 
ATOM   665  C CA   . VAL A 1 41 ? -5.172  2.358   -3.021  1.00 27.54 ? 49  VAL A CA   1 
ATOM   666  C C    . VAL A 1 41 ? -4.746  1.754   -1.685  1.00 26.28 ? 49  VAL A C    1 
ATOM   667  O O    . VAL A 1 41 ? -5.140  0.634   -1.341  1.00 26.14 ? 49  VAL A O    1 
ATOM   668  C CB   . VAL A 1 41 ? -4.090  2.204   -4.103  1.00 26.41 ? 49  VAL A CB   1 
ATOM   669  C CG1  . VAL A 1 41 ? -3.738  0.748   -4.294  1.00 25.49 ? 49  VAL A CG1  1 
ATOM   670  C CG2  . VAL A 1 41 ? -4.518  2.851   -5.431  1.00 27.35 ? 49  VAL A CG2  1 
ATOM   671  H H    . VAL A 1 41 ? -4.943  4.316   -3.189  1.00 36.78 ? 49  VAL A H    1 
ATOM   672  H HA   . VAL A 1 41 ? -5.962  1.881   -3.322  1.00 33.10 ? 49  VAL A HA   1 
ATOM   673  H HB   . VAL A 1 41 ? -3.288  2.660   -3.803  1.00 31.73 ? 49  VAL A HB   1 
ATOM   674  H HG11 . VAL A 1 41 ? -3.056  0.675   -4.980  1.00 30.64 ? 49  VAL A HG11 1 
ATOM   675  H HG12 . VAL A 1 41 ? -3.404  0.391   -3.455  1.00 30.64 ? 49  VAL A HG12 1 
ATOM   676  H HG13 . VAL A 1 41 ? -4.534  0.264   -4.565  1.00 30.64 ? 49  VAL A HG13 1 
ATOM   677  H HG21 . VAL A 1 41 ? -3.811  2.732   -6.083  1.00 32.87 ? 49  VAL A HG21 1 
ATOM   678  H HG22 . VAL A 1 41 ? -5.331  2.422   -5.742  1.00 32.87 ? 49  VAL A HG22 1 
ATOM   679  H HG23 . VAL A 1 41 ? -4.679  3.796   -5.284  1.00 32.87 ? 49  VAL A HG23 1 
ATOM   680  N N    . ILE A 1 42 ? -3.944  2.488   -0.905  1.00 26.08 ? 50  ILE A N    1 
ATOM   681  C CA   . ILE A 1 42 ? -3.566  2.019   0.426   1.00 26.33 ? 50  ILE A CA   1 
ATOM   682  C C    . ILE A 1 42 ? -4.811  1.746   1.266   1.00 27.95 ? 50  ILE A C    1 
ATOM   683  O O    . ILE A 1 42 ? -4.936  0.701   1.915   1.00 27.53 ? 50  ILE A O    1 
ATOM   684  C CB   . ILE A 1 42 ? -2.624  3.036   1.096   1.00 27.05 ? 50  ILE A CB   1 
ATOM   685  C CG1  . ILE A 1 42 ? -1.259  2.984   0.417   1.00 25.77 ? 50  ILE A CG1  1 
ATOM   686  C CG2  . ILE A 1 42 ? -2.463  2.764   2.596   1.00 27.51 ? 50  ILE A CG2  1 
ATOM   687  C CD1  . ILE A 1 42 ? -0.363  4.143   0.766   1.00 27.68 ? 50  ILE A CD1  1 
ATOM   688  H H    . ILE A 1 42 ? -3.611  3.250   -1.123  1.00 31.34 ? 50  ILE A H    1 
ATOM   689  H HA   . ILE A 1 42 ? -3.082  1.183   0.337   1.00 31.65 ? 50  ILE A HA   1 
ATOM   690  H HB   . ILE A 1 42 ? -2.995  3.924   0.981   1.00 32.50 ? 50  ILE A HB   1 
ATOM   691  H HG12 . ILE A 1 42 ? -0.807  2.169   0.686   1.00 30.97 ? 50  ILE A HG12 1 
ATOM   692  H HG13 . ILE A 1 42 ? -1.387  2.988   -0.545  1.00 30.97 ? 50  ILE A HG13 1 
ATOM   693  H HG21 . ILE A 1 42 ? -1.863  3.427   2.974   1.00 33.06 ? 50  ILE A HG21 1 
ATOM   694  H HG22 . ILE A 1 42 ? -3.331  2.822   3.023   1.00 33.06 ? 50  ILE A HG22 1 
ATOM   695  H HG23 . ILE A 1 42 ? -2.092  1.876   2.718   1.00 33.06 ? 50  ILE A HG23 1 
ATOM   696  H HD11 . ILE A 1 42 ? 0.482   4.040   0.299   1.00 33.26 ? 50  ILE A HD11 1 
ATOM   697  H HD12 . ILE A 1 42 ? -0.794  4.967   0.493   1.00 33.26 ? 50  ILE A HD12 1 
ATOM   698  H HD13 . ILE A 1 42 ? -0.213  4.148   1.724   1.00 33.26 ? 50  ILE A HD13 1 
ATOM   699  N N    . SER A 1 43 ? -5.755  2.680   1.255   1.00 29.39 ? 51  SER A N    1 
ATOM   700  C CA   . SER A 1 43 ? -6.964  2.517   2.053   1.00 32.86 ? 51  SER A CA   1 
ATOM   701  C C    . SER A 1 43 ? -7.755  1.286   1.620   1.00 34.07 ? 51  SER A C    1 
ATOM   702  O O    . SER A 1 43 ? -8.260  0.531   2.462   1.00 34.69 ? 51  SER A O    1 
ATOM   703  C CB   . SER A 1 43 ? -7.826  3.761   1.910   1.00 35.69 ? 51  SER A CB   1 
ATOM   704  O OG   . SER A 1 43 ? -8.965  3.664   2.734   1.00 40.26 ? 51  SER A OG   1 
ATOM   705  H H    . SER A 1 43 ? -5.720  3.410   0.801   1.00 35.31 ? 51  SER A H    1 
ATOM   706  H HA   . SER A 1 43 ? -6.723  2.415   2.987   1.00 39.48 ? 51  SER A HA   1 
ATOM   707  H HB2  . SER A 1 43 ? -7.308  4.538   2.174   1.00 42.87 ? 51  SER A HB2  1 
ATOM   708  H HB3  . SER A 1 43 ? -8.108  3.846   0.986   1.00 42.87 ? 51  SER A HB3  1 
ATOM   709  H HG   . SER A 1 43 ? -9.439  4.353   2.652   1.00 48.36 ? 51  SER A HG   1 
ATOM   710  N N    . LYS A 1 44 ? -7.839  1.048   0.306   1.00 31.82 ? 52  LYS A N    1 
ATOM   711  C CA   . LYS A 1 44 ? -8.464  -0.165  -0.200  1.00 31.84 ? 52  LYS A CA   1 
ATOM   712  C C    . LYS A 1 44 ? -7.770  -1.413  0.329   1.00 30.68 ? 52  LYS A C    1 
ATOM   713  O O    . LYS A 1 44 ? -8.421  -2.358  0.772   1.00 32.56 ? 52  LYS A O    1 
ATOM   714  C CB   . LYS A 1 44 ? -8.460  -0.113  -1.726  1.00 34.23 ? 52  LYS A CB   1 
ATOM   715  C CG   . LYS A 1 44 ? -9.356  -1.121  -2.363  1.00 37.60 ? 52  LYS A CG   1 
ATOM   716  C CD   . LYS A 1 44 ? -10.810 -0.675  -2.428  1.00 39.20 ? 52  LYS A CD   1 
ATOM   717  C CE   . LYS A 1 44 ? -11.684 -1.824  -2.860  1.00 42.01 ? 52  LYS A CE   1 
ATOM   718  N NZ   . LYS A 1 44 ? -12.943 -1.842  -2.080  1.00 42.26 ? 52  LYS A NZ   1 
ATOM   719  H H    . LYS A 1 44 ? -7.541  1.575   -0.305  1.00 38.23 ? 52  LYS A H    1 
ATOM   720  H HA   . LYS A 1 44 ? -9.388  -0.190  0.096   1.00 38.25 ? 52  LYS A HA   1 
ATOM   721  H HB2  . LYS A 1 44 ? -8.753  0.766   -2.011  1.00 41.13 ? 52  LYS A HB2  1 
ATOM   722  H HB3  . LYS A 1 44 ? -7.558  -0.278  -2.043  1.00 41.13 ? 52  LYS A HB3  1 
ATOM   723  H HG2  . LYS A 1 44 ? -9.053  -1.283  -3.270  1.00 45.16 ? 52  LYS A HG2  1 
ATOM   724  H HG3  . LYS A 1 44 ? -9.318  -1.944  -1.850  1.00 45.16 ? 52  LYS A HG3  1 
ATOM   725  H HD2  . LYS A 1 44 ? -11.099 -0.383  -1.549  1.00 47.09 ? 52  LYS A HD2  1 
ATOM   726  H HD3  . LYS A 1 44 ? -10.901 0.042   -3.073  1.00 47.09 ? 52  LYS A HD3  1 
ATOM   727  H HE2  . LYS A 1 44 ? -11.907 -1.724  -3.799  1.00 50.46 ? 52  LYS A HE2  1 
ATOM   728  H HE3  . LYS A 1 44 ? -11.218 -2.661  -2.710  1.00 50.46 ? 52  LYS A HE3  1 
ATOM   729  H HZ1  . LYS A 1 44 ? -12.762 -1.934  -1.214  1.00 50.76 ? 52  LYS A HZ1  1 
ATOM   730  H HZ2  . LYS A 1 44 ? -13.389 -1.081  -2.204  1.00 50.76 ? 52  LYS A HZ2  1 
ATOM   731  H HZ3  . LYS A 1 44 ? -13.453 -2.522  -2.342  1.00 50.76 ? 52  LYS A HZ3  1 
ATOM   732  N N    . LEU A 1 45 ? -6.432  -1.430  0.324   1.00 28.59 ? 53  LEU A N    1 
ATOM   733  C CA   . LEU A 1 45 ? -5.721  -2.600  0.831   1.00 28.29 ? 53  LEU A CA   1 
ATOM   734  C C    . LEU A 1 45 ? -5.964  -2.810  2.322   1.00 29.48 ? 53  LEU A C    1 
ATOM   735  O O    . LEU A 1 45 ? -5.972  -3.953  2.796   1.00 32.21 ? 53  LEU A O    1 
ATOM   736  C CB   . LEU A 1 45 ? -4.221  -2.480  0.553   1.00 26.78 ? 53  LEU A CB   1 
ATOM   737  C CG   . LEU A 1 45 ? -3.743  -3.151  -0.732  1.00 26.01 ? 53  LEU A CG   1 
ATOM   738  C CD1  . LEU A 1 45 ? -4.358  -2.555  -1.946  1.00 24.83 ? 53  LEU A CD1  1 
ATOM   739  C CD2  . LEU A 1 45 ? -2.256  -3.045  -0.831  1.00 25.29 ? 53  LEU A CD2  1 
ATOM   740  H H    . LEU A 1 45 ? -5.928  -0.794  0.039   1.00 34.35 ? 53  LEU A H    1 
ATOM   741  H HA   . LEU A 1 45 ? -6.045  -3.387  0.366   1.00 33.99 ? 53  LEU A HA   1 
ATOM   742  H HB2  . LEU A 1 45 ? -3.993  -1.540  0.493   1.00 32.18 ? 53  LEU A HB2  1 
ATOM   743  H HB3  . LEU A 1 45 ? -3.737  -2.884  1.291   1.00 32.18 ? 53  LEU A HB3  1 
ATOM   744  H HG   . LEU A 1 45 ? -3.977  -4.092  -0.705  1.00 31.26 ? 53  LEU A HG   1 
ATOM   745  H HD11 . LEU A 1 45 ? -4.021  -3.017  -2.730  1.00 29.84 ? 53  LEU A HD11 1 
ATOM   746  H HD12 . LEU A 1 45 ? -5.322  -2.654  -1.892  1.00 29.84 ? 53  LEU A HD12 1 
ATOM   747  H HD13 . LEU A 1 45 ? -4.123  -1.615  -1.990  1.00 29.84 ? 53  LEU A HD13 1 
ATOM   748  H HD21 . LEU A 1 45 ? -1.963  -3.474  -1.650  1.00 30.39 ? 53  LEU A HD21 1 
ATOM   749  H HD22 . LEU A 1 45 ? -2.007  -2.108  -0.841  1.00 30.39 ? 53  LEU A HD22 1 
ATOM   750  H HD23 . LEU A 1 45 ? -1.856  -3.486  -0.065  1.00 30.39 ? 53  LEU A HD23 1 
ATOM   751  N N    . ILE A 1 46 ? -6.133  -1.729  3.076   1.00 29.12 ? 54  ILE A N    1 
ATOM   752  C CA   . ILE A 1 46 ? -6.491  -1.855  4.489   1.00 30.54 ? 54  ILE A CA   1 
ATOM   753  C C    . ILE A 1 46 ? -7.884  -2.468  4.626   1.00 32.17 ? 54  ILE A C    1 
ATOM   754  O O    . ILE A 1 46 ? -8.098  -3.393  5.417   1.00 33.55 ? 54  ILE A O    1 
ATOM   755  C CB   . ILE A 1 46 ? -6.378  -0.487  5.173   1.00 31.60 ? 54  ILE A CB   1 
ATOM   756  C CG1  . ILE A 1 46 ? -4.921  -0.032  5.180   1.00 31.19 ? 54  ILE A CG1  1 
ATOM   757  C CG2  . ILE A 1 46 ? -6.883  -0.552  6.604   1.00 33.45 ? 54  ILE A CG2  1 
ATOM   758  C CD1  . ILE A 1 46 ? -4.716  1.388   5.661   1.00 31.85 ? 54  ILE A CD1  1 
ATOM   759  H H    . ILE A 1 46 ? -6.048  -0.919  2.799   1.00 34.99 ? 54  ILE A H    1 
ATOM   760  H HA   . ILE A 1 46 ? -5.861  -2.454  4.919   1.00 36.70 ? 54  ILE A HA   1 
ATOM   761  H HB   . ILE A 1 46 ? -6.909  0.159   4.680   1.00 37.97 ? 54  ILE A HB   1 
ATOM   762  H HG12 . ILE A 1 46 ? -4.414  -0.618  5.763   1.00 37.47 ? 54  ILE A HG12 1 
ATOM   763  H HG13 . ILE A 1 46 ? -4.572  -0.090  4.276   1.00 37.47 ? 54  ILE A HG13 1 
ATOM   764  H HG21 . ILE A 1 46 ? -6.798  0.325   7.009   1.00 40.19 ? 54  ILE A HG21 1 
ATOM   765  H HG22 . ILE A 1 46 ? -7.813  -0.826  6.599   1.00 40.19 ? 54  ILE A HG22 1 
ATOM   766  H HG23 . ILE A 1 46 ? -6.351  -1.197  7.097   1.00 40.19 ? 54  ILE A HG23 1 
ATOM   767  H HD11 . ILE A 1 46 ? -3.770  1.597   5.635   1.00 38.27 ? 54  ILE A HD11 1 
ATOM   768  H HD12 . ILE A 1 46 ? -5.206  1.992   5.080   1.00 38.27 ? 54  ILE A HD12 1 
ATOM   769  H HD13 . ILE A 1 46 ? -5.047  1.463   6.570   1.00 38.27 ? 54  ILE A HD13 1 
ATOM   770  N N    A GLU A 1 47 ? -8.860  -1.969  3.862   0.52 31.26 ? 55  GLU A N    1 
ATOM   771  N N    B GLU A 1 47 ? -8.821  -2.001  3.806   0.48 31.52 ? 55  GLU A N    1 
ATOM   772  C CA   A GLU A 1 47 ? -10.184 -2.587  3.896   0.52 31.28 ? 55  GLU A CA   1 
ATOM   773  C CA   B GLU A 1 47 ? -10.192 -2.471  3.790   0.48 33.25 ? 55  GLU A CA   1 
ATOM   774  C C    A GLU A 1 47 ? -10.083 -4.090  3.688   0.52 31.92 ? 55  GLU A C    1 
ATOM   775  C C    B GLU A 1 47 ? -10.300 -3.969  3.454   0.48 33.01 ? 55  GLU A C    1 
ATOM   776  O O    A GLU A 1 47 ? -10.652 -4.885  4.442   0.52 32.73 ? 55  GLU A O    1 
ATOM   777  O O    B GLU A 1 47 ? -11.203 -4.644  3.952   0.48 34.08 ? 55  GLU A O    1 
ATOM   778  C CB   A GLU A 1 47 ? -11.076 -1.998  2.808   0.52 30.51 ? 55  GLU A CB   1 
ATOM   779  C CB   B GLU A 1 47 ? -10.991 -1.590  2.813   0.48 35.44 ? 55  GLU A CB   1 
ATOM   780  C CG   A GLU A 1 47 ? -12.373 -2.806  2.604   0.52 29.68 ? 55  GLU A CG   1 
ATOM   781  C CG   B GLU A 1 47 ? -11.063 -0.114  3.270   0.48 36.37 ? 55  GLU A CG   1 
ATOM   782  C CD   A GLU A 1 47 ? -13.194 -2.325  1.439   0.52 28.68 ? 55  GLU A CD   1 
ATOM   783  C CD   B GLU A 1 47 ? -11.546 0.874   2.209   0.48 37.97 ? 55  GLU A CD   1 
ATOM   784  O OE1  A GLU A 1 47 ? -12.650 -1.640  0.551   0.52 28.92 ? 55  GLU A OE1  1 
ATOM   785  O OE1  B GLU A 1 47 ? -11.773 0.477   1.048   0.48 38.36 ? 55  GLU A OE1  1 
ATOM   786  O OE2  A GLU A 1 47 ? -14.403 -2.629  1.429   0.52 30.13 ? 55  GLU A OE2  1 
ATOM   787  O OE2  B GLU A 1 47 ? -11.692 2.072   2.545   0.48 36.83 ? 55  GLU A OE2  1 
ATOM   788  H H    A GLU A 1 47 ? -8.785  -1.297  3.332   0.52 37.56 ? 55  GLU A H    1 
ATOM   789  H H    B GLU A 1 47 ? -8.673  -1.382  3.228   0.48 37.87 ? 55  GLU A H    1 
ATOM   790  H HA   A GLU A 1 47 ? -10.599 -2.422  4.758   0.52 37.59 ? 55  GLU A HA   1 
ATOM   791  H HA   B GLU A 1 47 ? -10.571 -2.344  4.673   0.48 39.95 ? 55  GLU A HA   1 
ATOM   792  H HB2  A GLU A 1 47 ? -11.322 -1.093  3.057   0.52 36.66 ? 55  GLU A HB2  1 
ATOM   793  H HB2  B GLU A 1 47 ? -10.565 -1.615  1.943   0.48 42.57 ? 55  GLU A HB2  1 
ATOM   794  H HB3  A GLU A 1 47 ? -10.591 -1.992  1.969   0.52 36.66 ? 55  GLU A HB3  1 
ATOM   795  H HB3  B GLU A 1 47 ? -11.897 -1.930  2.749   0.48 42.57 ? 55  GLU A HB3  1 
ATOM   796  H HG2  A GLU A 1 47 ? -12.143 -3.734  2.443   0.52 35.66 ? 55  GLU A HG2  1 
ATOM   797  H HG2  B GLU A 1 47 ? -11.673 -0.054  4.022   0.48 43.69 ? 55  GLU A HG2  1 
ATOM   798  H HG3  A GLU A 1 47 ? -12.917 -2.735  3.403   0.52 35.66 ? 55  GLU A HG3  1 
ATOM   799  H HG3  B GLU A 1 47 ? -10.176 0.166   3.548   0.48 43.69 ? 55  GLU A HG3  1 
ATOM   800  N N    . MET A 1 48 ? -9.385  -4.491  2.631   1.00 32.46 ? 56  MET A N    1 
ATOM   801  C CA   A MET A 1 48 ? -9.290  -5.901  2.250   0.43 34.46 ? 56  MET A CA   1 
ATOM   802  C CA   C MET A 1 48 ? -9.284  -5.888  2.243   0.57 34.92 ? 56  MET A CA   1 
ATOM   803  C C    . MET A 1 48 ? -8.565  -6.752  3.273   1.00 36.29 ? 56  MET A C    1 
ATOM   804  O O    . MET A 1 48 ? -8.561  -7.983  3.142   1.00 38.87 ? 56  MET A O    1 
ATOM   805  C CB   A MET A 1 48 ? -8.491  -6.068  0.959   0.43 34.46 ? 56  MET A CB   1 
ATOM   806  C CB   C MET A 1 48 ? -8.512  -6.002  0.931   0.57 34.58 ? 56  MET A CB   1 
ATOM   807  C CG   A MET A 1 48 ? -9.081  -5.441  -0.279  0.43 34.55 ? 56  MET A CG   1 
ATOM   808  C CG   C MET A 1 48 ? -9.123  -5.275  -0.268  0.57 33.67 ? 56  MET A CG   1 
ATOM   809  S SD   A MET A 1 48 ? -7.926  -5.577  -1.664  0.43 36.63 ? 56  MET A SD   1 
ATOM   810  S SD   C MET A 1 48 ? -7.978  -5.215  -1.678  0.57 36.35 ? 56  MET A SD   1 
ATOM   811  C CE   A MET A 1 48 ? -8.089  -3.951  -2.330  0.43 35.34 ? 56  MET A CE   1 
ATOM   812  C CE   C MET A 1 48 ? -7.700  -6.973  -1.906  0.57 38.96 ? 56  MET A CE   1 
ATOM   813  H H    A MET A 1 48 ? -8.950  -3.962  2.112   0.52 39.00 ? 56  MET A H    1 
ATOM   814  H H    B MET A 1 48 ? -9.177  -4.161  1.864   0.48 39.00 ? 56  MET A H    1 
ATOM   815  H HA   . MET A 1 48 ? -10.179 -6.249  2.104   1.00 41.95 ? 56  MET A HA   1 
ATOM   816  H HB2  A MET A 1 48 ? -7.614  -5.674  1.091   0.43 41.40 ? 56  MET A HB2  1 
ATOM   817  H HB2  C MET A 1 48 ? -7.623  -5.640  1.067   0.57 41.55 ? 56  MET A HB2  1 
ATOM   818  H HB3  A MET A 1 48 ? -8.394  -7.017  0.783   0.43 41.40 ? 56  MET A HB3  1 
ATOM   819  H HB3  C MET A 1 48 ? -8.446  -6.941  0.697   0.57 41.55 ? 56  MET A HB3  1 
ATOM   820  H HG2  A MET A 1 48 ? -9.901  -5.902  -0.515  0.43 41.51 ? 56  MET A HG2  1 
ATOM   821  H HG2  C MET A 1 48 ? -9.926  -5.741  -0.549  0.57 40.46 ? 56  MET A HG2  1 
ATOM   822  H HG3  A MET A 1 48 ? -9.255  -4.501  -0.114  0.43 41.51 ? 56  MET A HG3  1 
ATOM   823  H HG3  C MET A 1 48 ? -9.336  -4.364  -0.013  0.57 40.46 ? 56  MET A HG3  1 
ATOM   824  H HE1  A MET A 1 48 ? -7.511  -3.868  -3.104  0.43 42.46 ? 56  MET A HE1  1 
ATOM   825  H HE1  C MET A 1 48 ? -7.090  -7.103  -2.648  0.57 46.80 ? 56  MET A HE1  1 
ATOM   826  H HE2  A MET A 1 48 ? -9.012  -3.806  -2.589  0.43 42.46 ? 56  MET A HE2  1 
ATOM   827  H HE2  C MET A 1 48 ? -7.317  -7.339  -1.094  0.57 46.80 ? 56  MET A HE2  1 
ATOM   828  H HE3  A MET A 1 48 ? -7.830  -3.306  -1.653  0.43 42.46 ? 56  MET A HE3  1 
ATOM   829  H HE3  C MET A 1 48 ? -8.548  -7.405  -2.095  0.57 46.80 ? 56  MET A HE3  1 
ATOM   830  N N    . GLY A 1 49 ? -7.903  -6.133  4.248   1.00 34.51 ? 57  GLY A N    1 
ATOM   831  C CA   . GLY A 1 49 ? -7.146  -6.891  5.224   1.00 35.19 ? 57  GLY A CA   1 
ATOM   832  C C    . GLY A 1 49 ? -5.792  -7.342  4.731   1.00 33.37 ? 57  GLY A C    1 
ATOM   833  O O    . GLY A 1 49 ? -5.205  -8.267  5.302   1.00 35.69 ? 57  GLY A O    1 
ATOM   834  H H    . GLY A 1 49 ? -7.879  -5.281  4.363   1.00 41.46 ? 57  GLY A H    1 
ATOM   835  H HA2  . GLY A 1 49 ? -7.013  -6.347  6.016   1.00 42.27 ? 57  GLY A HA2  1 
ATOM   836  H HA3  . GLY A 1 49 ? -7.652  -7.678  5.479   1.00 42.27 ? 57  GLY A HA3  1 
ATOM   837  N N    . ILE A 1 50 ? -5.289  -6.731  3.661   1.00 30.44 ? 58  ILE A N    1 
ATOM   838  C CA   A ILE A 1 50 ? -3.971  -7.086  3.145   0.66 30.49 ? 58  ILE A CA   1 
ATOM   839  C CA   B ILE A 1 50 ? -3.973  -7.097  3.154   0.34 30.12 ? 58  ILE A CA   1 
ATOM   840  C C    . ILE A 1 50 ? -2.880  -6.444  3.987   1.00 28.23 ? 58  ILE A C    1 
ATOM   841  O O    . ILE A 1 50 ? -1.838  -7.056  4.242   1.00 30.14 ? 58  ILE A O    1 
ATOM   842  C CB   A ILE A 1 50 ? -3.860  -6.687  1.663   0.66 31.00 ? 58  ILE A CB   1 
ATOM   843  C CB   B ILE A 1 50 ? -3.875  -6.738  1.662   0.34 30.29 ? 58  ILE A CB   1 
ATOM   844  C CG1  A ILE A 1 50 ? -4.869  -7.467  0.809   0.66 31.42 ? 58  ILE A CG1  1 
ATOM   845  C CG1  B ILE A 1 50 ? -4.869  -7.588  0.866   0.34 30.40 ? 58  ILE A CG1  1 
ATOM   846  C CG2  A ILE A 1 50 ? -2.424  -6.880  1.159   0.66 32.26 ? 58  ILE A CG2  1 
ATOM   847  C CG2  B ILE A 1 50 ? -2.447  -6.942  1.149   0.34 30.75 ? 58  ILE A CG2  1 
ATOM   848  C CD1  A ILE A 1 50 ? -4.675  -8.977  0.822   0.66 31.24 ? 58  ILE A CD1  1 
ATOM   849  C CD1  B ILE A 1 50 ? -5.328  -6.950  -0.407  0.34 30.17 ? 58  ILE A CD1  1 
ATOM   850  H H    A ILE A 1 50 ? -5.688  -6.112  3.217   0.66 36.57 ? 58  ILE A H    1 
ATOM   851  H H    B ILE A 1 50 ? -5.685  -6.111  3.215   0.34 36.57 ? 58  ILE A H    1 
ATOM   852  H HA   A ILE A 1 50 ? -3.861  -8.048  3.203   0.66 36.64 ? 58  ILE A HA   1 
ATOM   853  H HA   B ILE A 1 50 ? -3.867  -8.058  3.232   0.34 36.19 ? 58  ILE A HA   1 
ATOM   854  H HB   A ILE A 1 50 ? -4.075  -5.744  1.591   0.66 37.25 ? 58  ILE A HB   1 
ATOM   855  H HB   B ILE A 1 50 ? -4.111  -5.804  1.553   0.34 36.39 ? 58  ILE A HB   1 
ATOM   856  H HG12 A ILE A 1 50 ? -5.761  -7.282  1.138   0.66 37.76 ? 58  ILE A HG12 1 
ATOM   857  H HG12 B ILE A 1 50 ? -4.447  -8.432  0.641   0.34 36.52 ? 58  ILE A HG12 1 
ATOM   858  H HG13 A ILE A 1 50 ? -4.791  -7.169  -0.111  0.66 37.76 ? 58  ILE A HG13 1 
ATOM   859  H HG13 B ILE A 1 50 ? -5.652  -7.748  1.416   0.34 36.52 ? 58  ILE A HG13 1 
ATOM   860  H HG21 A ILE A 1 50 ? -2.380  -6.622  0.226   0.66 38.76 ? 58  ILE A HG21 1 
ATOM   861  H HG21 B ILE A 1 50 ? -2.414  -6.709  0.209   0.34 36.95 ? 58  ILE A HG21 1 
ATOM   862  H HG22 A ILE A 1 50 ? -1.828  -6.325  1.686   0.66 38.76 ? 58  ILE A HG22 1 
ATOM   863  H HG22 B ILE A 1 50 ? -1.846  -6.371  1.654   0.34 36.95 ? 58  ILE A HG22 1 
ATOM   864  H HG23 A ILE A 1 50 ? -2.179  -7.814  1.258   0.66 38.76 ? 58  ILE A HG23 1 
ATOM   865  H HG23 B ILE A 1 50 ? -2.199  -7.872  1.270   0.34 36.95 ? 58  ILE A HG23 1 
ATOM   866  H HD11 A ILE A 1 50 ? -5.352  -9.386  0.260   0.66 37.53 ? 58  ILE A HD11 1 
ATOM   867  H HD11 B ILE A 1 50 ? -5.953  -7.547  -0.851  0.34 36.25 ? 58  ILE A HD11 1 
ATOM   868  H HD12 A ILE A 1 50 ? -3.792  -9.185  0.482   0.66 37.53 ? 58  ILE A HD12 1 
ATOM   869  H HD12 B ILE A 1 50 ? -5.764  -6.110  -0.200  0.34 36.25 ? 58  ILE A HD12 1 
ATOM   870  H HD13 A ILE A 1 50 ? -4.764  -9.298  1.733   0.66 37.53 ? 58  ILE A HD13 1 
ATOM   871  H HD13 B ILE A 1 50 ? -4.559  -6.793  -0.977  0.34 36.25 ? 58  ILE A HD13 1 
ATOM   872  N N    . ILE A 1 51 ? -3.099  -5.203  4.411   1.00 26.29 ? 59  ILE A N    1 
ATOM   873  C CA   . ILE A 1 51 ? -2.165  -4.469  5.259   1.00 25.49 ? 59  ILE A CA   1 
ATOM   874  C C    . ILE A 1 51 ? -2.952  -3.859  6.411   1.00 27.46 ? 59  ILE A C    1 
ATOM   875  O O    . ILE A 1 51 ? -4.176  -3.786  6.387   1.00 28.31 ? 59  ILE A O    1 
ATOM   876  C CB   . ILE A 1 51 ? -1.400  -3.369  4.491   1.00 23.85 ? 59  ILE A CB   1 
ATOM   877  C CG1  . ILE A 1 51 ? -2.386  -2.375  3.878   1.00 23.95 ? 59  ILE A CG1  1 
ATOM   878  C CG2  . ILE A 1 51 ? -0.517  -3.992  3.433   1.00 25.63 ? 59  ILE A CG2  1 
ATOM   879  C CD1  . ILE A 1 51 ? -1.747  -1.180  3.190   1.00 23.09 ? 59  ILE A CD1  1 
ATOM   880  H H    . ILE A 1 51 ? -3.803  -4.751  4.215   1.00 31.60 ? 59  ILE A H    1 
ATOM   881  H HA   . ILE A 1 51 ? -1.515  -5.088  5.629   1.00 30.63 ? 59  ILE A HA   1 
ATOM   882  H HB   . ILE A 1 51 ? -0.836  -2.893  5.119   1.00 28.66 ? 59  ILE A HB   1 
ATOM   883  H HG12 . ILE A 1 51 ? -2.924  -2.841  3.217   1.00 28.79 ? 59  ILE A HG12 1 
ATOM   884  H HG13 . ILE A 1 51 ? -2.960  -2.036  4.582   1.00 28.79 ? 59  ILE A HG13 1 
ATOM   885  H HG21 . ILE A 1 51 ? -0.045  -3.287  2.961   1.00 30.80 ? 59  ILE A HG21 1 
ATOM   886  H HG22 . ILE A 1 51 ? 0.118   -4.586  3.862   1.00 30.80 ? 59  ILE A HG22 1 
ATOM   887  H HG23 . ILE A 1 51 ? -1.071  -4.491  2.813   1.00 30.80 ? 59  ILE A HG23 1 
ATOM   888  H HD11 . ILE A 1 51 ? -2.446  -0.609  2.834   1.00 27.75 ? 59  ILE A HD11 1 
ATOM   889  H HD12 . ILE A 1 51 ? -1.217  -0.690  3.837   1.00 27.75 ? 59  ILE A HD12 1 
ATOM   890  H HD13 . ILE A 1 51 ? -1.180  -1.497  2.469   1.00 27.75 ? 59  ILE A HD13 1 
ATOM   891  N N    . GLU A 1 52 ? -2.225  -3.394  7.416   1.00 28.03 ? 60  GLU A N    1 
ATOM   892  C CA   . GLU A 1 52 ? -2.828  -2.628  8.497   1.00 30.04 ? 60  GLU A CA   1 
ATOM   893  C C    . GLU A 1 52 ? -1.892  -1.485  8.849   1.00 28.30 ? 60  GLU A C    1 
ATOM   894  O O    . GLU A 1 52 ? -0.700  -1.533  8.553   1.00 28.88 ? 60  GLU A O    1 
ATOM   895  C CB   . GLU A 1 52 ? -3.098  -3.503  9.717   1.00 35.85 ? 60  GLU A CB   1 
ATOM   896  C CG   . GLU A 1 52 ? -1.913  -4.328  10.144  1.00 41.48 ? 60  GLU A CG   1 
ATOM   897  C CD   . GLU A 1 52 ? -2.233  -5.219  11.320  1.00 47.69 ? 60  GLU A CD   1 
ATOM   898  O OE1  . GLU A 1 52 ? -1.306  -5.517  12.101  1.00 51.09 ? 60  GLU A OE1  1 
ATOM   899  O OE2  . GLU A 1 52 ? -3.409  -5.619  11.460  1.00 49.23 ? 60  GLU A OE2  1 
ATOM   900  H H    . GLU A 1 52 ? -1.376  -3.509  7.497   1.00 33.68 ? 60  GLU A H    1 
ATOM   901  H HA   . GLU A 1 52 ? -3.671  -2.254  8.196   1.00 36.10 ? 60  GLU A HA   1 
ATOM   902  H HB2  . GLU A 1 52 ? -3.347  -2.934  10.462  1.00 43.07 ? 60  GLU A HB2  1 
ATOM   903  H HB3  . GLU A 1 52 ? -3.824  -4.112  9.510   1.00 43.07 ? 60  GLU A HB3  1 
ATOM   904  H HG2  . GLU A 1 52 ? -1.636  -4.891  9.405   1.00 49.82 ? 60  GLU A HG2  1 
ATOM   905  H HG3  . GLU A 1 52 ? -1.190  -3.735  10.402  1.00 49.82 ? 60  GLU A HG3  1 
ATOM   906  N N    . LYS A 1 53 ? -2.445  -0.438  9.448   1.00 28.43 ? 61  LYS A N    1 
ATOM   907  C CA   . LYS A 1 53 ? -1.687  0.767   9.753   1.00 29.70 ? 61  LYS A CA   1 
ATOM   908  C C    . LYS A 1 53 ? -1.204  0.754   11.202  1.00 26.89 ? 61  LYS A C    1 
ATOM   909  O O    . LYS A 1 53 ? -1.982  0.481   12.124  1.00 29.43 ? 61  LYS A O    1 
ATOM   910  C CB   . LYS A 1 53 ? -2.512  2.031   9.478   1.00 34.18 ? 61  LYS A CB   1 
ATOM   911  C CG   . LYS A 1 53 ? -1.672  3.310   9.579   1.00 39.74 ? 61  LYS A CG   1 
ATOM   912  C CD   . LYS A 1 53 ? -2.268  4.528   8.878   1.00 45.80 ? 61  LYS A CD   1 
ATOM   913  C CE   . LYS A 1 53 ? -1.202  5.613   8.704   1.00 50.83 ? 61  LYS A CE   1 
ATOM   914  N NZ   . LYS A 1 53 ? -1.653  6.795   7.913   1.00 54.46 ? 61  LYS A NZ   1 
ATOM   915  H H    . LYS A 1 53 ? -3.269  -0.400  9.691   1.00 34.17 ? 61  LYS A H    1 
ATOM   916  H HA   . LYS A 1 53 ? -0.904  0.795   9.182   1.00 35.69 ? 61  LYS A HA   1 
ATOM   917  H HB2  . LYS A 1 53 ? -2.877  1.981   8.581   1.00 41.07 ? 61  LYS A HB2  1 
ATOM   918  H HB3  . LYS A 1 53 ? -3.229  2.089   10.128  1.00 41.07 ? 61  LYS A HB3  1 
ATOM   919  H HG2  . LYS A 1 53 ? -1.565  3.534   10.516  1.00 47.74 ? 61  LYS A HG2  1 
ATOM   920  H HG3  . LYS A 1 53 ? -0.802  3.141   9.184   1.00 47.74 ? 61  LYS A HG3  1 
ATOM   921  H HD2  . LYS A 1 53 ? -2.592  4.270   8.002   1.00 55.00 ? 61  LYS A HD2  1 
ATOM   922  H HD3  . LYS A 1 53 ? -2.991  4.889   9.415   1.00 55.00 ? 61  LYS A HD3  1 
ATOM   923  H HE2  . LYS A 1 53 ? -0.934  5.930   9.581   1.00 61.04 ? 61  LYS A HE2  1 
ATOM   924  H HE3  . LYS A 1 53 ? -0.438  5.228   8.249   1.00 61.04 ? 61  LYS A HE3  1 
ATOM   925  H HZ1  . LYS A 1 53 ? -2.348  7.182   8.313   1.00 65.39 ? 61  LYS A HZ1  1 
ATOM   926  H HZ2  . LYS A 1 53 ? -0.991  7.387   7.848   1.00 65.39 ? 61  LYS A HZ2  1 
ATOM   927  H HZ3  . LYS A 1 53 ? -1.894  6.540   7.095   1.00 65.39 ? 61  LYS A HZ3  1 
ATOM   928  N N    . GLY A 1 54 ? 0.079   1.024   11.390  1.00 25.73 ? 62  GLY A N    1 
ATOM   929  C CA   . GLY A 1 54 ? 0.622   1.373   12.675  1.00 25.83 ? 62  GLY A CA   1 
ATOM   930  C C    . GLY A 1 54 ? 0.629   2.871   12.864  1.00 22.60 ? 62  GLY A C    1 
ATOM   931  O O    . GLY A 1 54 ? -0.302  3.576   12.455  1.00 24.21 ? 62  GLY A O    1 
ATOM   932  H H    . GLY A 1 54 ? 0.668   1.008   10.763  1.00 30.93 ? 62  GLY A H    1 
ATOM   933  H HA2  . GLY A 1 54 ? 0.088   0.971   13.377  1.00 31.05 ? 62  GLY A HA2  1 
ATOM   934  H HA3  . GLY A 1 54 ? 1.533   1.045   12.747  1.00 31.05 ? 62  GLY A HA3  1 
ATOM   935  N N    . GLU A 1 55 ? 1.690   3.367   13.472  1.00 20.91 ? 63  GLU A N    1 
ATOM   936  C CA   . GLU A 1 55 ? 1.839   4.799   13.692  1.00 20.83 ? 63  GLU A CA   1 
ATOM   937  C C    . GLU A 1 55 ? 2.684   5.330   12.540  1.00 19.70 ? 63  GLU A C    1 
ATOM   938  O O    . GLU A 1 55 ? 3.906   5.394   12.613  1.00 20.06 ? 63  GLU A O    1 
ATOM   939  C CB   . GLU A 1 55 ? 2.468   5.047   15.048  1.00 21.12 ? 63  GLU A CB   1 
ATOM   940  C CG   . GLU A 1 55 ? 2.610   6.510   15.398  1.00 22.61 ? 63  GLU A CG   1 
ATOM   941  C CD   . GLU A 1 55 ? 1.280   7.206   15.638  1.00 24.69 ? 63  GLU A CD   1 
ATOM   942  O OE1  . GLU A 1 55 ? 0.269   6.518   15.903  1.00 23.92 ? 63  GLU A OE1  1 
ATOM   943  O OE2  . GLU A 1 55 ? 1.258   8.454   15.583  1.00 29.79 ? 63  GLU A OE2  1 
ATOM   944  H H    . GLU A 1 55 ? 2.345   2.897   13.771  1.00 25.13 ? 63  GLU A H    1 
ATOM   945  H HA   . GLU A 1 55 ? 0.970   5.228   13.667  1.00 25.05 ? 63  GLU A HA   1 
ATOM   946  H HB2  . GLU A 1 55 ? 1.917   4.631   15.729  1.00 25.39 ? 63  GLU A HB2  1 
ATOM   947  H HB3  . GLU A 1 55 ? 3.354   4.653   15.056  1.00 25.39 ? 63  GLU A HB3  1 
ATOM   948  H HG2  . GLU A 1 55 ? 3.138   6.588   16.208  1.00 27.17 ? 63  GLU A HG2  1 
ATOM   949  H HG3  . GLU A 1 55 ? 3.058   6.965   14.667  1.00 27.17 ? 63  GLU A HG3  1 
ATOM   950  N N    . GLY A 1 56 ? 2.029   5.686   11.443  1.00 19.97 ? 64  GLY A N    1 
ATOM   951  C CA   . GLY A 1 56 ? 2.768   6.166   10.285  1.00 18.56 ? 64  GLY A CA   1 
ATOM   952  C C    . GLY A 1 56 ? 3.497   5.083   9.518   1.00 17.68 ? 64  GLY A C    1 
ATOM   953  O O    . GLY A 1 56 ? 4.502   5.357   8.868   1.00 18.58 ? 64  GLY A O    1 
ATOM   954  H H    . GLY A 1 56 ? 1.175   5.659   11.344  1.00 24.01 ? 64  GLY A H    1 
ATOM   955  H HA2  . GLY A 1 56 ? 2.153   6.604   9.676   1.00 22.32 ? 64  GLY A HA2  1 
ATOM   956  H HA3  . GLY A 1 56 ? 3.422   6.820   10.575  1.00 22.32 ? 64  GLY A HA3  1 
ATOM   957  N N    . CYS A 1 57 ? 3.002   3.854   9.586   1.00 19.69 ? 65  CYS A N    1 
ATOM   958  C CA   A CYS A 1 57 ? 3.633   2.711   8.939   0.56 19.15 ? 65  CYS A CA   1 
ATOM   959  C CA   B CYS A 1 57 ? 3.630   2.690   8.967   0.23 20.85 ? 65  CYS A CA   1 
ATOM   960  C CA   C CYS A 1 57 ? 3.598   2.789   8.806   0.21 20.29 ? 65  CYS A CA   1 
ATOM   961  C C    . CYS A 1 57 ? 2.542   1.758   8.493   1.00 19.85 ? 65  CYS A C    1 
ATOM   962  O O    . CYS A 1 57 ? 1.482   1.668   9.122   1.00 21.84 ? 65  CYS A O    1 
ATOM   963  C CB   A CYS A 1 57 ? 4.571   2.025   9.953   0.56 19.19 ? 65  CYS A CB   1 
ATOM   964  C CB   B CYS A 1 57 ? 4.415   1.879   9.998   0.23 22.63 ? 65  CYS A CB   1 
ATOM   965  C CB   C CYS A 1 57 ? 4.748   2.137   9.553   0.21 21.91 ? 65  CYS A CB   1 
ATOM   966  S SG   A CYS A 1 57 ? 5.476   0.573   9.376   0.56 16.92 ? 65  CYS A SG   1 
ATOM   967  S SG   B CYS A 1 57 ? 6.085   2.370   10.238  0.23 23.57 ? 65  CYS A SG   1 
ATOM   968  S SG   C CYS A 1 57 ? 4.214   1.533   11.121  0.21 22.98 ? 65  CYS A SG   1 
ATOM   969  H H    A CYS A 1 57 ? 2.284   3.652   10.012  0.56 23.68 ? 65  CYS A H    1 
ATOM   970  H H    B CYS A 1 57 ? 2.275   3.661   10.001  0.23 23.68 ? 65  CYS A H    1 
ATOM   971  H H    C CYS A 1 57 ? 2.333   3.616   10.069  0.21 23.68 ? 65  CYS A H    1 
ATOM   972  H HA   A CYS A 1 57 ? 4.147   2.998   8.168   0.56 23.03 ? 65  CYS A HA   1 
ATOM   973  H HA   B CYS A 1 57 ? 4.204   2.945   8.227   0.23 25.07 ? 65  CYS A HA   1 
ATOM   974  H HA   C CYS A 1 57 ? 3.936   3.148   7.972   0.21 24.40 ? 65  CYS A HA   1 
ATOM   975  H HB2  A CYS A 1 57 ? 5.229   2.675   10.244  0.56 23.08 ? 65  CYS A HB2  1 
ATOM   976  H HB2  B CYS A 1 57 ? 3.964   1.954   10.853  0.23 27.21 ? 65  CYS A HB2  1 
ATOM   977  H HB2  C CYS A 1 57 ? 5.086   1.389   9.035   0.21 26.34 ? 65  CYS A HB2  1 
ATOM   978  H HB3  A CYS A 1 57 ? 4.040   1.746   10.715  0.56 23.08 ? 65  CYS A HB3  1 
ATOM   979  H HB3  B CYS A 1 57 ? 4.422   0.951   9.716   0.23 27.21 ? 65  CYS A HB3  1 
ATOM   980  H HB3  C CYS A 1 57 ? 5.450   2.791   9.700   0.21 26.34 ? 65  CYS A HB3  1 
ATOM   981  H HG   A CYS A 1 57 ? 4.690   -0.266  9.034   0.56 20.35 ? 65  CYS A HG   1 
ATOM   982  H HG   B CYS A 1 57 ? 6.586   1.661   11.066  0.23 28.34 ? 65  CYS A HG   1 
ATOM   983  H HG   C CYS A 1 57 ? 5.144   1.025   11.682  0.21 27.62 ? 65  CYS A HG   1 
ATOM   984  N N    . TYR A 1 58 ? 2.818   1.013   7.425   1.00 19.41 ? 66  TYR A N    1 
ATOM   985  C CA   . TYR A 1 58 ? 1.895   0.010   6.922   1.00 19.78 ? 66  TYR A CA   1 
ATOM   986  C C    . TYR A 1 58 ? 2.564   -1.355  6.963   1.00 20.31 ? 66  TYR A C    1 
ATOM   987  O O    . TYR A 1 58 ? 3.699   -1.502  6.510   1.00 21.85 ? 66  TYR A O    1 
ATOM   988  C CB   . TYR A 1 58 ? 1.501   0.324   5.486   1.00 22.60 ? 66  TYR A CB   1 
ATOM   989  C CG   . TYR A 1 58 ? 0.830   1.663   5.328   1.00 23.67 ? 66  TYR A CG   1 
ATOM   990  C CD1  . TYR A 1 58 ? -0.446  1.888   5.843   1.00 25.75 ? 66  TYR A CD1  1 
ATOM   991  C CD2  . TYR A 1 58 ? 1.461   2.697   4.652   1.00 26.40 ? 66  TYR A CD2  1 
ATOM   992  C CE1  . TYR A 1 58 ? -1.059  3.104   5.701   1.00 27.68 ? 66  TYR A CE1  1 
ATOM   993  C CE2  . TYR A 1 58 ? 0.855   3.922   4.499   1.00 26.63 ? 66  TYR A CE2  1 
ATOM   994  C CZ   . TYR A 1 58 ? -0.408  4.123   5.034   1.00 28.45 ? 66  TYR A CZ   1 
ATOM   995  O OH   . TYR A 1 58 ? -1.051  5.334   4.898   1.00 31.83 ? 66  TYR A OH   1 
ATOM   996  H H    . TYR A 1 58 ? 3.546   1.073   6.971   1.00 23.34 ? 66  TYR A H    1 
ATOM   997  H HA   . TYR A 1 58 ? 1.097   -0.012  7.471   1.00 23.78 ? 66  TYR A HA   1 
ATOM   998  H HB2  . TYR A 1 58 ? 2.297   0.323   4.934   1.00 27.16 ? 66  TYR A HB2  1 
ATOM   999  H HB3  . TYR A 1 58 ? 0.882   -0.357  5.176   1.00 27.16 ? 66  TYR A HB3  1 
ATOM   1000 H HD1  . TYR A 1 58 ? -0.883  1.205   6.299   1.00 30.94 ? 66  TYR A HD1  1 
ATOM   1001 H HD2  . TYR A 1 58 ? 2.311   2.562   4.299   1.00 31.72 ? 66  TYR A HD2  1 
ATOM   1002 H HE1  . TYR A 1 58 ? -1.908  3.244   6.053   1.00 33.27 ? 66  TYR A HE1  1 
ATOM   1003 H HE2  . TYR A 1 58 ? 1.290   4.609   4.048   1.00 32.01 ? 66  TYR A HE2  1 
ATOM   1004 H HH   . TYR A 1 58 ? -0.562  5.872   4.478   1.00 38.25 ? 66  TYR A HH   1 
ATOM   1005 N N    . ASN A 1 59 ? 1.857   -2.349  7.491   1.00 21.28 ? 67  ASN A N    1 
ATOM   1006 C CA   . ASN A 1 59 ? 2.411   -3.680  7.684   1.00 24.31 ? 67  ASN A CA   1 
ATOM   1007 C C    . ASN A 1 59 ? 1.556   -4.722  6.984   1.00 25.29 ? 67  ASN A C    1 
ATOM   1008 O O    . ASN A 1 59 ? 0.330   -4.711  7.111   1.00 24.95 ? 67  ASN A O    1 
ATOM   1009 C CB   . ASN A 1 59 ? 2.500   -4.009  9.164   1.00 25.47 ? 67  ASN A CB   1 
ATOM   1010 C CG   . ASN A 1 59 ? 3.466   -3.133  9.865   1.00 26.47 ? 67  ASN A CG   1 
ATOM   1011 O OD1  . ASN A 1 59 ? 4.667   -3.218  9.640   1.00 28.01 ? 67  ASN A OD1  1 
ATOM   1012 N ND2  . ASN A 1 59 ? 2.954   -2.263  10.724  1.00 28.68 ? 67  ASN A ND2  1 
ATOM   1013 H H    . ASN A 1 59 ? 1.040   -2.273  7.750   1.00 25.58 ? 67  ASN A H    1 
ATOM   1014 H HA   . ASN A 1 59 ? 3.305   -3.715  7.307   1.00 29.22 ? 67  ASN A HA   1 
ATOM   1015 H HB2  . ASN A 1 59 ? 1.628   -3.885  9.572   1.00 30.61 ? 67  ASN A HB2  1 
ATOM   1016 H HB3  . ASN A 1 59 ? 2.793   -4.928  9.271   1.00 30.61 ? 67  ASN A HB3  1 
ATOM   1017 H HD21 . ASN A 1 59 ? 3.472   -1.731  11.158  1.00 34.46 ? 67  ASN A HD21 1 
ATOM   1018 H HD22 . ASN A 1 59 ? 2.103   -2.231  10.847  1.00 34.46 ? 67  ASN A HD22 1 
ATOM   1019 N N    . LEU A 1 60 ? 2.215   -5.622  6.258   1.00 25.58 ? 68  LEU A N    1 
ATOM   1020 C CA   . LEU A 1 60 ? 1.551   -6.757  5.638   1.00 27.13 ? 68  LEU A CA   1 
ATOM   1021 C C    . LEU A 1 60 ? 1.012   -7.709  6.696   1.00 30.96 ? 68  LEU A C    1 
ATOM   1022 O O    . LEU A 1 60 ? 1.733   -8.111  7.616   1.00 32.57 ? 68  LEU A O    1 
ATOM   1023 C CB   . LEU A 1 60 ? 2.544   -7.501  4.749   1.00 26.97 ? 68  LEU A CB   1 
ATOM   1024 C CG   . LEU A 1 60 ? 1.960   -8.594  3.857   1.00 27.98 ? 68  LEU A CG   1 
ATOM   1025 C CD1  . LEU A 1 60 ? 1.279   -7.940  2.685   1.00 27.75 ? 68  LEU A CD1  1 
ATOM   1026 C CD2  . LEU A 1 60 ? 3.031   -9.574  3.394   1.00 30.85 ? 68  LEU A CD2  1 
ATOM   1027 H H    . LEU A 1 60 ? 3.063   -5.594  6.112   1.00 30.75 ? 68  LEU A H    1 
ATOM   1028 H HA   . LEU A 1 60 ? 0.812   -6.447  5.091   1.00 32.61 ? 68  LEU A HA   1 
ATOM   1029 H HB2  . LEU A 1 60 ? 2.976   -6.855  4.168   1.00 32.41 ? 68  LEU A HB2  1 
ATOM   1030 H HB3  . LEU A 1 60 ? 3.210   -7.918  5.317   1.00 32.41 ? 68  LEU A HB3  1 
ATOM   1031 H HG   . LEU A 1 60 ? 1.291   -9.090  4.357   1.00 33.63 ? 68  LEU A HG   1 
ATOM   1032 H HD11 . LEU A 1 60 ? 0.904   -8.629  2.114   1.00 33.35 ? 68  LEU A HD11 1 
ATOM   1033 H HD12 . LEU A 1 60 ? 0.573   -7.362  3.014   1.00 33.35 ? 68  LEU A HD12 1 
ATOM   1034 H HD13 . LEU A 1 60 ? 1.932   -7.420  2.192   1.00 33.35 ? 68  LEU A HD13 1 
ATOM   1035 H HD21 . LEU A 1 60 ? 2.620   -10.250 2.833   1.00 37.07 ? 68  LEU A HD21 1 
ATOM   1036 H HD22 . LEU A 1 60 ? 3.704   -9.090  2.891   1.00 37.07 ? 68  LEU A HD22 1 
ATOM   1037 H HD23 . LEU A 1 60 ? 3.436   -9.990  4.171   1.00 37.07 ? 68  LEU A HD23 1 
ATOM   1038 N N    . VAL A 1 61 ? -0.258  -8.065  6.561   1.00 33.23 ? 69  VAL A N    1 
ATOM   1039 C CA   . VAL A 1 61 ? -0.894  -9.015  7.470   1.00 37.10 ? 69  VAL A CA   1 
ATOM   1040 C C    . VAL A 1 61 ? -0.430  -10.422 7.119   1.00 41.98 ? 69  VAL A C    1 
ATOM   1041 O O    . VAL A 1 61 ? -0.516  -10.850 5.962   1.00 43.02 ? 69  VAL A O    1 
ATOM   1042 C CB   . VAL A 1 61 ? -2.419  -8.904  7.370   1.00 36.38 ? 69  VAL A CB   1 
ATOM   1043 C CG1  . VAL A 1 61 ? -3.077  -9.953  8.241   1.00 37.95 ? 69  VAL A CG1  1 
ATOM   1044 C CG2  . VAL A 1 61 ? -2.880  -7.510  7.753   1.00 35.53 ? 69  VAL A CG2  1 
ATOM   1045 H H    . VAL A 1 61 ? -0.781  -7.769  5.946   1.00 39.92 ? 69  VAL A H    1 
ATOM   1046 H HA   . VAL A 1 61 ? -0.628  -8.821  8.382   1.00 44.57 ? 69  VAL A HA   1 
ATOM   1047 H HB   . VAL A 1 61 ? -2.688  -9.066  6.451   1.00 43.70 ? 69  VAL A HB   1 
ATOM   1048 H HG11 . VAL A 1 61 ? -4.041  -9.867  8.165   1.00 45.59 ? 69  VAL A HG11 1 
ATOM   1049 H HG12 . VAL A 1 61 ? -2.798  -10.832 7.941   1.00 45.59 ? 69  VAL A HG12 1 
ATOM   1050 H HG13 . VAL A 1 61 ? -2.804  -9.815  9.161   1.00 45.59 ? 69  VAL A HG13 1 
ATOM   1051 H HG21 . VAL A 1 61 ? -3.846  -7.465  7.681   1.00 42.69 ? 69  VAL A HG21 1 
ATOM   1052 H HG22 . VAL A 1 61 ? -2.606  -7.328  8.665   1.00 42.69 ? 69  VAL A HG22 1 
ATOM   1053 H HG23 . VAL A 1 61 ? -2.473  -6.867  7.150   1.00 42.69 ? 69  VAL A HG23 1 
ATOM   1054 N N    . ARG A 1 62 ? 0.041   -11.157 8.118   1.00 47.44 ? 70  ARG A N    1 
ATOM   1055 C CA   . ARG A 1 62 ? 0.521   -12.510 7.872   1.00 52.42 ? 70  ARG A CA   1 
ATOM   1056 C C    . ARG A 1 62 ? -0.646  -13.482 7.708   1.00 54.27 ? 70  ARG A C    1 
ATOM   1057 O O    . ARG A 1 62 ? -0.836  -14.391 8.516   1.00 55.65 ? 70  ARG A O    1 
ATOM   1058 C CB   . ARG A 1 62 ? 1.458   -12.957 8.996   1.00 53.79 ? 70  ARG A CB   1 
ATOM   1059 C CG   . ARG A 1 62 ? 2.766   -12.179 9.032   1.00 55.27 ? 70  ARG A CG   1 
ATOM   1060 H H    . ARG A 1 62 ? 0.094   -10.900 8.937   1.00 56.98 ? 70  ARG A H    1 
ATOM   1061 H HA   . ARG A 1 62 ? 1.028   -12.517 7.045   1.00 62.95 ? 70  ARG A HA   1 
ATOM   1062 H HB2  . ARG A 1 62 ? 1.011   -12.830 9.848   1.00 64.60 ? 70  ARG A HB2  1 
ATOM   1063 H HB3  . ARG A 1 62 ? 1.673   -13.895 8.872   1.00 64.60 ? 70  ARG A HB3  1 
HETATM 1064 C C1   . EDO B 2 .  ? 6.436   7.921   8.025   0.45 17.72 ? 101 EDO A C1   1 
HETATM 1065 O O1   . EDO B 2 .  ? 6.227   8.560   9.282   0.45 19.72 ? 101 EDO A O1   1 
HETATM 1066 C C2   . EDO B 2 .  ? 7.906   7.869   7.692   0.45 17.33 ? 101 EDO A C2   1 
HETATM 1067 O O2   . EDO B 2 .  ? 8.038   7.340   6.382   0.45 16.96 ? 101 EDO A O2   1 
HETATM 1068 H H11  . EDO B 2 .  ? 5.903   8.467   7.244   0.45 21.31 ? 101 EDO A H11  1 
HETATM 1069 H H12  . EDO B 2 .  ? 6.034   6.906   8.060   0.45 21.31 ? 101 EDO A H12  1 
HETATM 1070 H HO1  . EDO B 2 .  ? 5.280   8.583   9.478   0.45 23.71 ? 101 EDO A HO1  1 
HETATM 1071 H H21  . EDO B 2 .  ? 8.432   7.235   8.408   0.45 20.84 ? 101 EDO A H21  1 
HETATM 1072 H H22  . EDO B 2 .  ? 8.336   8.872   7.736   0.45 20.84 ? 101 EDO A H22  1 
HETATM 1073 H HO2  . EDO B 2 .  ? 8.974   7.297   6.144   0.45 20.40 ? 101 EDO A HO2  1 
HETATM 1074 O O    . HOH C 3 .  ? -1.323  -16.558 7.634   1.00 72.09 ? 201 HOH A O    1 
HETATM 1075 O O    . HOH C 3 .  ? 10.512  -10.033 -1.899  1.00 40.03 ? 202 HOH A O    1 
HETATM 1076 O O    . HOH C 3 .  ? -1.794  -1.505  13.485  1.00 59.44 ? 203 HOH A O    1 
HETATM 1077 O O    . HOH C 3 .  ? -0.675  4.315   16.394  1.00 41.12 ? 204 HOH A O    1 
HETATM 1078 O O    . HOH C 3 .  ? 4.575   10.721  8.389   1.00 48.41 ? 205 HOH A O    1 
HETATM 1079 O O    . HOH C 3 .  ? 4.128   -8.398  8.464   1.00 51.76 ? 206 HOH A O    1 
HETATM 1080 O O    . HOH C 3 .  ? 6.731   6.426   -12.364 1.00 55.33 ? 207 HOH A O    1 
HETATM 1081 O O    . HOH C 3 .  ? -1.544  -9.902  3.757   1.00 34.60 ? 208 HOH A O    1 
HETATM 1082 O O    . HOH C 3 .  ? -0.730  -8.480  -6.766  1.00 28.47 ? 209 HOH A O    1 
HETATM 1083 O O    . HOH C 3 .  ? -7.682  -7.933  -8.923  1.00 22.20 ? 210 HOH A O    1 
HETATM 1084 O O    . HOH C 3 .  ? -15.832 -1.039  -0.150  1.00 40.69 ? 211 HOH A O    1 
HETATM 1085 O O    . HOH C 3 .  ? -6.420  -4.301  7.733   1.00 38.65 ? 212 HOH A O    1 
HETATM 1086 O O    . HOH C 3 .  ? 11.970  2.291   -1.120  1.00 28.43 ? 213 HOH A O    1 
HETATM 1087 O O    . HOH C 3 .  ? -12.630 4.260   1.267   1.00 65.95 ? 214 HOH A O    1 
HETATM 1088 O O    . HOH C 3 .  ? -4.478  6.128   -8.288  1.00 46.33 ? 215 HOH A O    1 
HETATM 1089 O O    . HOH C 3 .  ? -2.114  6.882   14.610  1.00 50.34 ? 216 HOH A O    1 
HETATM 1090 O O    . HOH C 3 .  ? 7.851   9.032   -6.194  1.00 39.04 ? 217 HOH A O    1 
HETATM 1091 O O    . HOH C 3 .  ? -2.440  6.346   -11.720 1.00 56.50 ? 218 HOH A O    1 
HETATM 1092 O O    . HOH C 3 .  ? -16.065 -4.588  2.392   1.00 66.71 ? 219 HOH A O    1 
HETATM 1093 O O    . HOH C 3 .  ? 2.148   1.200   -13.508 1.00 59.46 ? 220 HOH A O    1 
HETATM 1094 O O    . HOH C 3 .  ? -2.823  4.581   12.916  1.00 52.42 ? 221 HOH A O    1 
HETATM 1095 O O    . HOH C 3 .  ? -10.176 -5.919  -5.176  1.00 28.38 ? 222 HOH A O    1 
HETATM 1096 O O    . HOH C 3 .  ? -7.075  3.773   -8.573  1.00 59.69 ? 223 HOH A O    1 
HETATM 1097 O O    . HOH C 3 .  ? 5.319   -5.913  9.692   1.00 56.44 ? 224 HOH A O    1 
HETATM 1098 O O    . HOH C 3 .  ? 4.586   -12.472 -5.491  1.00 49.95 ? 225 HOH A O    1 
HETATM 1099 O O    . HOH C 3 .  ? 5.693   -11.486 1.724   1.00 36.35 ? 226 HOH A O    1 
HETATM 1100 O O    . HOH C 3 .  ? -16.965 -2.647  0.250   1.00 48.45 ? 227 HOH A O    1 
HETATM 1101 O O    . HOH C 3 .  ? 2.351   8.171   -10.631 1.00 61.98 ? 228 HOH A O    1 
HETATM 1102 O O    . HOH C 3 .  ? 2.890   -13.678 -3.827  1.00 29.45 ? 229 HOH A O    1 
HETATM 1103 O O    . HOH C 3 .  ? -1.506  2.985   -12.944 1.00 50.96 ? 230 HOH A O    1 
HETATM 1104 O O    . HOH C 3 .  ? 9.014   -10.546 0.750   1.00 31.54 ? 231 HOH A O    1 
HETATM 1105 O O    . HOH C 3 .  ? 10.207  4.079   -5.792  0.50 20.38 ? 232 HOH A O    1 
HETATM 1106 O O    . HOH C 3 .  ? 12.043  -6.034  1.914   1.00 58.83 ? 233 HOH A O    1 
HETATM 1107 O O    . HOH C 3 .  ? -14.050 0.890   -0.702  1.00 56.85 ? 234 HOH A O    1 
HETATM 1108 O O    . HOH C 3 .  ? -7.558  -2.442  -13.828 1.00 33.41 ? 235 HOH A O    1 
HETATM 1109 O O    . HOH C 3 .  ? 11.022  1.107   -4.235  1.00 26.49 ? 236 HOH A O    1 
HETATM 1110 O O    . HOH C 3 .  ? -0.549  7.059   11.650  1.00 52.35 ? 237 HOH A O    1 
HETATM 1111 O O    . HOH C 3 .  ? 0.581   -2.937  12.331  1.00 58.46 ? 238 HOH A O    1 
HETATM 1112 O O    . HOH C 3 .  ? -5.539  10.571  -8.729  1.00 55.61 ? 239 HOH A O    1 
HETATM 1113 O O    . HOH C 3 .  ? -5.883  -10.897 6.629   1.00 66.63 ? 240 HOH A O    1 
HETATM 1114 O O    . HOH C 3 .  ? 0.931   -9.854  10.752  1.00 58.49 ? 241 HOH A O    1 
HETATM 1115 O O    . HOH C 3 .  ? 2.324   10.599  2.483   1.00 53.76 ? 242 HOH A O    1 
HETATM 1116 O O    . HOH C 3 .  ? 6.531   -11.530 -3.318  1.00 40.33 ? 243 HOH A O    1 
HETATM 1117 O O    . HOH C 3 .  ? 1.581   -12.780 4.635   1.00 52.71 ? 244 HOH A O    1 
HETATM 1118 O O    . HOH C 3 .  ? -10.431 2.960   -0.986  1.00 46.91 ? 245 HOH A O    1 
HETATM 1119 O O    . HOH C 3 .  ? 1.054   7.036   -13.860 1.00 71.30 ? 246 HOH A O    1 
HETATM 1120 O O    . HOH C 3 .  ? -8.659  -4.858  8.163   1.00 53.44 ? 247 HOH A O    1 
HETATM 1121 O O    . HOH C 3 .  ? -0.423  4.901   -14.838 1.00 68.36 ? 248 HOH A O    1 
HETATM 1122 O O    . HOH C 3 .  ? -2.823  2.846   14.631  1.00 61.10 ? 249 HOH A O    1 
HETATM 1123 O O    . HOH C 3 .  ? -11.021 4.809   0.264   1.00 67.88 ? 250 HOH A O    1 
HETATM 1124 O O    . HOH C 3 .  ? -1.928  -9.009  11.876  1.00 61.92 ? 251 HOH A O    1 
HETATM 1125 O O    . HOH C 3 .  ? 8.054   8.839   -8.864  1.00 49.50 ? 252 HOH A O    1 
HETATM 1126 O O    . HOH C 3 .  ? 12.566  2.950   -5.048  1.00 31.78 ? 253 HOH A O    1 
HETATM 1127 O O    . HOH C 3 .  ? 10.399  7.933   -5.151  1.00 56.98 ? 254 HOH A O    1 
HETATM 1128 O O    . HOH C 3 .  ? -16.697 -2.777  -2.478  1.00 60.94 ? 255 HOH A O    1 
HETATM 1129 O O    . HOH C 3 .  ? 0.621   -14.588 0.325   1.00 75.14 ? 256 HOH A O    1 
HETATM 1130 O O    . HOH C 3 .  ? -12.363 2.927   -2.061  1.00 61.17 ? 257 HOH A O    1 
HETATM 1131 O O    . HOH C 3 .  ? 5.268   5.156   -14.586 1.00 58.63 ? 258 HOH A O    1 
HETATM 1132 O O    . HOH C 3 .  ? -4.209  -12.939 6.410   1.00 54.76 ? 259 HOH A O    1 
HETATM 1133 O O    . HOH C 3 .  ? -6.662  -7.192  9.187   1.00 62.04 ? 260 HOH A O    1 
HETATM 1134 O O    . HOH C 3 .  ? 13.589  -4.485  0.717   1.00 51.59 ? 261 HOH A O    1 
HETATM 1135 O O    . HOH C 3 .  ? 2.290   3.278   -15.114 1.00 59.46 ? 262 HOH A O    1 
HETATM 1136 O O    . HOH C 3 .  ? 8.757   -12.802 1.459   1.00 67.82 ? 263 HOH A O    1 
HETATM 1137 O O    . HOH C 3 .  ? 2.960   -1.606  -14.164 1.00 54.62 ? 264 HOH A O    1 
HETATM 1138 O O    . HOH C 3 .  ? -0.561  -11.001 1.139   1.00 30.52 ? 265 HOH A O    1 
HETATM 1139 O O    . HOH C 3 .  ? 8.496   -6.664  9.511   1.00 42.96 ? 266 HOH A O    1 
HETATM 1140 O O    . HOH C 3 .  ? 11.037  6.600   -6.809  1.00 39.43 ? 267 HOH A O    1 
HETATM 1141 O O    . HOH C 3 .  ? 4.158   -13.072 0.074   1.00 61.16 ? 268 HOH A O    1 
HETATM 1142 O O    . HOH C 3 .  ? 0.208   -1.525  15.757  1.00 60.50 ? 269 HOH A O    1 
HETATM 1143 O O    . HOH C 3 .  ? -2.035  -14.837 0.121   1.00 72.50 ? 270 HOH A O    1 
HETATM 1144 O O    . HOH C 3 .  ? 1.633   -12.566 1.746   1.00 39.37 ? 271 HOH A O    1 
HETATM 1145 O O    . HOH C 3 .  ? 10.273  7.692   -9.595  1.00 53.00 ? 272 HOH A O    1 
HETATM 1146 O O    . HOH C 3 .  ? -14.991 6.140   1.293   1.00 66.19 ? 273 HOH A O    1 
HETATM 1147 O O    . HOH C 3 .  ? -2.668  -13.980 2.016   1.00 73.14 ? 274 HOH A O    1 
HETATM 1148 O O    . HOH C 3 .  ? 13.139  6.848   -8.382  1.00 58.23 ? 275 HOH A O    1 
# 
loop_
_atom_site_anisotrop.id 
_atom_site_anisotrop.type_symbol 
_atom_site_anisotrop.pdbx_label_atom_id 
_atom_site_anisotrop.pdbx_label_alt_id 
_atom_site_anisotrop.pdbx_label_comp_id 
_atom_site_anisotrop.pdbx_label_asym_id 
_atom_site_anisotrop.pdbx_label_seq_id 
_atom_site_anisotrop.pdbx_PDB_ins_code 
_atom_site_anisotrop.U[1][1] 
_atom_site_anisotrop.U[2][2] 
_atom_site_anisotrop.U[3][3] 
_atom_site_anisotrop.U[1][2] 
_atom_site_anisotrop.U[1][3] 
_atom_site_anisotrop.U[2][3] 
_atom_site_anisotrop.pdbx_auth_seq_id 
_atom_site_anisotrop.pdbx_auth_comp_id 
_atom_site_anisotrop.pdbx_auth_asym_id 
_atom_site_anisotrop.pdbx_auth_atom_id 
1    N N   . VAL A 3  ? 0.4224 0.5860 0.4960 0.2048  -0.1627 -0.2396 11  VAL A N   
2    C CA  . VAL A 3  ? 0.3978 0.5665 0.4510 0.2013  -0.1779 -0.2286 11  VAL A CA  
3    C C   . VAL A 3  ? 0.3327 0.5291 0.4066 0.1766  -0.1645 -0.1954 11  VAL A C   
4    O O   . VAL A 3  ? 0.3420 0.5745 0.4630 0.1134  -0.1275 -0.2292 11  VAL A O   
5    C CB  . VAL A 3  ? 0.4639 0.5688 0.4872 0.2084  -0.1846 -0.2633 11  VAL A CB  
6    C CG1 . VAL A 3  ? 0.4423 0.5721 0.4817 0.2251  -0.1821 -0.2606 11  VAL A CG1 
7    C CG2 . VAL A 3  ? 0.5208 0.5830 0.5402 0.2023  -0.1608 -0.2762 11  VAL A CG2 
16   N N   . ASN A 4  ? 0.3312 0.4850 0.3545 0.1681  -0.1598 -0.1493 12  ASN A N   
17   C CA  . ASN A 4  ? 0.2808 0.4264 0.3332 0.1648  -0.1268 -0.1320 12  ASN A CA  
18   C C   . ASN A 4  ? 0.2349 0.3926 0.2980 0.1292  -0.1042 -0.1225 12  ASN A C   
19   O O   . ASN A 4  ? 0.2130 0.3872 0.2722 0.1026  -0.1028 -0.1164 12  ASN A O   
20   C CB  . ASN A 4  ? 0.3652 0.4497 0.3369 0.1699  -0.1335 -0.0808 12  ASN A CB  
21   C CG  . ASN A 4  ? 0.3548 0.4537 0.3195 0.1370  -0.1234 -0.0821 12  ASN A CG  
22   O OD1 . ASN A 4  ? 0.2531 0.4294 0.3287 0.1468  -0.1026 -0.0873 12  ASN A OD1 
23   N ND2 . ASN A 4  ? 0.3710 0.4596 0.3569 0.1380  -0.1351 -0.0785 12  ASN A ND2 
30   N N   . GLN A 5  ? 0.1933 0.3672 0.2949 0.0861  -0.1033 -0.1239 13  GLN A N   
31   C CA  . GLN A 5  ? 0.1667 0.3519 0.2839 0.0265  -0.0928 -0.1028 13  GLN A CA  
32   C C   . GLN A 5  ? 0.1705 0.3159 0.2153 0.0441  -0.0938 -0.0501 13  GLN A C   
33   O O   . GLN A 5  ? 0.1110 0.2920 0.2317 0.0129  -0.0459 -0.0420 13  GLN A O   
34   C CB  . GLN A 5  ? 0.1551 0.3668 0.3770 0.0074  -0.0289 -0.1385 13  GLN A CB  
35   C CG  . GLN A 5  ? 0.2429 0.3463 0.3808 -0.0076 -0.0170 -0.1059 13  GLN A CG  
36   C CD  . GLN A 5  ? 0.3259 0.3315 0.3807 -0.0265 -0.0437 -0.0655 13  GLN A CD  
37   O OE1 . GLN A 5  ? 0.3545 0.3381 0.2847 -0.0629 -0.1198 -0.0299 13  GLN A OE1 
38   N NE2 . GLN A 5  ? 0.3193 0.3218 0.3855 -0.0098 -0.0480 -0.0226 13  GLN A NE2 
47   N N   . LYS A 6  ? 0.2027 0.3088 0.2406 0.0627  -0.0625 -0.0632 14  LYS A N   
48   C CA  . LYS A 6  ? 0.1763 0.3116 0.2075 0.0678  -0.0502 -0.0258 14  LYS A CA  
49   C C   . LYS A 6  ? 0.1949 0.2937 0.1935 0.0474  -0.0477 -0.0085 14  LYS A C   
50   O O   . LYS A 6  ? 0.1614 0.2836 0.1894 0.0205  -0.0363 -0.0158 14  LYS A O   
51   C CB  . LYS A 6  ? 0.2838 0.3447 0.2305 0.0499  -0.0577 -0.0479 14  LYS A CB  
52   C CG  . LYS A 6  ? 0.2417 0.3693 0.4215 0.0283  0.0211  -0.0841 14  LYS A CG  
53   C CD  . LYS A 6  ? 0.2768 0.4118 0.6152 0.0055  0.1309  -0.1139 14  LYS A CD  
54   C CE  . LYS A 6  ? 0.3271 0.4601 0.7694 -0.0052 0.1351  -0.1257 14  LYS A CE  
55   N NZ  . LYS A 6  ? 0.3613 0.4780 0.8914 -0.0140 0.1526  -0.1821 14  LYS A NZ  
69   N N   . GLU A 7  ? 0.1840 0.2749 0.2256 0.0509  -0.0551 -0.0217 15  GLU A N   
70   C CA  . GLU A 7  ? 0.1883 0.2613 0.2107 0.0693  -0.0806 -0.0268 15  GLU A CA  
71   C C   . GLU A 7  ? 0.1462 0.2466 0.2080 0.0340  -0.0576 -0.0467 15  GLU A C   
72   O O   . GLU A 7  ? 0.1343 0.2580 0.1944 0.0292  -0.0459 -0.0570 15  GLU A O   
73   C CB  . GLU A 7  ? 0.2421 0.2859 0.2530 0.0524  -0.1220 -0.0381 15  GLU A CB  
74   C CG  . GLU A 7  ? 0.3606 0.3009 0.2654 0.0635  -0.1680 -0.0337 15  GLU A CG  
75   C CD  . GLU A 7  ? 0.4445 0.3355 0.3803 0.0925  -0.1415 -0.0547 15  GLU A CD  
76   O OE1 . GLU A 7  ? 0.4329 0.3355 0.4356 0.1309  -0.1261 -0.0739 15  GLU A OE1 
77   O OE2 . GLU A 7  ? 0.4991 0.3669 0.4064 0.0721  -0.1256 -0.0547 15  GLU A OE2 
84   N N   . ILE A 8  ? 0.1367 0.2561 0.2182 0.0147  -0.0211 -0.0599 16  ILE A N   
85   C CA  . ILE A 8  ? 0.1527 0.2709 0.2130 -0.0064 -0.0018 -0.0528 16  ILE A CA  
86   C C   . ILE A 8  ? 0.1439 0.2607 0.1941 0.0200  -0.0148 -0.0375 16  ILE A C   
87   O O   . ILE A 8  ? 0.1065 0.2730 0.1977 0.0097  -0.0155 -0.0325 16  ILE A O   
88   C CB  . ILE A 8  ? 0.1415 0.2710 0.2754 0.0037  0.0187  -0.0660 16  ILE A CB  
89   C CG1 . ILE A 8  ? 0.1546 0.2902 0.2524 0.0071  -0.0113 -0.0781 16  ILE A CG1 
90   C CG2 . ILE A 8  ? 0.1722 0.2603 0.3325 -0.0113 0.0382  -0.0978 16  ILE A CG2 
91   C CD1 . ILE A 8  ? 0.1801 0.3120 0.2743 0.0071  -0.0256 -0.0812 16  ILE A CD1 
103  N N   . GLU A 9  ? 0.1325 0.2560 0.1871 0.0264  -0.0399 -0.0430 17  GLU A N   
104  C CA  . GLU A 9  ? 0.1266 0.2392 0.1968 0.0495  -0.0356 -0.0310 17  GLU A CA  
105  C C   . GLU A 9  ? 0.1466 0.2490 0.1452 0.0518  -0.0613 -0.0178 17  GLU A C   
106  O O   . GLU A 9  ? 0.1572 0.2710 0.1738 0.0397  -0.0350 -0.0264 17  GLU A O   
107  C CB  . GLU A 9  ? 0.1562 0.2531 0.2074 0.0291  -0.0415 -0.0315 17  GLU A CB  
108  C CG  . GLU A 9  ? 0.1551 0.2528 0.2459 0.0184  -0.0636 -0.0307 17  GLU A CG  
109  C CD  . GLU A 9  ? 0.2121 0.2356 0.2746 0.0152  -0.0861 -0.0240 17  GLU A CD  
110  O OE1 . GLU A 9  ? 0.2529 0.2211 0.3004 0.0594  -0.1041 -0.0375 17  GLU A OE1 
111  O OE2 . GLU A 9  ? 0.2204 0.2456 0.2434 -0.0375 -0.0833 0.0036  17  GLU A OE2 
118  N N   . ILE A 10 ? 0.1455 0.2351 0.1828 0.0611  -0.0266 -0.0315 18  ILE A N   
119  C CA  . ILE A 10 ? 0.1275 0.2689 0.1933 0.0143  -0.0232 -0.0263 18  ILE A CA  
120  C C   . ILE A 10 ? 0.1158 0.2432 0.1703 0.0178  -0.0169 -0.0138 18  ILE A C   
121  O O   . ILE A 10 ? 0.1040 0.2241 0.2049 0.0191  -0.0169 -0.0177 18  ILE A O   
122  C CB  . ILE A 10 ? 0.1673 0.2935 0.1901 0.0259  -0.0478 -0.0185 18  ILE A CB  
123  C CG1 . ILE A 10 ? 0.1850 0.3387 0.1928 0.0100  -0.0467 -0.0094 18  ILE A CG1 
124  C CG2 . ILE A 10 ? 0.1734 0.2652 0.2012 0.0400  -0.0303 0.0017  18  ILE A CG2 
125  C CD1 . ILE A 10 ? 0.2147 0.3608 0.2144 -0.0022 -0.0314 0.0101  18  ILE A CD1 
137  N N   . ALA A 11 ? 0.1167 0.2357 0.1588 0.0024  -0.0083 -0.0087 19  ALA A N   
138  C CA  . ALA A 11 ? 0.1146 0.2147 0.1743 0.0004  0.0068  -0.0149 19  ALA A CA  
139  C C   . ALA A 11 ? 0.1264 0.1950 0.1635 0.0014  -0.0119 -0.0344 19  ALA A C   
140  O O   . ALA A 11 ? 0.1353 0.1993 0.1644 0.0101  -0.0205 -0.0266 19  ALA A O   
141  C CB  . ALA A 11 ? 0.1468 0.2185 0.2147 0.0258  -0.0274 -0.0327 19  ALA A CB  
147  N N   . ILE A 12 ? 0.1217 0.1969 0.1794 0.0018  -0.0161 -0.0164 20  ILE A N   
148  C CA  . ILE A 12 ? 0.1602 0.2192 0.1764 -0.0299 0.0094  -0.0116 20  ILE A CA  
149  C C   . ILE A 12 ? 0.1585 0.2179 0.1514 -0.0317 -0.0152 -0.0156 20  ILE A C   
150  O O   . ILE A 12 ? 0.1558 0.2407 0.1784 -0.0252 -0.0124 -0.0121 20  ILE A O   
151  C CB  . ILE A 12 ? 0.1432 0.2278 0.1722 -0.0522 0.0074  -0.0237 20  ILE A CB  
152  C CG1 . ILE A 12 ? 0.1516 0.2460 0.2019 -0.0372 0.0217  -0.0340 20  ILE A CG1 
153  C CG2 . ILE A 12 ? 0.1979 0.2294 0.1957 -0.0832 -0.0075 -0.0243 20  ILE A CG2 
154  C CD1 . ILE A 12 ? 0.1345 0.2522 0.2693 -0.0214 0.0292  -0.0218 20  ILE A CD1 
166  N N   . GLU A 13 ? 0.1276 0.2120 0.1571 0.0050  -0.0189 -0.0160 21  GLU A N   
167  C CA  A GLU A 13 ? 0.1173 0.1992 0.1734 0.0112  -0.0136 -0.0144 21  GLU A CA  
168  C CA  B GLU A 13 ? 0.1043 0.1950 0.1836 0.0285  -0.0046 -0.0050 21  GLU A CA  
169  C C   . GLU A 13 ? 0.1063 0.2070 0.1761 0.0133  -0.0283 -0.0221 21  GLU A C   
170  O O   . GLU A 13 ? 0.1489 0.2204 0.1663 0.0085  -0.0410 -0.0288 21  GLU A O   
171  C CB  A GLU A 13 ? 0.1776 0.1920 0.1772 -0.0138 -0.0065 -0.0204 21  GLU A CB  
172  C CB  B GLU A 13 ? 0.1565 0.1951 0.1982 0.0251  0.0060  0.0161  21  GLU A CB  
173  C CG  A GLU A 13 ? 0.1738 0.2091 0.2082 -0.0141 -0.0069 -0.0320 21  GLU A CG  
174  C CG  B GLU A 13 ? 0.1239 0.2138 0.2701 0.0218  0.0201  0.0053  21  GLU A CG  
175  C CD  A GLU A 13 ? 0.2333 0.2266 0.2172 -0.0093 0.0047  -0.0443 21  GLU A CD  
176  C CD  B GLU A 13 ? 0.1710 0.2466 0.2961 0.0383  0.0177  0.0248  21  GLU A CD  
177  O OE1 A GLU A 13 ? 0.2915 0.2258 0.1966 0.0146  -0.0129 -0.0439 21  GLU A OE1 
178  O OE1 B GLU A 13 ? 0.2462 0.2423 0.2944 0.0229  0.0332  0.0215  21  GLU A OE1 
179  O OE2 A GLU A 13 ? 0.1997 0.2270 0.2816 -0.0357 0.0121  -0.0752 21  GLU A OE2 
180  O OE2 B GLU A 13 ? 0.2097 0.2707 0.3175 0.1088  0.0213  0.0689  21  GLU A OE2 
193  N N   . TYR A 14 ? 0.1139 0.2112 0.1710 0.0015  -0.0177 -0.0235 22  TYR A N   
194  C CA  . TYR A 14 ? 0.1254 0.2015 0.1567 0.0035  -0.0183 -0.0073 22  TYR A CA  
195  C C   . TYR A 14 ? 0.1308 0.1961 0.1695 0.0028  -0.0251 -0.0256 22  TYR A C   
196  O O   . TYR A 14 ? 0.1385 0.1936 0.1725 0.0130  -0.0344 0.0119  22  TYR A O   
197  C CB  . TYR A 14 ? 0.1465 0.1960 0.1577 0.0081  -0.0225 -0.0011 22  TYR A CB  
198  C CG  . TYR A 14 ? 0.1219 0.1896 0.1693 -0.0122 -0.0047 0.0012  22  TYR A CG  
199  C CD1 . TYR A 14 ? 0.1427 0.2033 0.1867 -0.0365 0.0091  -0.0139 22  TYR A CD1 
200  C CD2 . TYR A 14 ? 0.1278 0.1853 0.2085 0.0081  -0.0016 -0.0012 22  TYR A CD2 
201  C CE1 . TYR A 14 ? 0.1896 0.2204 0.1865 -0.0240 0.0008  -0.0329 22  TYR A CE1 
202  C CE2 . TYR A 14 ? 0.1433 0.2094 0.1757 0.0078  -0.0058 0.0018  22  TYR A CE2 
203  C CZ  . TYR A 14 ? 0.1601 0.2009 0.1716 -0.0062 -0.0204 -0.0358 22  TYR A CZ  
204  O OH  . TYR A 14 ? 0.1504 0.2388 0.2072 0.0017  -0.0097 -0.0509 22  TYR A OH  
214  N N   . PHE A 15 ? 0.1382 0.2139 0.1255 0.0116  -0.0285 -0.0156 23  PHE A N   
215  C CA  . PHE A 15 ? 0.1462 0.2220 0.1587 0.0217  0.0007  -0.0107 23  PHE A CA  
216  C C   . PHE A 15 ? 0.1600 0.2249 0.1542 0.0003  -0.0249 -0.0259 23  PHE A C   
217  O O   . PHE A 15 ? 0.2152 0.2107 0.1762 0.0089  -0.0301 -0.0236 23  PHE A O   
218  C CB  . PHE A 15 ? 0.1488 0.2356 0.1484 0.0042  -0.0046 -0.0025 23  PHE A CB  
219  C CG  . PHE A 15 ? 0.1310 0.2297 0.1756 -0.0094 0.0103  -0.0384 23  PHE A CG  
220  C CD1 . PHE A 15 ? 0.1667 0.2323 0.2440 -0.0035 0.0335  -0.0676 23  PHE A CD1 
221  C CD2 . PHE A 15 ? 0.1419 0.2227 0.1856 0.0089  0.0256  -0.0317 23  PHE A CD2 
222  C CE1 . PHE A 15 ? 0.1719 0.2492 0.2760 -0.0129 0.0359  -0.0576 23  PHE A CE1 
223  C CE2 . PHE A 15 ? 0.1780 0.2221 0.2071 -0.0055 0.0267  -0.0431 23  PHE A CE2 
224  C CZ  . PHE A 15 ? 0.1765 0.2405 0.2645 0.0021  0.0397  -0.0616 23  PHE A CZ  
234  N N   . LYS A 16 ? 0.1575 0.2112 0.1702 0.0112  -0.0276 -0.0287 24  LYS A N   
235  C CA  . LYS A 16 ? 0.2035 0.2125 0.1632 0.0175  -0.0541 -0.0218 24  LYS A CA  
236  C C   . LYS A 16 ? 0.2195 0.2221 0.1571 0.0430  -0.0760 0.0075  24  LYS A C   
237  O O   . LYS A 16 ? 0.2342 0.2418 0.2081 0.0456  -0.0453 0.0094  24  LYS A O   
238  C CB  . LYS A 16 ? 0.1946 0.2321 0.1940 -0.0102 -0.0393 -0.0070 24  LYS A CB  
239  C CG  . LYS A 16 ? 0.2006 0.2477 0.2247 -0.0119 -0.0381 -0.0066 24  LYS A CG  
240  C CD  . LYS A 16 ? 0.2174 0.2607 0.2517 -0.0388 -0.0299 -0.0169 24  LYS A CD  
241  C CE  . LYS A 16 ? 0.2455 0.2801 0.2559 -0.0031 -0.0146 -0.0166 24  LYS A CE  
242  N NZ  . LYS A 16 ? 0.2422 0.2776 0.3436 0.0357  -0.0389 -0.0330 24  LYS A NZ  
256  N N   . ASN A 17 ? 0.1749 0.2288 0.1958 0.0504  -0.0551 -0.0009 25  ASN A N   
257  C CA  A ASN A 17 ? 0.1546 0.2544 0.2219 0.0578  -0.0247 -0.0048 25  ASN A CA  
258  C CA  B ASN A 17 ? 0.1382 0.2407 0.2088 0.0369  -0.0302 -0.0137 25  ASN A CA  
259  C C   . ASN A 17 ? 0.1107 0.2603 0.2240 0.0038  -0.0140 -0.0172 25  ASN A C   
260  O O   . ASN A 17 ? 0.1547 0.2906 0.2616 0.0188  -0.0468 -0.0258 25  ASN A O   
261  C CB  A ASN A 17 ? 0.2028 0.2763 0.2308 0.0829  -0.0130 -0.0045 25  ASN A CB  
262  C CB  B ASN A 17 ? 0.1178 0.2307 0.1921 0.0212  -0.0195 -0.0449 25  ASN A CB  
263  C CG  A ASN A 17 ? 0.2616 0.2823 0.2623 0.1134  0.0169  0.0060  25  ASN A CG  
264  C CG  B ASN A 17 ? 0.1564 0.2250 0.1966 0.0205  -0.0038 -0.0410 25  ASN A CG  
265  O OD1 A ASN A 17 ? 0.2835 0.2780 0.2859 0.1306  -0.0369 -0.0088 25  ASN A OD1 
266  O OD1 B ASN A 17 ? 0.1546 0.2268 0.2394 0.0256  -0.0056 -0.0641 25  ASN A OD1 
267  N ND2 A ASN A 17 ? 0.2692 0.2998 0.2220 0.1345  0.0374  0.0554  25  ASN A ND2 
268  N ND2 B ASN A 17 ? 0.1447 0.2164 0.1703 0.0497  0.0251  -0.0074 25  ASN A ND2 
281  N N   . TYR A 18 ? 0.1769 0.2515 0.1637 -0.0097 -0.0578 -0.0101 26  TYR A N   
282  C CA  . TYR A 18 ? 0.2444 0.2710 0.2033 0.0100  -0.0663 -0.0264 26  TYR A CA  
283  C C   . TYR A 18 ? 0.2842 0.2830 0.1970 0.0152  -0.0782 -0.0223 26  TYR A C   
284  O O   . TYR A 18 ? 0.2747 0.3251 0.2383 -0.0202 -0.0495 -0.0181 26  TYR A O   
285  C CB  . TYR A 18 ? 0.2135 0.2792 0.2160 -0.0115 -0.0271 -0.0341 26  TYR A CB  
286  C CG  . TYR A 18 ? 0.1240 0.3476 0.2179 -0.0402 -0.0164 -0.0027 26  TYR A CG  
287  C CD1 . TYR A 18 ? 0.2314 0.3889 0.2121 -0.0743 -0.0346 -0.0153 26  TYR A CD1 
288  C CD2 . TYR A 18 ? 0.1957 0.3696 0.2183 -0.0091 -0.0149 0.0100  26  TYR A CD2 
289  C CE1 . TYR A 18 ? 0.2145 0.4179 0.2319 -0.0672 -0.0416 -0.0212 26  TYR A CE1 
290  C CE2 . TYR A 18 ? 0.1505 0.3750 0.2685 -0.0117 0.0103  -0.0230 26  TYR A CE2 
291  C CZ  . TYR A 18 ? 0.1416 0.4451 0.2374 -0.0347 -0.0106 0.0076  26  TYR A CZ  
292  O OH  . TYR A 18 ? 0.1377 0.5020 0.2551 -0.0565 -0.0075 0.0386  26  TYR A OH  
302  N N   . ILE A 19 ? 0.2090 0.2646 0.2234 -0.0165 -0.0458 -0.0401 27  ILE A N   
303  C CA  . ILE A 19 ? 0.2748 0.2700 0.2115 0.0153  -0.0510 -0.0222 27  ILE A CA  
304  C C   . ILE A 19 ? 0.2523 0.2925 0.1738 -0.0279 -0.0367 -0.0132 27  ILE A C   
305  O O   . ILE A 19 ? 0.2774 0.3037 0.2108 -0.0398 -0.0391 -0.0123 27  ILE A O   
306  C CB  . ILE A 19 ? 0.3595 0.2908 0.2444 -0.0039 -0.0339 -0.0198 27  ILE A CB  
307  C CG1 . ILE A 19 ? 0.4434 0.3134 0.3052 -0.0090 -0.0052 -0.0219 27  ILE A CG1 
308  C CG2 . ILE A 19 ? 0.3633 0.2849 0.2853 -0.0154 -0.0121 -0.0173 27  ILE A CG2 
309  C CD1 . ILE A 19 ? 0.5558 0.3167 0.3741 -0.0170 -0.0093 -0.0335 27  ILE A CD1 
321  N N   . SER A 20 ? 0.2287 0.2912 0.1648 -0.0182 -0.0538 -0.0335 28  SER A N   
322  C CA  . SER A 20 ? 0.2386 0.2966 0.1791 -0.0178 -0.0264 -0.0307 28  SER A CA  
323  C C   . SER A 20 ? 0.1607 0.2984 0.1790 -0.0313 -0.0206 -0.0173 28  SER A C   
324  O O   . SER A 20 ? 0.1516 0.2849 0.2551 -0.0030 -0.0330 -0.0210 28  SER A O   
325  C CB  . SER A 20 ? 0.3194 0.2960 0.1882 -0.0010 -0.0243 -0.0342 28  SER A CB  
326  O OG  . SER A 20 ? 0.3619 0.3148 0.2013 0.0091  -0.0696 -0.0312 28  SER A OG  
332  N N   . VAL A 21 ? 0.1834 0.2776 0.1874 -0.0187 -0.0101 -0.0350 29  VAL A N   
333  C CA  . VAL A 21 ? 0.1544 0.2876 0.1744 -0.0150 0.0006  -0.0254 29  VAL A CA  
334  C C   . VAL A 21 ? 0.1394 0.2707 0.1891 -0.0017 -0.0455 -0.0430 29  VAL A C   
335  O O   . VAL A 21 ? 0.1419 0.2671 0.2050 0.0025  -0.0322 -0.0253 29  VAL A O   
336  C CB  . VAL A 21 ? 0.2079 0.3133 0.1479 0.0339  0.0152  -0.0124 29  VAL A CB  
337  C CG1 . VAL A 21 ? 0.2450 0.3213 0.1835 0.0074  0.0292  -0.0265 29  VAL A CG1 
338  C CG2 . VAL A 21 ? 0.2467 0.3206 0.2168 0.0537  -0.0168 -0.0300 29  VAL A CG2 
348  N N   . GLY A 22 ? 0.1558 0.2542 0.1810 -0.0180 -0.0480 -0.0361 30  GLY A N   
349  C CA  . GLY A 22 ? 0.1764 0.2567 0.2293 -0.0129 -0.0199 -0.0214 30  GLY A CA  
350  C C   . GLY A 22 ? 0.1921 0.2456 0.2139 -0.0020 -0.0178 -0.0061 30  GLY A C   
351  O O   . GLY A 22 ? 0.2447 0.2280 0.1922 0.0089  -0.0114 0.0031  30  GLY A O   
355  N N   . GLU A 23 ? 0.1971 0.2808 0.2275 0.0240  -0.0269 -0.0334 31  GLU A N   
356  C CA  . GLU A 23 ? 0.2443 0.2755 0.2466 0.0475  -0.0482 -0.0254 31  GLU A CA  
357  C C   . GLU A 23 ? 0.2349 0.2514 0.2370 0.0227  -0.0667 -0.0374 31  GLU A C   
358  O O   . GLU A 23 ? 0.2592 0.2537 0.2143 0.0399  -0.0757 -0.0311 31  GLU A O   
359  C CB  . GLU A 23 ? 0.2608 0.3165 0.2793 0.0831  -0.0279 -0.0243 31  GLU A CB  
360  C CG  . GLU A 23 ? 0.3815 0.3487 0.3696 0.1438  0.0096  -0.0057 31  GLU A CG  
361  C CD  . GLU A 23 ? 0.4901 0.3745 0.4528 0.1417  0.0095  -0.0219 31  GLU A CD  
362  O OE1 . GLU A 23 ? 0.4408 0.3973 0.5059 0.1448  0.0375  -0.0299 31  GLU A OE1 
363  O OE2 . GLU A 23 ? 0.5803 0.3785 0.4852 0.1238  0.0133  -0.0391 31  GLU A OE2 
370  N N   . ILE A 24 ? 0.2822 0.2464 0.2572 0.0263  -0.0238 -0.0217 32  ILE A N   
371  C CA  . ILE A 24 ? 0.3810 0.2531 0.2415 -0.0158 -0.0420 -0.0275 32  ILE A CA  
372  C C   . ILE A 24 ? 0.3475 0.2581 0.1913 -0.0323 -0.0804 -0.0186 32  ILE A C   
373  O O   . ILE A 24 ? 0.3454 0.2708 0.2188 -0.0008 -0.0670 -0.0105 32  ILE A O   
374  C CB  . ILE A 24 ? 0.4536 0.2632 0.2968 -0.0350 -0.0216 -0.0454 32  ILE A CB  
375  C CG1 . ILE A 24 ? 0.5386 0.2849 0.3246 -0.0375 -0.0121 -0.0543 32  ILE A CG1 
376  C CG2 . ILE A 24 ? 0.4554 0.2531 0.3314 -0.0490 -0.0116 -0.0675 32  ILE A CG2 
377  C CD1 . ILE A 24 ? 0.5877 0.2993 0.3487 -0.0078 -0.0221 -0.0491 32  ILE A CD1 
389  N N   . VAL A 25 ? 0.2598 0.2522 0.2566 -0.0344 -0.0500 -0.0136 33  VAL A N   
390  C CA  . VAL A 25 ? 0.2530 0.2654 0.2173 -0.0376 -0.0863 -0.0103 33  VAL A CA  
391  C C   . VAL A 25 ? 0.2121 0.2515 0.1861 -0.0223 -0.0357 0.0002  33  VAL A C   
392  O O   . VAL A 25 ? 0.2284 0.2533 0.2116 -0.0242 0.0052  -0.0243 33  VAL A O   
393  C CB  . VAL A 25 ? 0.2453 0.2899 0.2709 -0.0470 -0.0743 -0.0555 33  VAL A CB  
394  C CG1 . VAL A 25 ? 0.2789 0.3140 0.3349 -0.0246 -0.0676 -0.0568 33  VAL A CG1 
395  C CG2 . VAL A 25 ? 0.3044 0.3093 0.3022 -0.0463 -0.0371 -0.0458 33  VAL A CG2 
405  N N   . ALA A 26 ? 0.2275 0.2359 0.1787 -0.0204 -0.0282 -0.0087 34  ALA A N   
406  C CA  . ALA A 26 ? 0.2210 0.2421 0.1677 -0.0098 -0.0159 -0.0008 34  ALA A CA  
407  C C   . ALA A 26 ? 0.2391 0.2243 0.1862 -0.0011 -0.0316 -0.0277 34  ALA A C   
408  O O   . ALA A 26 ? 0.2363 0.2196 0.1835 -0.0117 -0.0297 -0.0332 34  ALA A O   
409  C CB  . ALA A 26 ? 0.2103 0.2551 0.1908 0.0142  -0.0117 0.0107  34  ALA A CB  
415  N N   . THR A 27 ? 0.2943 0.2241 0.1905 0.0404  -0.0478 -0.0185 35  THR A N   
416  C CA  . THR A 27 ? 0.3798 0.2520 0.2355 0.0538  -0.0676 -0.0149 35  THR A CA  
417  C C   . THR A 27 ? 0.4743 0.2362 0.2091 0.0157  -0.0657 -0.0042 35  THR A C   
418  O O   . THR A 27 ? 0.5186 0.2503 0.2013 0.0245  -0.0785 0.0127  35  THR A O   
419  C CB  . THR A 27 ? 0.4197 0.2851 0.2969 0.1069  -0.0824 -0.0342 35  THR A CB  
420  O OG1 . THR A 27 ? 0.4678 0.2758 0.3673 0.1264  -0.0968 -0.0763 35  THR A OG1 
421  C CG2 . THR A 27 ? 0.4742 0.3094 0.3225 0.1155  -0.1087 -0.0343 35  THR A CG2 
429  N N   . MET A 28 ? 0.4810 0.2311 0.2077 -0.0489 -0.0377 0.0067  36  MET A N   
430  C CA  A MET A 28 ? 0.4810 0.2632 0.2235 -0.1085 -0.0250 -0.0280 36  MET A CA  
431  C CA  B MET A 28 ? 0.4875 0.2411 0.2366 -0.0777 -0.0165 -0.0053 36  MET A CA  
432  C C   . MET A 28 ? 0.4505 0.2492 0.2177 -0.1036 -0.0084 -0.0036 36  MET A C   
433  O O   . MET A 28 ? 0.5096 0.2628 0.2281 -0.1294 -0.0124 -0.0145 36  MET A O   
434  C CB  A MET A 28 ? 0.5406 0.3136 0.3285 -0.1398 -0.0015 -0.0708 36  MET A CB  
435  C CB  B MET A 28 ? 0.5360 0.2455 0.3178 -0.0698 0.0158  -0.0136 36  MET A CB  
436  C CG  A MET A 28 ? 0.6183 0.3764 0.3969 -0.1519 0.0025  -0.1078 36  MET A CG  
437  C CG  B MET A 28 ? 0.5894 0.2517 0.3878 -0.0464 0.0438  -0.0223 36  MET A CG  
438  S SD  A MET A 28 ? 0.6674 0.4394 0.4882 -0.1711 0.0266  -0.1503 36  MET A SD  
439  S SD  B MET A 28 ? 0.6472 0.2475 0.4630 -0.0196 0.0527  -0.0304 36  MET A SD  
440  C CE  A MET A 28 ? 0.6413 0.4433 0.5102 -0.1620 0.0333  -0.1570 36  MET A CE  
441  C CE  B MET A 28 ? 0.6534 0.2403 0.4728 -0.0285 0.0581  -0.0253 36  MET A CE  
460  N N   . ASP A 29 ? 0.3616 0.2388 0.1987 -0.0920 -0.0070 0.0085  37  ASP A N   
461  C CA  . ASP A 29 ? 0.3126 0.2337 0.2394 -0.0773 0.0349  -0.0229 37  ASP A CA  
462  C C   . ASP A 29 ? 0.3356 0.2268 0.1882 -0.0894 0.0300  -0.0230 37  ASP A C   
463  O O   . ASP A 29 ? 0.3811 0.2499 0.1949 -0.1185 0.0456  -0.0266 37  ASP A O   
464  C CB  . ASP A 29 ? 0.2431 0.2444 0.2578 -0.0577 0.0206  -0.0437 37  ASP A CB  
465  C CG  . ASP A 29 ? 0.2103 0.2829 0.3025 -0.0688 0.0245  -0.0332 37  ASP A CG  
466  O OD1 . ASP A 29 ? 0.2376 0.3349 0.3301 -0.0876 0.0438  -0.0112 37  ASP A OD1 
467  O OD2 . ASP A 29 ? 0.1668 0.2594 0.3217 -0.0259 0.0137  -0.0435 37  ASP A OD2 
472  N N   . LEU A 30 ? 0.3540 0.2126 0.1636 -0.0620 -0.0352 -0.0037 38  LEU A N   
473  C CA  . LEU A 30 ? 0.4112 0.2147 0.1738 -0.0359 -0.0712 0.0103  38  LEU A CA  
474  C C   . LEU A 30 ? 0.5348 0.2355 0.1863 -0.0729 -0.0714 0.0259  38  LEU A C   
475  O O   . LEU A 30 ? 0.5563 0.2276 0.1897 -0.0758 -0.0836 0.0279  38  LEU A O   
476  C CB  . LEU A 30 ? 0.3172 0.2189 0.2053 -0.0140 -0.0603 0.0094  38  LEU A CB  
477  C CG  . LEU A 30 ? 0.2508 0.2268 0.2281 -0.0319 -0.0235 -0.0138 38  LEU A CG  
478  C CD1 . LEU A 30 ? 0.2912 0.2354 0.3099 0.0007  0.0161  -0.0236 38  LEU A CD1 
479  C CD2 . LEU A 30 ? 0.2742 0.2395 0.1732 -0.0162 -0.0639 0.0005  38  LEU A CD2 
491  N N   . LYS A 31 ? 0.6229 0.2540 0.1910 -0.0915 -0.0925 0.0389  39  LYS A N   
492  C CA  . LYS A 31 ? 0.6872 0.2739 0.2412 -0.1375 -0.1039 0.0378  39  LYS A CA  
493  C C   . LYS A 31 ? 0.7062 0.2970 0.2202 -0.1864 -0.0501 0.0332  39  LYS A C   
494  O O   . LYS A 31 ? 0.7552 0.3195 0.2169 -0.1613 -0.0650 0.0373  39  LYS A O   
495  C CB  . LYS A 31 ? 0.7268 0.2828 0.3343 -0.1336 -0.1610 0.0202  39  LYS A CB  
496  C CG  . LYS A 31 ? 0.8036 0.2902 0.4452 -0.1249 -0.2189 -0.0163 39  LYS A CG  
497  C CD  . LYS A 31 ? 0.8768 0.2978 0.6075 -0.0997 -0.2140 -0.0324 39  LYS A CD  
498  C CE  . LYS A 31 ? 0.9442 0.3369 0.7407 -0.0783 -0.2221 -0.0237 39  LYS A CE  
499  N NZ  . LYS A 31 ? 0.9747 0.3556 0.8378 -0.0851 -0.2401 -0.0328 39  LYS A NZ  
513  N N   . ALA A 32 ? 0.6868 0.3023 0.2449 -0.2105 0.0161  0.0223  40  ALA A N   
514  C CA  . ALA A 32 ? 0.7037 0.3255 0.2505 -0.2084 0.0644  0.0137  40  ALA A CA  
515  C C   . ALA A 32 ? 0.6974 0.3337 0.2280 -0.2148 0.0615  -0.0086 40  ALA A C   
516  O O   . ALA A 32 ? 0.6833 0.3550 0.2524 -0.2311 0.0938  -0.0145 40  ALA A O   
517  C CB  . ALA A 32 ? 0.7088 0.3342 0.2763 -0.2079 0.0968  0.0095  40  ALA A CB  
523  N N   . ARG A 33 ? 0.6781 0.3266 0.1936 -0.1992 0.0252  -0.0092 41  ARG A N   
524  C CA  . ARG A 33 ? 0.6645 0.3135 0.1877 -0.1916 0.0144  -0.0060 41  ARG A CA  
525  C C   . ARG A 33 ? 0.7423 0.3144 0.2138 -0.1737 -0.0164 -0.0032 41  ARG A C   
526  O O   . ARG A 33 ? 0.7837 0.3356 0.2105 -0.1507 -0.0343 0.0152  41  ARG A O   
527  C CB  . ARG A 33 ? 0.6057 0.3226 0.1844 -0.1884 0.0342  -0.0105 41  ARG A CB  
528  C CG  . ARG A 33 ? 0.5280 0.3410 0.1730 -0.1850 0.0438  -0.0232 41  ARG A CG  
529  C CD  . ARG A 33 ? 0.4506 0.3512 0.1855 -0.1653 0.0515  -0.0355 41  ARG A CD  
530  N NE  . ARG A 33 ? 0.3800 0.3566 0.2002 -0.1513 0.0709  -0.0684 41  ARG A NE  
531  C CZ  . ARG A 33 ? 0.3588 0.3505 0.2471 -0.1321 0.0997  -0.0984 41  ARG A CZ  
532  N NH1 . ARG A 33 ? 0.3462 0.3403 0.2647 -0.1680 0.0979  -0.1011 41  ARG A NH1 
533  N NH2 . ARG A 33 ? 0.3023 0.3709 0.2528 -0.1460 0.1121  -0.1128 41  ARG A NH2 
547  N N   . GLY A 34 ? 0.7505 0.3038 0.2287 -0.1580 -0.0373 0.0086  42  GLY A N   
548  C CA  . GLY A 34 ? 0.7512 0.3108 0.2454 -0.1307 -0.0915 -0.0061 42  GLY A CA  
549  C C   . GLY A 34 ? 0.7365 0.3217 0.2461 -0.0864 -0.1488 -0.0034 42  GLY A C   
550  O O   . GLY A 34 ? 0.7597 0.3544 0.2612 -0.0752 -0.1633 -0.0083 42  GLY A O   
554  N N   . ILE A 35 ? 0.6882 0.3033 0.2270 -0.0689 -0.1444 0.0138  43  ILE A N   
555  C CA  . ILE A 35 ? 0.6377 0.2798 0.2722 -0.0143 -0.1873 -0.0128 43  ILE A CA  
556  C C   . ILE A 35 ? 0.7738 0.2930 0.3353 0.0419  -0.1984 -0.0027 43  ILE A C   
557  O O   . ILE A 35 ? 0.7755 0.2877 0.3427 0.0424  -0.1962 -0.0041 43  ILE A O   
558  C CB  . ILE A 35 ? 0.4715 0.2757 0.2913 0.0034  -0.1666 -0.0262 43  ILE A CB  
559  C CG1 . ILE A 35 ? 0.3139 0.2677 0.2817 0.0065  -0.1448 -0.0512 43  ILE A CG1 
560  C CG2 . ILE A 35 ? 0.4970 0.2781 0.3403 0.0362  -0.1555 -0.0241 43  ILE A CG2 
561  C CD1 . ILE A 35 ? 0.2967 0.2473 0.2625 0.0352  -0.1077 -0.0567 43  ILE A CD1 
573  N N   A SER A 36 ? 0.8441 0.3071 0.3684 0.0671  -0.2069 -0.0003 44  SER A N   
574  N N   B SER A 36 ? 0.8367 0.3075 0.3683 0.0731  -0.2035 0.0020  44  SER A N   
575  C CA  A SER A 36 ? 0.8935 0.3231 0.3723 0.1022  -0.2343 -0.0006 44  SER A CA  
576  C CA  B SER A 36 ? 0.8796 0.3238 0.3707 0.1167  -0.2296 0.0057  44  SER A CA  
577  C C   A SER A 36 ? 0.8648 0.3308 0.4111 0.1319  -0.2469 -0.0194 44  SER A C   
578  C C   B SER A 36 ? 0.8585 0.3302 0.4120 0.1405  -0.2447 -0.0180 44  SER A C   
579  O O   A SER A 36 ? 0.8793 0.3356 0.4395 0.1242  -0.2339 -0.0260 44  SER A O   
580  O O   B SER A 36 ? 0.8734 0.3341 0.4426 0.1341  -0.2316 -0.0284 44  SER A O   
581  C CB  A SER A 36 ? 0.9468 0.3307 0.3769 0.1023  -0.2367 -0.0028 44  SER A CB  
582  C CB  B SER A 36 ? 0.9096 0.3374 0.3740 0.1258  -0.2259 0.0078  44  SER A CB  
583  O OG  A SER A 36 ? 0.9781 0.3419 0.3911 0.0981  -0.2236 -0.0055 44  SER A OG  
584  O OG  B SER A 36 ? 0.9352 0.3479 0.3818 0.1344  -0.2171 0.0154  44  SER A OG  
595  N N   . ASN A 37 ? 0.8058 0.3375 0.4403 0.1716  -0.2481 -0.0370 45  ASN A N   
596  C CA  . ASN A 37 ? 0.7159 0.3620 0.5175 0.2085  -0.2262 -0.0895 45  ASN A CA  
597  C C   . ASN A 37 ? 0.6276 0.3798 0.5177 0.2096  -0.2487 -0.1299 45  ASN A C   
598  O O   . ASN A 37 ? 0.5616 0.4109 0.5241 0.2239  -0.2670 -0.1433 45  ASN A O   
599  C CB  . ASN A 37 ? 0.7278 0.3672 0.5896 0.2429  -0.2028 -0.0984 45  ASN A CB  
600  C CG  . ASN A 37 ? 0.7442 0.3798 0.6307 0.2562  -0.1634 -0.1094 45  ASN A CG  
601  O OD1 . ASN A 37 ? 0.7467 0.3879 0.6450 0.2628  -0.1554 -0.1104 45  ASN A OD1 
602  N ND2 . ASN A 37 ? 0.7429 0.3889 0.6448 0.2609  -0.1470 -0.1105 45  ASN A ND2 
609  N N   . PRO A 38 ? 0.6009 0.4036 0.4772 0.1773  -0.2663 -0.1396 46  PRO A N   
610  C CA  . PRO A 38 ? 0.5567 0.4171 0.4667 0.2007  -0.2340 -0.1323 46  PRO A CA  
611  C C   . PRO A 38 ? 0.4648 0.4274 0.4670 0.2220  -0.2141 -0.1781 46  PRO A C   
612  O O   . PRO A 38 ? 0.4064 0.4203 0.4482 0.1998  -0.2072 -0.1803 46  PRO A O   
613  C CB  . PRO A 38 ? 0.5843 0.4271 0.4784 0.1844  -0.2258 -0.1230 46  PRO A CB  
614  C CG  . PRO A 38 ? 0.6084 0.4372 0.4914 0.1631  -0.2333 -0.1261 46  PRO A CG  
615  C CD  . PRO A 38 ? 0.6059 0.4142 0.4842 0.1676  -0.2501 -0.1248 46  PRO A CD  
623  N N   . GLN A 39 ? 0.4853 0.4624 0.4801 0.2257  -0.2262 -0.1973 47  GLN A N   
624  C CA  A GLN A 39 ? 0.4723 0.4674 0.5216 0.2368  -0.1987 -0.2184 47  GLN A CA  
625  C CA  B GLN A 39 ? 0.4745 0.4750 0.5033 0.2436  -0.2075 -0.2086 47  GLN A CA  
626  C C   . GLN A 39 ? 0.4368 0.4849 0.4829 0.2352  -0.1850 -0.2171 47  GLN A C   
627  O O   . GLN A 39 ? 0.4064 0.5008 0.4726 0.2215  -0.1877 -0.2445 47  GLN A O   
628  C CB  A GLN A 39 ? 0.5052 0.4726 0.5863 0.2346  -0.1899 -0.2377 47  GLN A CB  
629  C CB  B GLN A 39 ? 0.5215 0.4919 0.5376 0.2385  -0.2113 -0.1954 47  GLN A CB  
630  C CG  A GLN A 39 ? 0.5389 0.4812 0.6255 0.2250  -0.1848 -0.2632 47  GLN A CG  
631  C CG  B GLN A 39 ? 0.5573 0.5066 0.5525 0.2323  -0.2215 -0.1834 47  GLN A CG  
632  C CD  A GLN A 39 ? 0.5272 0.4936 0.6607 0.2156  -0.1647 -0.2782 47  GLN A CD  
633  C CD  B GLN A 39 ? 0.5510 0.5174 0.5686 0.2370  -0.2202 -0.1693 47  GLN A CD  
634  O OE1 A GLN A 39 ? 0.5315 0.5074 0.6674 0.2006  -0.1470 -0.2756 47  GLN A OE1 
635  O OE1 B GLN A 39 ? 0.5420 0.5083 0.5913 0.2501  -0.2094 -0.1770 47  GLN A OE1 
636  N NE2 A GLN A 39 ? 0.4994 0.4951 0.6733 0.2082  -0.1687 -0.2838 47  GLN A NE2 
637  N NE2 B GLN A 39 ? 0.5195 0.5267 0.5572 0.2428  -0.2298 -0.1526 47  GLN A NE2 
654  N N   . ALA A 40 ? 0.4287 0.5030 0.4884 0.2347  -0.1722 -0.2277 48  ALA A N   
655  C CA  . ALA A 40 ? 0.3994 0.5285 0.4193 0.2328  -0.1793 -0.2276 48  ALA A CA  
656  C C   . ALA A 40 ? 0.3270 0.5298 0.3967 0.1946  -0.1487 -0.2453 48  ALA A C   
657  O O   . ALA A 40 ? 0.2840 0.5580 0.4079 0.1640  -0.1232 -0.2643 48  ALA A O   
658  C CB  . ALA A 40 ? 0.4565 0.5435 0.4040 0.2514  -0.1980 -0.2150 48  ALA A CB  
664  N N   . VAL A 41 ? 0.3099 0.4859 0.3675 0.1857  -0.1424 -0.2250 49  VAL A N   
665  C CA  . VAL A 41 ? 0.2519 0.4586 0.3359 0.1529  -0.1075 -0.1914 49  VAL A CA  
666  C C   . VAL A 41 ? 0.2238 0.4595 0.3154 0.1330  -0.0901 -0.1943 49  VAL A C   
667  O O   . VAL A 41 ? 0.2034 0.4948 0.2952 0.1129  -0.0712 -0.2065 49  VAL A O   
668  C CB  . VAL A 41 ? 0.2387 0.4719 0.2927 0.1562  -0.0857 -0.1435 49  VAL A CB  
669  C CG1 . VAL A 41 ? 0.2382 0.4504 0.2800 0.1522  -0.0460 -0.1431 49  VAL A CG1 
670  C CG2 . VAL A 41 ? 0.2262 0.4872 0.3260 0.1381  -0.0888 -0.1607 49  VAL A CG2 
680  N N   . ILE A 42 ? 0.2224 0.4752 0.2932 0.1320  -0.0878 -0.1854 50  ILE A N   
681  C CA  . ILE A 42 ? 0.1929 0.5052 0.3024 0.0942  -0.0633 -0.1994 50  ILE A CA  
682  C C   . ILE A 42 ? 0.1983 0.5546 0.3093 0.0910  -0.0579 -0.2040 50  ILE A C   
683  O O   . ILE A 42 ? 0.1876 0.5692 0.2891 0.0751  -0.0430 -0.1981 50  ILE A O   
684  C CB  . ILE A 42 ? 0.2068 0.5080 0.3129 0.0676  -0.0879 -0.1587 50  ILE A CB  
685  C CG1 . ILE A 42 ? 0.1811 0.4978 0.3001 0.0573  -0.0725 -0.1380 50  ILE A CG1 
686  C CG2 . ILE A 42 ? 0.2237 0.4864 0.3350 0.0649  -0.1167 -0.1297 50  ILE A CG2 
687  C CD1 . ILE A 42 ? 0.2260 0.5029 0.3225 0.0476  -0.0568 -0.1336 50  ILE A CD1 
699  N N   . SER A 43 ? 0.2102 0.5797 0.3267 0.0959  -0.0575 -0.2354 51  SER A N   
700  C CA  . SER A 43 ? 0.2286 0.6494 0.3707 0.0965  -0.0571 -0.2640 51  SER A CA  
701  C C   . SER A 43 ? 0.2281 0.7051 0.3614 0.0777  -0.0424 -0.2669 51  SER A C   
702  O O   . SER A 43 ? 0.2320 0.7310 0.3550 0.0816  -0.0415 -0.2631 51  SER A O   
703  C CB  . SER A 43 ? 0.2726 0.6886 0.3949 0.1266  -0.0381 -0.2554 51  SER A CB  
704  O OG  . SER A 43 ? 0.3719 0.7025 0.4553 0.1358  -0.0438 -0.2697 51  SER A OG  
710  N N   . LYS A 44 ? 0.2099 0.6839 0.3152 0.0586  -0.0282 -0.2345 52  LYS A N   
711  C CA  . LYS A 44 ? 0.2031 0.7138 0.2927 0.0222  -0.0094 -0.2161 52  LYS A CA  
712  C C   . LYS A 44 ? 0.1962 0.6932 0.2761 -0.0300 0.0135  -0.1989 52  LYS A C   
713  O O   . LYS A 44 ? 0.2128 0.7279 0.2964 -0.0562 0.0237  -0.2170 52  LYS A O   
714  C CB  . LYS A 44 ? 0.2267 0.7562 0.3178 -0.0003 -0.0024 -0.2356 52  LYS A CB  
715  C CG  . LYS A 44 ? 0.3195 0.7752 0.3338 -0.0368 -0.0278 -0.2313 52  LYS A CG  
716  C CD  . LYS A 44 ? 0.3320 0.7731 0.3844 -0.0628 -0.0366 -0.2347 52  LYS A CD  
717  C CE  . LYS A 44 ? 0.3758 0.7750 0.4452 -0.0754 -0.0322 -0.2275 52  LYS A CE  
718  N NZ  . LYS A 44 ? 0.3303 0.7788 0.4966 -0.0939 -0.0108 -0.2272 52  LYS A NZ  
732  N N   . LEU A 45 ? 0.1811 0.6546 0.2505 -0.0192 0.0074  -0.1812 53  LEU A N   
733  C CA  . LEU A 45 ? 0.1882 0.6401 0.2465 -0.0572 0.0271  -0.1652 53  LEU A CA  
734  C C   . LEU A 45 ? 0.1960 0.6664 0.2577 -0.0673 0.0283  -0.1736 53  LEU A C   
735  O O   . LEU A 45 ? 0.2405 0.7030 0.2804 -0.1060 0.0563  -0.1801 53  LEU A O   
736  C CB  . LEU A 45 ? 0.1867 0.5978 0.2329 -0.0753 0.0334  -0.1602 53  LEU A CB  
737  C CG  . LEU A 45 ? 0.1855 0.5743 0.2285 -0.0794 0.0420  -0.1363 53  LEU A CG  
738  C CD1 . LEU A 45 ? 0.1454 0.5502 0.2478 0.0021  0.0097  -0.0933 53  LEU A CD1 
739  C CD2 . LEU A 45 ? 0.1812 0.5667 0.2129 -0.0975 0.0334  -0.1202 53  LEU A CD2 
751  N N   . ILE A 46 ? 0.1884 0.6567 0.2614 -0.0394 0.0158  -0.1909 54  ILE A N   
752  C CA  . ILE A 46 ? 0.1957 0.6779 0.2869 -0.0329 0.0155  -0.2099 54  ILE A CA  
753  C C   . ILE A 46 ? 0.2195 0.7499 0.2528 -0.0917 0.0267  -0.1630 54  ILE A C   
754  O O   . ILE A 46 ? 0.2382 0.7759 0.2603 -0.1202 0.0339  -0.1626 54  ILE A O   
755  C CB  . ILE A 46 ? 0.2002 0.6843 0.3162 0.0082  -0.0019 -0.2329 54  ILE A CB  
756  C CG1 . ILE A 46 ? 0.1988 0.6660 0.3204 0.0213  -0.0208 -0.2183 54  ILE A CG1 
757  C CG2 . ILE A 46 ? 0.2118 0.7045 0.3547 0.0085  0.0102  -0.2370 54  ILE A CG2 
758  C CD1 . ILE A 46 ? 0.2077 0.6545 0.3481 0.0367  -0.0405 -0.2216 54  ILE A CD1 
770  N N   A GLU A 47 ? 0.2093 0.7124 0.2660 -0.0753 0.0326  -0.1638 55  GLU A N   
771  N N   B GLU A 47 ? 0.2189 0.7222 0.2564 -0.1020 0.0345  -0.1728 55  GLU A N   
772  C CA  A GLU A 47 ? 0.2146 0.7182 0.2559 -0.0706 0.0412  -0.1160 55  GLU A CA  
773  C CA  B GLU A 47 ? 0.2564 0.7472 0.2598 -0.1275 0.0521  -0.1474 55  GLU A CA  
774  C C   A GLU A 47 ? 0.2253 0.7553 0.2324 -0.1181 0.0240  -0.0931 55  GLU A C   
775  C C   B GLU A 47 ? 0.2602 0.7622 0.2317 -0.1647 0.0325  -0.1123 55  GLU A C   
776  O O   A GLU A 47 ? 0.2457 0.7815 0.2162 -0.0949 0.0074  -0.0835 55  GLU A O   
777  O O   B GLU A 47 ? 0.2700 0.7870 0.2379 -0.1759 0.0346  -0.1124 55  GLU A O   
778  C CB  A GLU A 47 ? 0.2125 0.7067 0.2403 -0.0525 0.0350  -0.1253 55  GLU A CB  
779  C CB  B GLU A 47 ? 0.3184 0.7563 0.2716 -0.1397 0.0731  -0.1550 55  GLU A CB  
780  C CG  A GLU A 47 ? 0.1819 0.6810 0.2648 -0.0300 0.0247  -0.0852 55  GLU A CG  
781  C CG  B GLU A 47 ? 0.3337 0.7463 0.3018 -0.1448 0.1057  -0.1383 55  GLU A CG  
782  C CD  A GLU A 47 ? 0.1739 0.6621 0.2538 -0.0080 0.0228  -0.0597 55  GLU A CD  
783  C CD  B GLU A 47 ? 0.3458 0.7451 0.3520 -0.1387 0.1339  -0.1538 55  GLU A CD  
784  O OE1 A GLU A 47 ? 0.1685 0.6174 0.3129 0.0278  0.0340  -0.0589 55  GLU A OE1 
785  O OE1 B GLU A 47 ? 0.4031 0.7442 0.3102 -0.1223 0.1109  -0.1617 55  GLU A OE1 
786  O OE2 A GLU A 47 ? 0.2136 0.6644 0.2668 -0.0333 -0.0015 -0.0682 55  GLU A OE2 
787  O OE2 B GLU A 47 ? 0.3217 0.6993 0.3784 -0.1195 0.1441  -0.1466 55  GLU A OE2 
800  N N   . MET A 48 ? 0.2672 0.7378 0.2283 -0.1788 0.0380  -0.1073 56  MET A N   
801  C CA  A MET A 48 ? 0.3132 0.7645 0.2314 -0.2240 0.0260  -0.0751 56  MET A CA  
802  C CA  C MET A 48 ? 0.3235 0.7687 0.2346 -0.2240 0.0193  -0.0730 56  MET A CA  
803  C C   . MET A 48 ? 0.3572 0.7819 0.2396 -0.2657 0.0270  -0.0596 56  MET A C   
804  O O   . MET A 48 ? 0.4199 0.7918 0.2655 -0.3089 0.0176  -0.0464 56  MET A O   
805  C CB  A MET A 48 ? 0.3293 0.7506 0.2293 -0.2208 0.0026  -0.0506 56  MET A CB  
806  C CB  C MET A 48 ? 0.3440 0.7415 0.2285 -0.2116 -0.0030 -0.0570 56  MET A CB  
807  C CG  A MET A 48 ? 0.3181 0.7587 0.2361 -0.2151 -0.0115 -0.0275 56  MET A CG  
808  C CG  C MET A 48 ? 0.3221 0.7312 0.2262 -0.2074 -0.0065 -0.0456 56  MET A CG  
809  S SD  A MET A 48 ? 0.3423 0.7521 0.2974 -0.1935 0.0568  -0.0109 56  MET A SD  
810  S SD  C MET A 48 ? 0.3350 0.8071 0.2389 -0.2419 0.0255  -0.0462 56  MET A SD  
811  C CE  A MET A 48 ? 0.3017 0.7397 0.3015 -0.1828 0.0637  -0.0076 56  MET A CE  
812  C CE  C MET A 48 ? 0.4038 0.8122 0.2643 -0.2608 -0.0112 -0.0522 56  MET A CE  
830  N N   . GLY A 49 ? 0.3274 0.7491 0.2348 -0.2404 0.0219  -0.0611 57  GLY A N   
831  C CA  . GLY A 49 ? 0.3851 0.7094 0.2423 -0.2514 -0.0045 -0.0557 57  GLY A CA  
832  C C   . GLY A 49 ? 0.3707 0.6673 0.2300 -0.2562 -0.0008 -0.0406 57  GLY A C   
833  O O   . GLY A 49 ? 0.4086 0.7043 0.2432 -0.2604 -0.0125 -0.0221 57  GLY A O   
837  N N   . ILE A 50 ? 0.3561 0.5980 0.2023 -0.2453 0.0147  -0.0464 58  ILE A N   
838  C CA  A ILE A 50 ? 0.3990 0.5613 0.1982 -0.2323 0.0047  -0.0501 58  ILE A CA  
839  C CA  B ILE A 50 ? 0.3779 0.5717 0.1947 -0.2292 0.0073  -0.0478 58  ILE A CA  
840  C C   . ILE A 50 ? 0.3325 0.5533 0.1868 -0.2309 0.0300  -0.0568 58  ILE A C   
841  O O   . ILE A 50 ? 0.3888 0.5514 0.2050 -0.2530 0.0574  -0.0769 58  ILE A O   
842  C CB  A ILE A 50 ? 0.4355 0.5453 0.1972 -0.2194 -0.0240 -0.0324 58  ILE A CB  
843  C CB  B ILE A 50 ? 0.4030 0.5587 0.1892 -0.2008 -0.0157 -0.0398 58  ILE A CB  
844  C CG1 A ILE A 50 ? 0.4450 0.5465 0.2027 -0.2212 -0.0281 -0.0349 58  ILE A CG1 
845  C CG1 B ILE A 50 ? 0.4013 0.5511 0.2026 -0.1656 -0.0019 -0.0360 58  ILE A CG1 
846  C CG2 A ILE A 50 ? 0.4683 0.5504 0.2069 -0.2152 -0.0154 -0.0348 58  ILE A CG2 
847  C CG2 B ILE A 50 ? 0.4190 0.5518 0.1975 -0.1927 -0.0210 -0.0401 58  ILE A CG2 
848  C CD1 A ILE A 50 ? 0.4141 0.5445 0.2285 -0.2429 -0.0239 -0.0350 58  ILE A CD1 
849  C CD1 B ILE A 50 ? 0.3876 0.5464 0.2124 -0.1531 0.0068  -0.0312 58  ILE A CD1 
872  N N   . ILE A 51 ? 0.2700 0.5437 0.1854 -0.1972 0.0457  -0.0877 59  ILE A N   
873  C CA  . ILE A 51 ? 0.2524 0.5312 0.1849 -0.1654 0.0437  -0.0991 59  ILE A CA  
874  C C   . ILE A 51 ? 0.2556 0.5782 0.2094 -0.1706 0.0554  -0.1194 59  ILE A C   
875  O O   . ILE A 51 ? 0.2654 0.5804 0.2298 -0.1681 0.0679  -0.1411 59  ILE A O   
876  C CB  . ILE A 51 ? 0.2373 0.5020 0.1666 -0.1329 0.0413  -0.0746 59  ILE A CB  
877  C CG1 . ILE A 51 ? 0.2063 0.4665 0.2372 -0.0838 0.0222  -0.0868 59  ILE A CG1 
878  C CG2 . ILE A 51 ? 0.2777 0.4884 0.2076 -0.1196 0.0869  -0.0531 59  ILE A CG2 
879  C CD1 . ILE A 51 ? 0.1859 0.4587 0.2327 -0.0383 -0.0352 -0.0703 59  ILE A CD1 
891  N N   . GLU A 52 ? 0.2454 0.5989 0.2207 -0.1676 0.0529  -0.1350 60  GLU A N   
892  C CA  . GLU A 52 ? 0.2753 0.6178 0.2486 -0.1822 0.0533  -0.1486 60  GLU A CA  
893  C C   . GLU A 52 ? 0.2375 0.6044 0.2332 -0.1596 0.0499  -0.1387 60  GLU A C   
894  O O   . GLU A 52 ? 0.2372 0.5996 0.2607 -0.1606 0.0474  -0.1318 60  GLU A O   
895  C CB  . GLU A 52 ? 0.4183 0.6450 0.2989 -0.1744 0.0681  -0.1247 60  GLU A CB  
896  C CG  . GLU A 52 ? 0.5333 0.6682 0.3746 -0.1608 0.0909  -0.0901 60  GLU A CG  
897  C CD  . GLU A 52 ? 0.6497 0.6909 0.4715 -0.1435 0.0537  -0.0655 60  GLU A CD  
898  O OE1 . GLU A 52 ? 0.7027 0.6977 0.5407 -0.1427 0.0125  -0.0518 60  GLU A OE1 
899  O OE2 . GLU A 52 ? 0.6853 0.7054 0.4798 -0.1308 0.0848  -0.0574 60  GLU A OE2 
906  N N   . LYS A 53 ? 0.2233 0.5986 0.2584 -0.1351 0.0302  -0.1457 61  LYS A N   
907  C CA  . LYS A 53 ? 0.2383 0.5975 0.2927 -0.1297 -0.0104 -0.1302 61  LYS A CA  
908  C C   . LYS A 53 ? 0.2037 0.5774 0.2407 -0.1000 0.0048  -0.1036 61  LYS A C   
909  O O   . LYS A 53 ? 0.2733 0.6017 0.2431 -0.1308 0.0476  -0.1065 61  LYS A O   
910  C CB  . LYS A 53 ? 0.2524 0.6325 0.4139 -0.1212 0.0119  -0.1189 61  LYS A CB  
911  C CG  . LYS A 53 ? 0.4294 0.6321 0.4485 -0.0812 -0.0453 -0.1328 61  LYS A CG  
912  C CD  . LYS A 53 ? 0.5887 0.6332 0.5181 -0.0590 -0.0566 -0.1379 61  LYS A CD  
913  C CE  . LYS A 53 ? 0.7103 0.6466 0.5743 -0.0466 -0.0781 -0.1352 61  LYS A CE  
914  N NZ  . LYS A 53 ? 0.7951 0.6636 0.6103 -0.0333 -0.0820 -0.1595 61  LYS A NZ  
928  N N   . GLY A 54 ? 0.2218 0.5261 0.2298 -0.0671 -0.0336 -0.0637 62  GLY A N   
929  C CA  . GLY A 54 ? 0.2758 0.4757 0.2300 -0.0476 -0.0307 -0.0432 62  GLY A CA  
930  C C   . GLY A 54 ? 0.2329 0.4148 0.2110 0.0233  -0.0782 -0.0339 62  GLY A C   
931  O O   . GLY A 54 ? 0.2117 0.4234 0.2848 0.0236  -0.0632 -0.0454 62  GLY A O   
935  N N   . GLU A 55 ? 0.2097 0.3804 0.2043 0.0544  -0.0337 -0.0149 63  GLU A N   
936  C CA  . GLU A 55 ? 0.2241 0.3438 0.2237 0.0682  -0.0200 -0.0215 63  GLU A CA  
937  C C   . GLU A 55 ? 0.1894 0.3280 0.2310 0.0532  -0.0046 -0.0219 63  GLU A C   
938  O O   . GLU A 55 ? 0.1844 0.3199 0.2579 0.0497  0.0174  -0.0098 63  GLU A O   
939  C CB  . GLU A 55 ? 0.2061 0.3520 0.2443 0.0501  -0.0151 -0.0286 63  GLU A CB  
940  C CG  . GLU A 55 ? 0.2006 0.3791 0.2792 0.0428  0.0254  -0.0341 63  GLU A CG  
941  C CD  . GLU A 55 ? 0.2359 0.4257 0.2763 0.0467  -0.0064 -0.0135 63  GLU A CD  
942  O OE1 . GLU A 55 ? 0.1963 0.4427 0.2697 0.0430  0.0365  -0.0112 63  GLU A OE1 
943  O OE2 . GLU A 55 ? 0.3440 0.4275 0.3606 0.0368  0.0168  -0.0355 63  GLU A OE2 
950  N N   . GLY A 56 ? 0.1960 0.3296 0.2331 0.0605  0.0047  -0.0332 64  GLY A N   
951  C CA  . GLY A 56 ? 0.1737 0.3344 0.1970 0.0405  -0.0024 -0.0470 64  GLY A CA  
952  C C   . GLY A 56 ? 0.1665 0.3337 0.1715 -0.0112 -0.0308 -0.0655 64  GLY A C   
953  O O   . GLY A 56 ? 0.1748 0.3384 0.1927 -0.0047 -0.0121 -0.0190 64  GLY A O   
957  N N   . CYS A 57 ? 0.1864 0.3351 0.2268 -0.0128 -0.0175 -0.0816 65  CYS A N   
958  C CA  A CYS A 57 ? 0.1700 0.3222 0.2355 -0.0175 -0.0341 -0.0854 65  CYS A CA  
959  C CA  B CYS A 57 ? 0.2032 0.3554 0.2335 -0.0212 -0.0209 -0.0692 65  CYS A CA  
960  C CA  C CYS A 57 ? 0.2040 0.3453 0.2217 -0.0007 -0.0288 -0.0850 65  CYS A CA  
961  C C   . CYS A 57 ? 0.1721 0.3590 0.2230 -0.0238 -0.0063 -0.0786 65  CYS A C   
962  O O   . CYS A 57 ? 0.1857 0.3769 0.2673 -0.0321 0.0284  -0.1002 65  CYS A O   
963  C CB  A CYS A 57 ? 0.1943 0.2858 0.2491 -0.0063 -0.0328 -0.0719 65  CYS A CB  
964  C CB  B CYS A 57 ? 0.2523 0.3753 0.2325 -0.0277 -0.0213 -0.0438 65  CYS A CB  
965  C CB  C CYS A 57 ? 0.2661 0.3456 0.2206 0.0277  -0.0503 -0.0820 65  CYS A CB  
966  S SG  A CYS A 57 ? 0.1938 0.2753 0.1738 -0.0076 -0.0416 -0.0552 65  CYS A SG  
967  S SG  B CYS A 57 ? 0.2717 0.3975 0.2265 -0.0351 -0.0273 -0.0191 65  CYS A SG  
968  S SG  C CYS A 57 ? 0.3345 0.3596 0.1791 0.0434  -0.0907 -0.0659 65  CYS A SG  
984  N N   . TYR A 58 ? 0.1631 0.3876 0.1867 -0.0071 -0.0359 -0.0678 66  TYR A N   
985  C CA  . TYR A 58 ? 0.1307 0.3971 0.2238 -0.0346 -0.0261 -0.0933 66  TYR A CA  
986  C C   . TYR A 58 ? 0.1775 0.3911 0.2033 -0.0456 -0.0134 -0.0810 66  TYR A C   
987  O O   . TYR A 58 ? 0.1796 0.3637 0.2868 -0.0420 0.0181  -0.0557 66  TYR A O   
988  C CB  . TYR A 58 ? 0.1752 0.4327 0.2506 -0.0180 -0.0579 -0.1050 66  TYR A CB  
989  C CG  . TYR A 58 ? 0.1632 0.4334 0.3028 0.0215  -0.0720 -0.1236 66  TYR A CG  
990  C CD1 . TYR A 58 ? 0.2525 0.4386 0.2871 0.0269  -0.1052 -0.1492 66  TYR A CD1 
991  C CD2 . TYR A 58 ? 0.2156 0.4388 0.3485 0.0470  -0.0980 -0.1363 66  TYR A CD2 
992  C CE1 . TYR A 58 ? 0.2720 0.4432 0.3367 0.0561  -0.1125 -0.1557 66  TYR A CE1 
993  C CE2 . TYR A 58 ? 0.2514 0.4267 0.3338 0.0696  -0.1412 -0.1245 66  TYR A CE2 
994  C CZ  . TYR A 58 ? 0.2544 0.4506 0.3758 0.0753  -0.1289 -0.1339 66  TYR A CZ  
995  O OH  . TYR A 58 ? 0.3437 0.4727 0.3932 0.0882  -0.1546 -0.1235 66  TYR A OH  
1005 N N   . ASN A 59 ? 0.1877 0.4018 0.2191 -0.0799 0.0148  -0.0742 67  ASN A N   
1006 C CA  . ASN A 59 ? 0.2898 0.4375 0.1966 -0.1076 -0.0125 -0.0660 67  ASN A CA  
1007 C C   . ASN A 59 ? 0.3145 0.4468 0.1997 -0.1626 0.0134  -0.0650 67  ASN A C   
1008 O O   . ASN A 59 ? 0.2918 0.4473 0.2090 -0.1688 -0.0030 -0.0840 67  ASN A O   
1009 C CB  . ASN A 59 ? 0.3305 0.4569 0.1802 -0.1011 -0.0356 -0.0753 67  ASN A CB  
1010 C CG  . ASN A 59 ? 0.3546 0.4762 0.1749 -0.0839 -0.0552 -0.0762 67  ASN A CG  
1011 O OD1 . ASN A 59 ? 0.3130 0.4819 0.2694 -0.0440 -0.0102 -0.0797 67  ASN A OD1 
1012 N ND2 . ASN A 59 ? 0.4038 0.4667 0.2191 -0.0849 -0.0637 -0.1039 67  ASN A ND2 
1019 N N   . LEU A 60 ? 0.3648 0.4526 0.1546 -0.1746 -0.0028 -0.0298 68  LEU A N   
1020 C CA  . LEU A 60 ? 0.4114 0.4502 0.1694 -0.2065 -0.0075 -0.0062 68  LEU A CA  
1021 C C   . LEU A 60 ? 0.5117 0.4739 0.1906 -0.2480 -0.0340 0.0151  68  LEU A C   
1022 O O   . LEU A 60 ? 0.5391 0.4855 0.2128 -0.2396 -0.0374 0.0241  68  LEU A O   
1023 C CB  . LEU A 60 ? 0.4409 0.4136 0.1701 -0.1934 -0.0025 -0.0129 68  LEU A CB  
1024 C CG  . LEU A 60 ? 0.4741 0.3949 0.1943 -0.1858 0.0091  -0.0142 68  LEU A CG  
1025 C CD1 . LEU A 60 ? 0.4995 0.3671 0.1880 -0.1908 -0.0382 -0.0226 68  LEU A CD1 
1026 C CD2 . LEU A 60 ? 0.5521 0.4113 0.2088 -0.1634 0.0153  0.0107  68  LEU A CD2 
1038 N N   . VAL A 61 ? 0.5566 0.5005 0.2054 -0.2706 -0.0304 0.0359  69  VAL A N   
1039 C CA  . VAL A 61 ? 0.6224 0.5486 0.2387 -0.3075 -0.0215 0.0498  69  VAL A CA  
1040 C C   . VAL A 61 ? 0.7478 0.5483 0.2990 -0.3081 -0.0506 0.0810  69  VAL A C   
1041 O O   . VAL A 61 ? 0.7732 0.5184 0.3431 -0.3343 -0.0662 0.0672  69  VAL A O   
1042 C CB  . VAL A 61 ? 0.5668 0.5701 0.2454 -0.3218 0.0036  0.0290  69  VAL A CB  
1043 C CG1 . VAL A 61 ? 0.5753 0.5705 0.2962 -0.3262 0.0307  0.0243  69  VAL A CG1 
1044 C CG2 . VAL A 61 ? 0.5139 0.5740 0.2621 -0.3097 0.0320  0.0097  69  VAL A CG2 
1054 N N   . ARG A 62 ? 0.8530 0.5556 0.3940 -0.2637 -0.0721 0.0869  70  ARG A N   
1055 C CA  . ARG A 62 ? 0.9271 0.5669 0.4976 -0.2332 -0.0914 0.0875  70  ARG A CA  
1056 C C   . ARG A 62 ? 0.9621 0.5708 0.5289 -0.2151 -0.0717 0.0844  70  ARG A C   
1057 O O   . ARG A 62 ? 0.9718 0.5814 0.5612 -0.2050 -0.0586 0.0920  70  ARG A O   
1058 C CB  . ARG A 62 ? 0.9398 0.5723 0.5318 -0.2293 -0.1109 0.0842  70  ARG A CB  
1059 C CG  . ARG A 62 ? 0.9382 0.5780 0.5839 -0.2246 -0.1218 0.0840  70  ARG A CG  
1064 C C1  . EDO B .  ? 0.1077 0.2591 0.3066 0.0591  0.0188  0.0513  101 EDO A C1  
1065 O O1  . EDO B .  ? 0.1238 0.2902 0.3351 0.0418  0.0211  0.0284  101 EDO A O1  
1066 C C2  . EDO B .  ? 0.1022 0.2408 0.3155 0.0518  -0.0085 0.0387  101 EDO A C2  
1067 O O2  . EDO B .  ? 0.0871 0.2353 0.3221 0.0275  -0.0035 0.0222  101 EDO A O2  
1074 O O   . HOH C .  ? 0.6990 1.0574 0.9827 0.2758  -0.3951 -0.4293 201 HOH A O   
1075 O O   . HOH C .  ? 0.2689 0.4911 0.7609 0.0743  0.0074  0.2615  202 HOH A O   
1076 O O   . HOH C .  ? 0.9628 0.7862 0.5094 -0.4689 0.0395  -0.1508 203 HOH A O   
1077 O O   . HOH C .  ? 0.2715 0.6202 0.6707 0.0969  -0.0523 0.0050  204 HOH A O   
1078 O O   . HOH C .  ? 0.7544 0.7466 0.3386 0.0990  -0.0245 -0.0816 205 HOH A O   
1079 O O   . HOH C .  ? 0.4723 1.0828 0.4117 0.1012  0.0116  0.0252  206 HOH A O   
1080 O O   . HOH C .  ? 0.5654 1.1342 0.4026 0.2681  0.0672  0.2438  207 HOH A O   
1081 O O   . HOH C .  ? 0.5521 0.5249 0.2376 -0.2527 -0.0267 0.0352  208 HOH A O   
1082 O O   . HOH C .  ? 0.3313 0.2432 0.5071 0.0871  -0.2232 -0.1339 209 HOH A O   
1083 O O   . HOH C .  ? 0.3103 0.2613 0.2717 0.0083  -0.0629 -0.0720 210 HOH A O   
1085 O O   . HOH C .  ? 0.2724 0.8596 0.3364 -0.1646 -0.0297 0.0577  212 HOH A O   
1086 O O   . HOH C .  ? 0.2090 0.3994 0.4718 0.0077  0.0624  -0.0556 213 HOH A O   
1087 O O   . HOH C .  ? 0.6581 1.4070 0.4407 -0.4792 0.0772  -0.1515 214 HOH A O   
1088 O O   . HOH C .  ? 0.7266 0.3634 0.6704 0.1740  -0.4044 -0.1624 215 HOH A O   
1089 O O   . HOH C .  ? 0.4416 0.5898 0.8812 0.0113  -0.3095 -0.1101 216 HOH A O   
1090 O O   . HOH C .  ? 0.7076 0.3449 0.4309 -0.2215 -0.0276 0.1074  217 HOH A O   
1091 O O   . HOH C .  ? 0.8958 0.4252 0.8259 0.1662  -0.5016 -0.1652 218 HOH A O   
1092 O O   . HOH C .  ? 0.7678 0.7578 1.0090 0.4362  0.0207  -0.1390 219 HOH A O   
1093 O O   . HOH C .  ? 0.8549 1.0151 0.3891 -0.2923 -0.1902 0.1110  220 HOH A O   
1094 O O   . HOH C .  ? 0.3573 1.1531 0.4813 0.1320  0.0793  -0.0591 221 HOH A O   
1095 O O   . HOH C .  ? 0.4237 0.2961 0.3586 0.0034  0.0210  -0.0554 222 HOH A O   
1096 O O   . HOH C .  ? 1.1574 0.4601 0.6505 -0.0222 -0.1471 -0.2242 223 HOH A O   
1097 O O   . HOH C .  ? 0.6320 0.9049 0.6075 -0.2485 0.1641  0.2002  224 HOH A O   
1098 O O   . HOH C .  ? 0.5447 0.2927 1.0604 0.0437  0.0583  0.1152  225 HOH A O   
1099 O O   . HOH C .  ? 0.6070 0.3038 0.4703 0.0255  0.1128  0.0231  226 HOH A O   
1100 O O   . HOH C .  ? 0.4112 0.6478 0.7817 0.2813  0.0689  0.0468  227 HOH A O   
1101 O O   . HOH C .  ? 1.1164 0.5575 0.6809 -0.2256 -0.4250 0.2194  228 HOH A O   
1102 O O   . HOH C .  ? 0.3309 0.3227 0.4654 0.0588  -0.1598 -0.1174 229 HOH A O   
1103 O O   . HOH C .  ? 0.8799 0.6576 0.3989 -0.3232 -0.0544 0.0015  230 HOH A O   
1104 O O   . HOH C .  ? 0.2262 0.3422 0.6298 0.0060  -0.0582 0.0595  231 HOH A O   
1105 O O   . HOH C .  ? 0.1896 0.3703 0.2147 0.0640  0.0699  -0.0375 232 HOH A O   
1106 O O   . HOH C .  ? 0.4111 0.9248 0.8991 0.0209  -0.1787 -0.0398 233 HOH A O   
1107 O O   . HOH C .  ? 0.4340 1.3044 0.4218 -0.1615 -0.0142 -0.2011 234 HOH A O   
1108 O O   . HOH C .  ? 0.3373 0.4452 0.4868 -0.0008 -0.1894 -0.0446 235 HOH A O   
1109 O O   . HOH C .  ? 0.2910 0.4379 0.2776 0.0608  -0.0542 -0.1029 236 HOH A O   
1110 O O   . HOH C .  ? 0.4726 1.0262 0.4903 0.3441  -0.0795 -0.1498 237 HOH A O   
1111 O O   . HOH C .  ? 0.6372 1.1161 0.4679 0.0962  0.1644  0.2814  238 HOH A O   
1112 O O   . HOH C .  ? 0.7943 0.5182 0.8005 0.2151  0.0258  -0.0829 239 HOH A O   
1113 O O   . HOH C .  ? 0.7307 1.0547 0.7460 -0.2747 -0.1532 -0.0890 240 HOH A O   
1114 O O   . HOH C .  ? 1.2581 0.6070 0.3572 -0.0979 -0.1702 0.0062  241 HOH A O   
1115 O O   . HOH C .  ? 0.6918 0.6060 0.7447 -0.0701 0.1410  -0.2546 242 HOH A O   
1116 O O   . HOH C .  ? 0.5448 0.4212 0.5665 0.1329  0.1257  -0.0020 243 HOH A O   
1117 O O   . HOH C .  ? 0.4953 0.5792 0.9283 -0.1140 -0.0400 -0.0556 244 HOH A O   
1118 O O   . HOH C .  ? 0.2942 0.8114 0.6767 0.1402  -0.1136 -0.1857 245 HOH A O   
1119 O O   . HOH C .  ? 0.9167 0.6010 1.1915 -0.0002 -0.2640 0.3605  246 HOH A O   
1121 O O   . HOH C .  ? 0.8721 1.0155 0.7098 -0.1590 -0.0797 0.3063  248 HOH A O   
1122 O O   . HOH C .  ? 0.4722 1.0858 0.7633 0.0314  -0.0494 0.2693  249 HOH A O   
1123 O O   . HOH C .  ? 0.5149 1.0347 1.0296 0.3337  0.1928  0.0031  250 HOH A O   
1124 O O   . HOH C .  ? 1.0099 0.7402 0.6028 0.0088  -0.2990 -0.0665 251 HOH A O   
1125 O O   . HOH C .  ? 0.9416 0.5638 0.3754 -0.3235 0.0008  0.0682  252 HOH A O   
1126 O O   . HOH C .  ? 0.2744 0.4576 0.4752 0.0278  0.0066  0.1255  253 HOH A O   
1127 O O   . HOH C .  ? 0.5050 0.6200 1.0399 -0.1563 -0.0823 0.0328  254 HOH A O   
1128 O O   . HOH C .  ? 0.8481 0.8060 0.6613 0.2636  0.0145  -0.3039 255 HOH A O   
1129 O O   . HOH C .  ? 1.2940 0.5978 0.9633 -0.1913 -0.2836 0.1936  256 HOH A O   
1130 O O   . HOH C .  ? 0.6397 0.6989 0.9857 -0.1418 -0.3203 0.1214  257 HOH A O   
1131 O O   . HOH C .  ? 0.4043 0.8278 0.9957 0.1409  -0.0902 -0.1233 258 HOH A O   
1132 O O   . HOH C .  ? 0.6488 0.5663 0.8655 -0.0113 0.1466  0.1332  259 HOH A O   
1133 O O   . HOH C .  ? 0.7274 0.5730 1.0569 0.0777  0.2726  0.2185  260 HOH A O   
1134 O O   . HOH C .  ? 0.3855 0.6596 0.9149 0.0298  -0.1614 -0.3543 261 HOH A O   
1135 O O   . HOH C .  ? 1.0345 0.7267 0.4981 -0.3603 -0.0529 0.1266  262 HOH A O   
1136 O O   . HOH C .  ? 0.3798 0.9954 1.2017 -0.1996 0.1096  -0.0542 263 HOH A O   
1137 O O   . HOH C .  ? 0.4400 1.0998 0.5354 -0.1353 0.1034  -0.3755 264 HOH A O   
1138 O O   . HOH C .  ? 0.3786 0.4713 0.3097 -0.0828 0.0239  -0.0131 265 HOH A O   
1139 O O   . HOH C .  ? 0.4556 0.5073 0.6691 0.1535  -0.1954 -0.0212 266 HOH A O   
1140 O O   . HOH C .  ? 0.3485 0.5195 0.6303 0.0687  -0.0287 -0.0595 267 HOH A O   
1141 O O   . HOH C .  ? 0.6577 0.5253 1.1410 -0.0764 -0.2357 0.1567  268 HOH A O   
1142 O O   . HOH C .  ? 0.8292 0.7563 0.7132 -0.1925 -0.4374 0.1476  269 HOH A O   
1143 O O   . HOH C .  ? 1.2350 0.9237 0.5958 0.3424  -0.3084 0.0869  270 HOH A O   
1144 O O   . HOH C .  ? 0.7914 0.3510 0.3533 -0.0389 -0.1518 0.0244  271 HOH A O   
1145 O O   . HOH C .  ? 0.4448 0.7985 0.7706 -0.1124 0.2389  0.1961  272 HOH A O   
1146 O O   . HOH C .  ? 0.5277 1.3323 0.6547 0.0532  0.2111  0.2497  273 HOH A O   
1147 O O   . HOH C .  ? 0.8965 0.5542 1.3283 -0.2630 0.3094  -0.0697 274 HOH A O   
1148 O O   . HOH C .  ? 0.7232 0.4440 1.0453 0.2197  0.2046  0.0246  275 HOH A O   
# 
